data_6L8T
#
_entry.id   6L8T
#
_cell.length_a   77.942
_cell.length_b   75.943
_cell.length_c   137.550
_cell.angle_alpha   90.000
_cell.angle_beta   103.240
_cell.angle_gamma   90.000
#
_symmetry.space_group_name_H-M   'P 1 21 1'
#
loop_
_entity.id
_entity.type
_entity.pdbx_description
1 polymer 'Antibody light chain'
2 polymer 'Antibody heavy chain'
3 water water
#
loop_
_entity_poly.entity_id
_entity_poly.type
_entity_poly.pdbx_seq_one_letter_code
_entity_poly.pdbx_strand_id
1 'polypeptide(L)'
;DVVMTQSPLSLPVTLGEPASISCRSSQSLVHSYGDTYLHWYLQKPGQSPKLLIYKVSNRFSGVPDRFSGSGSGTDFTLKI
SRVETEDLGVYYCSQNTHVPYTFGGGTKLEIKRTVAAPSVFIFPPSDEQLKSGTASVVCLLNNFYPREAKVQWKVDNALQ
SGNSQESVTEQDSKDSTYSLSSTLTLSKADYEKHKVYACEVTHQGLSSPVTKSFNRGEC
;
L,B,D
2 'polypeptide(L)'
;EVQLQESGPGLVKPSQTLSLTCAVSGSSITYGYHWNWIRQFPGNKLEWIGYISYDGSVLYNPSLENRVTITRDTSKNQFF
LKLSSVTAEDTAKYYCASGFDHWGQGTTLTVSSASTKGPSVFPLAPSSKSTSGGTAALGCLVKDYFPEPVTVSWNSGALT
SGVHTFPAVLQSSGLYSLSSVVTVPSSSLGTQTYICNVNHKPSNTKVDKKVEPKSCDKTH
;
H,A,C
#
# COMPACT_ATOMS: atom_id res chain seq x y z
N ASP A 1 -3.96 -46.19 -17.72
CA ASP A 1 -4.83 -45.02 -17.41
C ASP A 1 -5.57 -44.54 -18.65
N VAL A 2 -6.79 -44.06 -18.46
CA VAL A 2 -7.55 -43.46 -19.54
C VAL A 2 -6.93 -42.12 -19.92
N VAL A 3 -6.57 -42.00 -21.19
CA VAL A 3 -5.96 -40.77 -21.71
C VAL A 3 -7.05 -39.83 -22.20
N MET A 4 -7.03 -38.61 -21.67
CA MET A 4 -7.93 -37.55 -22.09
C MET A 4 -7.16 -36.55 -22.94
N THR A 5 -7.62 -36.37 -24.18
CA THR A 5 -6.94 -35.49 -25.13
C THR A 5 -7.84 -34.34 -25.53
N GLN A 6 -7.39 -33.12 -25.23
CA GLN A 6 -8.14 -31.93 -25.59
C GLN A 6 -7.51 -31.25 -26.80
N SER A 7 -8.35 -30.69 -27.65
CA SER A 7 -7.89 -29.87 -28.77
C SER A 7 -8.90 -28.76 -29.07
N PRO A 8 -8.42 -27.63 -29.60
CA PRO A 8 -7.01 -27.32 -29.86
C PRO A 8 -6.25 -27.06 -28.55
N LEU A 9 -4.94 -26.91 -28.61
CA LEU A 9 -4.17 -26.57 -27.42
C LEU A 9 -4.54 -25.16 -26.99
N SER A 10 -4.82 -24.31 -27.96
CA SER A 10 -5.30 -22.95 -27.69
C SER A 10 -6.20 -22.49 -28.83
N LEU A 11 -7.27 -21.80 -28.47
CA LEU A 11 -8.29 -21.38 -29.42
C LEU A 11 -8.42 -19.85 -29.44
N PRO A 12 -8.04 -19.20 -30.56
CA PRO A 12 -8.27 -17.76 -30.66
C PRO A 12 -9.75 -17.45 -30.79
N VAL A 13 -10.29 -16.60 -29.93
CA VAL A 13 -11.71 -16.28 -29.96
C VAL A 13 -11.95 -14.78 -30.08
N THR A 14 -13.17 -14.43 -30.46
CA THR A 14 -13.59 -13.04 -30.56
C THR A 14 -14.83 -12.83 -29.71
N LEU A 15 -14.86 -11.74 -28.96
CA LEU A 15 -15.99 -11.44 -28.11
C LEU A 15 -17.28 -11.38 -28.93
N GLY A 16 -18.31 -12.05 -28.44
CA GLY A 16 -19.61 -12.04 -29.08
C GLY A 16 -19.76 -13.09 -30.15
N GLU A 17 -18.72 -13.90 -30.37
CA GLU A 17 -18.76 -14.96 -31.37
C GLU A 17 -18.67 -16.33 -30.71
N PRO A 18 -19.17 -17.38 -31.39
CA PRO A 18 -19.17 -18.72 -30.82
C PRO A 18 -17.77 -19.30 -30.62
N ALA A 19 -17.68 -20.30 -29.76
CA ALA A 19 -16.45 -21.07 -29.57
C ALA A 19 -16.79 -22.54 -29.38
N SER A 20 -15.88 -23.42 -29.76
CA SER A 20 -16.09 -24.85 -29.63
C SER A 20 -14.76 -25.56 -29.39
N ILE A 21 -14.72 -26.40 -28.35
CA ILE A 21 -13.52 -27.17 -28.02
C ILE A 21 -13.90 -28.62 -27.79
N SER A 22 -12.94 -29.51 -28.01
CA SER A 22 -13.21 -30.95 -27.98
C SER A 22 -12.37 -31.67 -26.93
N CYS A 23 -12.92 -32.80 -26.47
CA CYS A 23 -12.26 -33.66 -25.49
C CYS A 23 -12.51 -35.11 -25.89
N ARG A 24 -11.43 -35.87 -26.04
CA ARG A 24 -11.53 -37.27 -26.46
C ARG A 24 -10.83 -38.20 -25.48
N SER A 25 -11.48 -39.32 -25.18
CA SER A 25 -10.94 -40.33 -24.28
C SER A 25 -10.48 -41.56 -25.04
N SER A 26 -9.44 -42.21 -24.50
CA SER A 26 -8.84 -43.37 -25.14
C SER A 26 -9.77 -44.58 -25.14
N GLN A 27 -10.80 -44.52 -24.31
CA GLN A 27 -11.85 -45.53 -24.29
C GLN A 27 -13.15 -44.93 -23.80
N SER A 28 -14.25 -45.65 -23.98
CA SER A 28 -15.57 -45.14 -23.62
C SER A 28 -15.67 -44.80 -22.13
N LEU A 29 -16.35 -43.71 -21.83
CA LEU A 29 -16.51 -43.25 -20.45
C LEU A 29 -17.85 -43.64 -19.87
N VAL A 30 -18.56 -44.53 -20.55
CA VAL A 30 -19.83 -45.03 -20.04
C VAL A 30 -19.55 -45.96 -18.86
N HIS A 31 -20.16 -45.67 -17.72
CA HIS A 31 -19.97 -46.45 -16.50
C HIS A 31 -20.91 -47.63 -16.52
N SER A 32 -20.56 -48.67 -15.77
CA SER A 32 -21.32 -49.91 -15.81
C SER A 32 -22.77 -49.73 -15.38
N TYR A 33 -23.06 -48.63 -14.67
CA TYR A 33 -24.43 -48.36 -14.24
C TYR A 33 -25.08 -47.22 -15.04
N GLY A 34 -24.51 -46.94 -16.22
CA GLY A 34 -25.19 -46.13 -17.22
C GLY A 34 -24.72 -44.70 -17.39
N ASP A 35 -24.26 -44.08 -16.30
CA ASP A 35 -23.87 -42.67 -16.36
C ASP A 35 -22.51 -42.50 -17.02
N THR A 36 -22.29 -41.33 -17.61
CA THR A 36 -21.00 -40.96 -18.17
C THR A 36 -20.41 -39.82 -17.33
N TYR A 37 -19.37 -40.14 -16.58
CA TYR A 37 -18.78 -39.18 -15.66
C TYR A 37 -17.70 -38.37 -16.36
N LEU A 38 -18.15 -37.55 -17.31
CA LEU A 38 -17.29 -36.63 -18.04
C LEU A 38 -17.69 -35.20 -17.67
N HIS A 39 -16.72 -34.40 -17.21
CA HIS A 39 -17.00 -33.04 -16.74
C HIS A 39 -16.09 -32.00 -17.38
N TRP A 40 -16.53 -30.75 -17.36
CA TRP A 40 -15.77 -29.61 -17.90
C TRP A 40 -15.54 -28.56 -16.82
N TYR A 41 -14.32 -28.00 -16.78
CA TYR A 41 -13.98 -26.94 -15.84
C TYR A 41 -13.34 -25.75 -16.55
N LEU A 42 -13.41 -24.59 -15.89
CA LEU A 42 -12.67 -23.39 -16.32
C LEU A 42 -11.75 -22.95 -15.20
N GLN A 43 -10.47 -22.72 -15.55
CA GLN A 43 -9.49 -22.20 -14.60
C GLN A 43 -8.89 -20.89 -15.10
N LYS A 44 -8.89 -19.90 -14.22
CA LYS A 44 -8.22 -18.63 -14.49
C LYS A 44 -6.90 -18.59 -13.73
N PRO A 45 -5.93 -17.79 -14.23
CA PRO A 45 -4.59 -17.78 -13.63
C PRO A 45 -4.60 -17.60 -12.12
N GLY A 46 -3.88 -18.48 -11.42
CA GLY A 46 -3.74 -18.38 -9.98
C GLY A 46 -4.96 -18.85 -9.21
N GLN A 47 -6.00 -19.22 -9.94
CA GLN A 47 -7.27 -19.60 -9.34
C GLN A 47 -7.47 -21.10 -9.46
N SER A 48 -8.37 -21.65 -8.65
CA SER A 48 -8.67 -23.06 -8.76
C SER A 48 -9.66 -23.32 -9.90
N PRO A 49 -9.67 -24.55 -10.43
CA PRO A 49 -10.68 -24.89 -11.44
C PRO A 49 -12.10 -24.75 -10.91
N LYS A 50 -13.02 -24.33 -11.78
CA LYS A 50 -14.44 -24.22 -11.44
C LYS A 50 -15.25 -25.11 -12.36
N LEU A 51 -16.13 -25.91 -11.78
CA LEU A 51 -16.98 -26.82 -12.55
C LEU A 51 -17.98 -26.06 -13.39
N LEU A 52 -18.00 -26.35 -14.69
CA LEU A 52 -18.97 -25.76 -15.62
C LEU A 52 -20.08 -26.74 -15.97
N ILE A 53 -19.68 -27.89 -16.49
CA ILE A 53 -20.60 -28.91 -16.97
C ILE A 53 -20.27 -30.26 -16.34
N TYR A 54 -21.27 -30.92 -15.74
CA TYR A 54 -21.06 -32.24 -15.18
C TYR A 54 -21.89 -33.29 -15.92
N LYS A 55 -21.31 -34.48 -16.03
CA LYS A 55 -21.92 -35.61 -16.74
C LYS A 55 -22.37 -35.20 -18.13
N VAL A 56 -21.39 -34.73 -18.91
CA VAL A 56 -21.52 -34.46 -20.34
C VAL A 56 -22.27 -33.18 -20.68
N SER A 57 -23.49 -33.01 -20.15
CA SER A 57 -24.35 -31.94 -20.63
C SER A 57 -25.09 -31.13 -19.56
N ASN A 58 -24.83 -31.42 -18.28
CA ASN A 58 -25.56 -30.73 -17.22
C ASN A 58 -24.82 -29.49 -16.72
N ARG A 59 -25.47 -28.34 -16.85
CA ARG A 59 -24.89 -27.09 -16.37
C ARG A 59 -24.89 -27.05 -14.85
N PHE A 60 -23.72 -26.80 -14.28
CA PHE A 60 -23.61 -26.71 -12.83
C PHE A 60 -24.33 -25.45 -12.38
N SER A 61 -24.78 -25.44 -11.13
CA SER A 61 -25.50 -24.29 -10.59
C SER A 61 -24.65 -23.02 -10.68
N GLY A 62 -25.19 -22.00 -11.34
CA GLY A 62 -24.54 -20.71 -11.45
C GLY A 62 -23.91 -20.46 -12.82
N VAL A 63 -23.80 -21.51 -13.63
CA VAL A 63 -23.13 -21.39 -14.92
C VAL A 63 -24.05 -20.76 -15.98
N PRO A 64 -23.56 -19.74 -16.69
CA PRO A 64 -24.35 -19.06 -17.72
C PRO A 64 -24.97 -20.00 -18.77
N ASP A 65 -26.10 -19.56 -19.31
CA ASP A 65 -26.83 -20.32 -20.30
C ASP A 65 -26.03 -20.58 -21.57
N ARG A 66 -25.09 -19.69 -21.87
CA ARG A 66 -24.33 -19.76 -23.12
C ARG A 66 -23.37 -20.95 -23.16
N PHE A 67 -23.16 -21.60 -22.02
CA PHE A 67 -22.35 -22.82 -21.96
C PHE A 67 -23.22 -24.05 -22.18
N SER A 68 -22.69 -25.03 -22.90
CA SER A 68 -23.40 -26.28 -23.12
C SER A 68 -22.46 -27.37 -23.60
N GLY A 69 -22.65 -28.57 -23.07
CA GLY A 69 -21.83 -29.71 -23.41
C GLY A 69 -22.63 -30.78 -24.12
N SER A 70 -21.94 -31.60 -24.91
CA SER A 70 -22.58 -32.70 -25.60
C SER A 70 -21.55 -33.76 -25.98
N GLY A 71 -22.02 -34.82 -26.62
CA GLY A 71 -21.15 -35.92 -27.04
C GLY A 71 -21.49 -37.19 -26.32
N SER A 72 -20.71 -38.24 -26.57
CA SER A 72 -20.97 -39.55 -26.02
C SER A 72 -19.80 -40.49 -26.25
N GLY A 73 -19.71 -41.52 -25.40
CA GLY A 73 -18.68 -42.53 -25.54
C GLY A 73 -17.28 -42.00 -25.35
N THR A 74 -16.65 -41.59 -26.46
CA THR A 74 -15.25 -41.15 -26.44
C THR A 74 -15.04 -39.74 -27.00
N ASP A 75 -16.10 -39.11 -27.51
CA ASP A 75 -16.00 -37.79 -28.11
C ASP A 75 -16.95 -36.81 -27.44
N PHE A 76 -16.39 -35.70 -26.93
CA PHE A 76 -17.16 -34.73 -26.19
C PHE A 76 -16.80 -33.31 -26.62
N THR A 77 -17.76 -32.41 -26.49
CA THR A 77 -17.59 -31.05 -26.98
C THR A 77 -18.23 -30.05 -26.03
N LEU A 78 -17.49 -28.99 -25.72
CA LEU A 78 -18.03 -27.85 -24.99
C LEU A 78 -18.20 -26.69 -25.96
N LYS A 79 -19.37 -26.06 -25.92
CA LYS A 79 -19.65 -24.92 -26.79
C LYS A 79 -20.01 -23.68 -25.98
N ILE A 80 -19.52 -22.54 -26.45
CA ILE A 80 -19.94 -21.23 -25.95
C ILE A 80 -20.64 -20.52 -27.09
N SER A 81 -21.88 -20.12 -26.88
CA SER A 81 -22.69 -19.52 -27.95
C SER A 81 -22.15 -18.15 -28.33
N ARG A 82 -21.76 -17.38 -27.31
CA ARG A 82 -21.19 -16.05 -27.50
C ARG A 82 -20.15 -15.77 -26.41
N VAL A 83 -18.88 -15.81 -26.79
CA VAL A 83 -17.79 -15.66 -25.82
C VAL A 83 -17.79 -14.29 -25.16
N GLU A 84 -17.69 -14.27 -23.84
CA GLU A 84 -17.55 -13.05 -23.06
C GLU A 84 -16.15 -13.00 -22.48
N THR A 85 -15.72 -11.81 -22.04
CA THR A 85 -14.39 -11.63 -21.46
C THR A 85 -14.15 -12.57 -20.28
N GLU A 86 -15.19 -12.80 -19.49
CA GLU A 86 -15.10 -13.64 -18.31
C GLU A 86 -14.85 -15.11 -18.63
N ASP A 87 -14.97 -15.48 -19.90
CA ASP A 87 -14.84 -16.86 -20.31
C ASP A 87 -13.41 -17.21 -20.69
N LEU A 88 -12.54 -16.20 -20.74
CA LEU A 88 -11.14 -16.43 -21.07
C LEU A 88 -10.44 -17.17 -19.95
N GLY A 89 -9.62 -18.15 -20.33
CA GLY A 89 -8.89 -18.97 -19.37
C GLY A 89 -8.60 -20.33 -19.97
N VAL A 90 -8.30 -21.31 -19.13
CA VAL A 90 -8.00 -22.66 -19.59
C VAL A 90 -9.14 -23.60 -19.23
N TYR A 91 -9.66 -24.30 -20.24
CA TYR A 91 -10.73 -25.27 -20.04
C TYR A 91 -10.17 -26.67 -19.92
N TYR A 92 -10.62 -27.39 -18.91
CA TYR A 92 -10.22 -28.77 -18.69
C TYR A 92 -11.42 -29.69 -18.76
N CYS A 93 -11.18 -30.92 -19.19
CA CYS A 93 -12.15 -31.98 -19.03
C CYS A 93 -11.56 -33.03 -18.10
N SER A 94 -12.42 -33.80 -17.44
CA SER A 94 -11.95 -34.89 -16.60
C SER A 94 -12.92 -36.05 -16.69
N GLN A 95 -12.43 -37.22 -16.29
CA GLN A 95 -13.27 -38.39 -16.20
C GLN A 95 -13.03 -39.12 -14.88
N ASN A 96 -14.11 -39.58 -14.25
CA ASN A 96 -13.99 -40.46 -13.08
C ASN A 96 -14.88 -41.69 -13.24
N THR A 97 -15.02 -42.15 -14.48
CA THR A 97 -15.66 -43.44 -14.76
C THR A 97 -14.69 -44.57 -14.43
N HIS A 98 -13.42 -44.37 -14.79
CA HIS A 98 -12.37 -45.37 -14.62
C HIS A 98 -11.29 -44.89 -13.65
N VAL A 99 -10.80 -45.82 -12.84
CA VAL A 99 -9.72 -45.52 -11.90
C VAL A 99 -8.37 -45.81 -12.58
N PRO A 100 -7.41 -44.87 -12.50
CA PRO A 100 -7.47 -43.57 -11.83
C PRO A 100 -8.23 -42.52 -12.62
N TYR A 101 -8.87 -41.61 -11.90
CA TYR A 101 -9.54 -40.47 -12.52
C TYR A 101 -8.49 -39.62 -13.21
N THR A 102 -8.79 -39.11 -14.39
CA THR A 102 -7.80 -38.40 -15.21
C THR A 102 -8.33 -37.12 -15.83
N PHE A 103 -7.40 -36.21 -16.12
CA PHE A 103 -7.71 -34.90 -16.68
C PHE A 103 -7.13 -34.76 -18.08
N GLY A 104 -7.79 -33.97 -18.92
CA GLY A 104 -7.23 -33.58 -20.20
C GLY A 104 -6.15 -32.55 -19.97
N GLY A 105 -5.38 -32.25 -21.01
CA GLY A 105 -4.25 -31.34 -20.90
C GLY A 105 -4.61 -29.86 -20.89
N GLY A 106 -5.88 -29.55 -21.15
CA GLY A 106 -6.35 -28.18 -21.13
C GLY A 106 -6.38 -27.52 -22.50
N THR A 107 -7.34 -26.61 -22.68
CA THR A 107 -7.45 -25.79 -23.89
C THR A 107 -7.60 -24.34 -23.47
N LYS A 108 -6.66 -23.49 -23.90
CA LYS A 108 -6.72 -22.09 -23.55
C LYS A 108 -7.54 -21.32 -24.58
N LEU A 109 -8.44 -20.49 -24.08
CA LEU A 109 -9.12 -19.49 -24.91
C LEU A 109 -8.39 -18.16 -24.80
N GLU A 110 -7.90 -17.66 -25.93
CA GLU A 110 -7.18 -16.38 -25.97
C GLU A 110 -7.88 -15.41 -26.93
N ILE A 111 -7.71 -14.12 -26.68
CA ILE A 111 -8.31 -13.11 -27.55
C ILE A 111 -7.60 -13.05 -28.90
N LYS A 112 -8.39 -13.11 -29.96
CA LYS A 112 -7.86 -12.98 -31.31
C LYS A 112 -7.58 -11.52 -31.60
N ARG A 113 -6.45 -11.25 -32.26
CA ARG A 113 -6.14 -9.89 -32.70
C ARG A 113 -5.33 -9.97 -33.99
N THR A 114 -5.00 -8.80 -34.55
CA THR A 114 -4.22 -8.74 -35.77
C THR A 114 -2.79 -9.20 -35.52
N VAL A 115 -2.14 -9.68 -36.57
CA VAL A 115 -0.75 -10.11 -36.46
C VAL A 115 0.13 -8.94 -36.03
N ALA A 116 1.04 -9.23 -35.11
CA ALA A 116 1.99 -8.23 -34.65
C ALA A 116 3.36 -8.86 -34.53
N ALA A 117 4.30 -8.36 -35.33
CA ALA A 117 5.66 -8.86 -35.29
C ALA A 117 6.33 -8.44 -33.98
N PRO A 118 7.17 -9.32 -33.41
CA PRO A 118 7.87 -8.91 -32.19
C PRO A 118 8.96 -7.88 -32.49
N SER A 119 9.19 -7.00 -31.52
CA SER A 119 10.42 -6.24 -31.47
C SER A 119 11.45 -7.15 -30.82
N VAL A 120 12.67 -7.21 -31.37
CA VAL A 120 13.67 -8.14 -30.86
C VAL A 120 14.89 -7.41 -30.31
N PHE A 121 15.34 -7.84 -29.13
CA PHE A 121 16.48 -7.26 -28.45
C PHE A 121 17.38 -8.36 -27.90
N ILE A 122 18.70 -8.20 -28.04
CA ILE A 122 19.64 -9.11 -27.41
C ILE A 122 20.47 -8.36 -26.36
N PHE A 123 20.73 -9.03 -25.25
CA PHE A 123 21.48 -8.47 -24.14
C PHE A 123 22.67 -9.33 -23.79
N PRO A 124 23.88 -8.77 -23.85
CA PRO A 124 25.03 -9.56 -23.44
C PRO A 124 25.06 -9.73 -21.92
N PRO A 125 25.85 -10.68 -21.42
CA PRO A 125 26.01 -10.79 -19.98
C PRO A 125 26.73 -9.56 -19.43
N SER A 126 26.33 -9.13 -18.23
CA SER A 126 27.00 -8.04 -17.54
C SER A 126 28.39 -8.43 -17.09
N ASP A 127 29.29 -7.46 -16.99
CA ASP A 127 30.62 -7.74 -16.46
C ASP A 127 30.53 -8.24 -15.03
N GLU A 128 29.53 -7.77 -14.28
CA GLU A 128 29.35 -8.19 -12.90
C GLU A 128 29.14 -9.70 -12.84
N GLN A 129 28.23 -10.19 -13.68
CA GLN A 129 27.94 -11.62 -13.71
C GLN A 129 29.16 -12.42 -14.16
N LEU A 130 29.85 -11.91 -15.16
CA LEU A 130 31.03 -12.60 -15.68
C LEU A 130 32.09 -12.79 -14.59
N LYS A 131 32.30 -11.79 -13.75
CA LYS A 131 33.29 -11.92 -12.68
C LYS A 131 32.95 -13.09 -11.76
N SER A 132 31.67 -13.43 -11.67
CA SER A 132 31.19 -14.49 -10.79
C SER A 132 31.28 -15.88 -11.43
N GLY A 133 31.58 -15.94 -12.72
CA GLY A 133 31.91 -17.19 -13.39
C GLY A 133 30.86 -17.74 -14.32
N THR A 134 29.79 -16.98 -14.55
CA THR A 134 28.71 -17.43 -15.42
C THR A 134 28.33 -16.33 -16.40
N ALA A 135 27.79 -16.75 -17.55
CA ALA A 135 27.33 -15.82 -18.58
C ALA A 135 25.92 -16.16 -19.00
N SER A 136 25.00 -15.23 -18.75
CA SER A 136 23.62 -15.34 -19.22
C SER A 136 23.40 -14.37 -20.37
N VAL A 137 23.01 -14.91 -21.53
CA VAL A 137 22.71 -14.11 -22.70
C VAL A 137 21.20 -14.13 -22.87
N VAL A 138 20.59 -12.95 -22.99
CA VAL A 138 19.12 -12.87 -23.02
C VAL A 138 18.63 -12.29 -24.34
N CYS A 139 17.62 -12.95 -24.89
CA CYS A 139 16.93 -12.49 -26.09
C CYS A 139 15.48 -12.18 -25.71
N LEU A 140 15.05 -10.96 -26.01
CA LEU A 140 13.69 -10.51 -25.74
C LEU A 140 12.88 -10.37 -27.02
N LEU A 141 11.69 -10.97 -27.03
CA LEU A 141 10.70 -10.76 -28.08
C LEU A 141 9.54 -10.00 -27.48
N ASN A 142 9.34 -8.76 -27.91
CA ASN A 142 8.39 -7.86 -27.26
C ASN A 142 7.09 -7.65 -28.04
N ASN A 143 5.99 -7.94 -27.36
CA ASN A 143 4.63 -7.63 -27.84
C ASN A 143 4.32 -8.15 -29.24
N PHE A 144 4.19 -9.48 -29.34
CA PHE A 144 3.87 -10.10 -30.61
C PHE A 144 2.58 -10.91 -30.53
N TYR A 145 2.02 -11.16 -31.69
CA TYR A 145 0.85 -12.02 -31.85
C TYR A 145 0.86 -12.56 -33.26
N PRO A 146 0.59 -13.86 -33.43
CA PRO A 146 0.21 -14.86 -32.42
C PRO A 146 1.39 -15.39 -31.61
N ARG A 147 1.06 -16.30 -30.70
CA ARG A 147 2.02 -16.86 -29.76
C ARG A 147 3.18 -17.61 -30.43
N GLU A 148 2.87 -18.34 -31.51
CA GLU A 148 3.86 -19.18 -32.18
C GLU A 148 5.09 -18.37 -32.59
N ALA A 149 6.26 -18.78 -32.10
CA ALA A 149 7.50 -18.06 -32.38
C ALA A 149 8.72 -18.95 -32.14
N LYS A 150 9.68 -18.89 -33.06
CA LYS A 150 10.91 -19.67 -32.95
C LYS A 150 12.10 -18.76 -32.64
N VAL A 151 12.86 -19.11 -31.61
CA VAL A 151 14.09 -18.42 -31.26
C VAL A 151 15.26 -19.40 -31.31
N GLN A 152 16.26 -19.08 -32.13
CA GLN A 152 17.44 -19.94 -32.27
C GLN A 152 18.70 -19.18 -31.90
N TRP A 153 19.50 -19.77 -31.03
CA TRP A 153 20.77 -19.19 -30.63
C TRP A 153 21.89 -19.65 -31.56
N LYS A 154 22.71 -18.72 -32.01
CA LYS A 154 23.87 -19.04 -32.83
C LYS A 154 25.11 -18.39 -32.26
N VAL A 155 26.13 -19.20 -32.02
CA VAL A 155 27.38 -18.75 -31.45
C VAL A 155 28.48 -19.02 -32.46
N ASP A 156 29.06 -17.94 -33.00
CA ASP A 156 29.96 -18.03 -34.14
C ASP A 156 29.31 -18.86 -35.25
N ASN A 157 28.03 -18.59 -35.48
CA ASN A 157 27.22 -19.22 -36.53
C ASN A 157 26.92 -20.70 -36.31
N ALA A 158 27.29 -21.22 -35.15
CA ALA A 158 26.95 -22.60 -34.78
C ALA A 158 25.65 -22.61 -33.99
N LEU A 159 24.65 -23.32 -34.50
CA LEU A 159 23.35 -23.39 -33.84
C LEU A 159 23.47 -24.08 -32.49
N GLN A 160 22.87 -23.49 -31.47
CA GLN A 160 22.93 -24.03 -30.11
C GLN A 160 21.70 -24.87 -29.77
N SER A 161 21.92 -25.90 -28.96
CA SER A 161 20.82 -26.72 -28.45
C SER A 161 21.15 -27.15 -27.03
N GLY A 162 20.12 -27.27 -26.19
CA GLY A 162 20.27 -27.92 -24.91
C GLY A 162 20.90 -27.04 -23.84
N ASN A 163 20.98 -25.74 -24.09
CA ASN A 163 21.59 -24.81 -23.15
C ASN A 163 20.82 -23.50 -23.05
N SER A 164 19.52 -23.54 -23.36
CA SER A 164 18.69 -22.35 -23.22
C SER A 164 17.33 -22.67 -22.63
N GLN A 165 16.68 -21.66 -22.08
CA GLN A 165 15.35 -21.77 -21.49
C GLN A 165 14.51 -20.58 -21.91
N GLU A 166 13.22 -20.81 -22.16
CA GLU A 166 12.29 -19.74 -22.56
C GLU A 166 11.20 -19.54 -21.52
N SER A 167 10.79 -18.28 -21.34
CA SER A 167 9.62 -17.94 -20.56
C SER A 167 8.75 -16.97 -21.33
N VAL A 168 7.44 -17.04 -21.10
CA VAL A 168 6.48 -16.22 -21.83
C VAL A 168 5.50 -15.57 -20.85
N THR A 169 5.07 -14.36 -21.18
CA THR A 169 4.06 -13.68 -20.37
C THR A 169 2.65 -14.13 -20.74
N GLU A 170 1.71 -13.87 -19.85
CA GLU A 170 0.30 -14.05 -20.16
C GLU A 170 -0.10 -13.00 -21.19
N GLN A 171 -1.14 -13.28 -21.96
CA GLN A 171 -1.59 -12.34 -22.98
C GLN A 171 -1.92 -11.01 -22.33
N ASP A 172 -1.42 -9.93 -22.91
CA ASP A 172 -1.59 -8.61 -22.31
C ASP A 172 -3.04 -8.15 -22.34
N SER A 173 -3.48 -7.56 -21.23
CA SER A 173 -4.88 -7.15 -21.09
C SER A 173 -5.23 -5.98 -21.99
N LYS A 174 -4.25 -5.12 -22.27
CA LYS A 174 -4.46 -3.94 -23.09
C LYS A 174 -4.40 -4.23 -24.60
N ASP A 175 -3.32 -4.84 -25.06
CA ASP A 175 -3.10 -5.00 -26.52
C ASP A 175 -3.11 -6.45 -26.99
N SER A 176 -3.34 -7.39 -26.08
CA SER A 176 -3.55 -8.80 -26.43
C SER A 176 -2.34 -9.46 -27.08
N THR A 177 -1.14 -8.96 -26.76
CA THR A 177 0.09 -9.56 -27.25
C THR A 177 0.78 -10.40 -26.20
N TYR A 178 1.79 -11.14 -26.65
CA TYR A 178 2.67 -11.91 -25.79
C TYR A 178 4.08 -11.31 -25.82
N SER A 179 4.84 -11.55 -24.76
CA SER A 179 6.27 -11.27 -24.79
C SER A 179 7.02 -12.51 -24.31
N LEU A 180 8.26 -12.66 -24.76
CA LEU A 180 9.01 -13.89 -24.54
C LEU A 180 10.46 -13.58 -24.27
N SER A 181 11.04 -14.27 -23.30
CA SER A 181 12.45 -14.17 -22.97
C SER A 181 13.12 -15.51 -23.26
N SER A 182 14.27 -15.47 -23.91
CA SER A 182 15.09 -16.68 -24.10
C SER A 182 16.46 -16.42 -23.51
N THR A 183 16.87 -17.29 -22.59
CA THR A 183 18.15 -17.14 -21.91
C THR A 183 19.08 -18.29 -22.27
N LEU A 184 20.25 -17.93 -22.81
CA LEU A 184 21.31 -18.88 -23.11
C LEU A 184 22.31 -18.82 -21.96
N THR A 185 22.55 -19.94 -21.28
CA THR A 185 23.41 -19.93 -20.10
C THR A 185 24.69 -20.73 -20.34
N LEU A 186 25.83 -20.06 -20.14
CA LEU A 186 27.15 -20.65 -20.35
C LEU A 186 28.04 -20.36 -19.17
N SER A 187 29.03 -21.21 -18.95
CA SER A 187 30.07 -20.87 -18.00
C SER A 187 30.87 -19.72 -18.61
N LYS A 188 31.53 -18.95 -17.76
CA LYS A 188 32.42 -17.89 -18.22
C LYS A 188 33.42 -18.46 -19.22
N ALA A 189 33.99 -19.61 -18.90
CA ALA A 189 35.02 -20.21 -19.74
C ALA A 189 34.46 -20.52 -21.14
N ASP A 190 33.25 -21.04 -21.20
CA ASP A 190 32.65 -21.39 -22.49
C ASP A 190 32.31 -20.11 -23.25
N TYR A 191 31.80 -19.12 -22.53
CA TYR A 191 31.44 -17.84 -23.13
C TYR A 191 32.65 -17.23 -23.84
N GLU A 192 33.82 -17.38 -23.23
CA GLU A 192 35.03 -16.74 -23.73
C GLU A 192 35.65 -17.49 -24.91
N LYS A 193 35.10 -18.65 -25.24
CA LYS A 193 35.61 -19.42 -26.37
C LYS A 193 35.14 -18.87 -27.72
N HIS A 194 34.16 -17.98 -27.69
CA HIS A 194 33.51 -17.51 -28.91
C HIS A 194 33.35 -16.00 -28.95
N LYS A 195 33.14 -15.47 -30.15
CA LYS A 195 33.04 -14.02 -30.34
C LYS A 195 31.62 -13.55 -30.66
N VAL A 196 30.99 -14.14 -31.68
CA VAL A 196 29.68 -13.67 -32.13
C VAL A 196 28.53 -14.42 -31.47
N TYR A 197 27.66 -13.66 -30.80
CA TYR A 197 26.47 -14.22 -30.16
C TYR A 197 25.22 -13.64 -30.81
N ALA A 198 24.34 -14.50 -31.31
CA ALA A 198 23.15 -14.04 -32.03
C ALA A 198 21.90 -14.81 -31.62
N CYS A 199 20.76 -14.12 -31.61
CA CYS A 199 19.48 -14.82 -31.55
C CYS A 199 18.70 -14.52 -32.83
N GLU A 200 18.26 -15.58 -33.49
CA GLU A 200 17.51 -15.49 -34.73
C GLU A 200 16.03 -15.80 -34.46
N VAL A 201 15.16 -14.88 -34.85
CA VAL A 201 13.75 -15.00 -34.52
C VAL A 201 12.89 -15.16 -35.76
N THR A 202 11.98 -16.13 -35.69
CA THR A 202 11.03 -16.41 -36.76
C THR A 202 9.62 -16.23 -36.22
N HIS A 203 8.77 -15.55 -37.00
CA HIS A 203 7.41 -15.26 -36.57
C HIS A 203 6.57 -14.91 -37.78
N GLN A 204 5.27 -15.11 -37.67
CA GLN A 204 4.34 -14.91 -38.77
C GLN A 204 4.36 -13.47 -39.29
N GLY A 205 4.72 -12.54 -38.41
CA GLY A 205 4.72 -11.13 -38.75
C GLY A 205 5.99 -10.67 -39.44
N LEU A 206 6.98 -11.56 -39.49
CA LEU A 206 8.28 -11.27 -40.10
C LEU A 206 8.43 -11.96 -41.45
N SER A 207 8.58 -11.16 -42.52
CA SER A 207 8.72 -11.71 -43.86
C SER A 207 10.05 -12.44 -44.01
N SER A 208 10.95 -12.22 -43.06
CA SER A 208 12.25 -12.87 -43.05
C SER A 208 12.77 -12.90 -41.62
N PRO A 209 13.47 -13.98 -41.24
CA PRO A 209 13.98 -14.08 -39.86
C PRO A 209 14.80 -12.87 -39.43
N VAL A 210 14.53 -12.37 -38.24
CA VAL A 210 15.28 -11.23 -37.69
C VAL A 210 16.41 -11.76 -36.81
N THR A 211 17.61 -11.26 -37.02
CA THR A 211 18.75 -11.61 -36.19
C THR A 211 19.28 -10.39 -35.47
N LYS A 212 19.42 -10.50 -34.15
CA LYS A 212 20.09 -9.49 -33.35
C LYS A 212 21.33 -10.13 -32.77
N SER A 213 22.46 -9.43 -32.81
CA SER A 213 23.71 -10.02 -32.36
C SER A 213 24.65 -9.01 -31.78
N PHE A 214 25.70 -9.53 -31.15
CA PHE A 214 26.79 -8.71 -30.63
C PHE A 214 28.06 -9.54 -30.67
N ASN A 215 29.21 -8.85 -30.68
CA ASN A 215 30.49 -9.49 -30.54
C ASN A 215 30.98 -9.37 -29.10
N ARG A 216 31.40 -10.49 -28.51
CA ARG A 216 31.87 -10.48 -27.12
C ARG A 216 32.88 -9.36 -26.92
N GLY A 217 32.57 -8.44 -26.01
CA GLY A 217 33.46 -7.33 -25.71
C GLY A 217 33.14 -6.02 -26.42
N GLU A 218 32.08 -5.99 -27.22
CA GLU A 218 31.70 -4.78 -27.98
C GLU A 218 30.29 -4.94 -28.59
N CYS A 219 29.40 -3.94 -28.60
CA CYS A 219 29.58 -2.55 -28.19
C CYS A 219 30.55 -1.82 -29.10
N GLU B 1 -23.48 -24.38 1.11
CA GLU B 1 -22.47 -24.90 0.15
C GLU B 1 -21.15 -25.17 0.85
N VAL B 2 -20.53 -26.29 0.50
CA VAL B 2 -19.27 -26.69 1.11
C VAL B 2 -18.16 -25.71 0.77
N GLN B 3 -17.30 -25.45 1.76
CA GLN B 3 -16.11 -24.61 1.58
C GLN B 3 -14.90 -25.41 2.03
N LEU B 4 -13.80 -25.31 1.27
CA LEU B 4 -12.59 -26.08 1.58
C LEU B 4 -11.37 -25.19 1.62
N GLN B 5 -10.51 -25.44 2.61
CA GLN B 5 -9.30 -24.64 2.80
C GLN B 5 -8.10 -25.54 3.07
N GLU B 6 -7.17 -25.57 2.13
CA GLU B 6 -5.93 -26.35 2.28
C GLU B 6 -4.91 -25.63 3.16
N SER B 7 -4.11 -26.42 3.87
CA SER B 7 -2.94 -25.90 4.57
C SER B 7 -1.82 -26.93 4.46
N GLY B 8 -0.59 -26.43 4.39
CA GLY B 8 0.56 -27.29 4.22
C GLY B 8 1.81 -26.52 4.62
N PRO B 9 2.98 -27.19 4.56
CA PRO B 9 4.26 -26.68 5.03
C PRO B 9 4.97 -25.76 4.05
N GLY B 10 4.50 -25.72 2.81
CA GLY B 10 5.08 -24.85 1.81
C GLY B 10 6.34 -25.42 1.18
N LEU B 11 7.25 -25.89 2.03
CA LEU B 11 8.53 -26.42 1.56
C LEU B 11 8.89 -27.67 2.36
N VAL B 12 9.29 -28.72 1.66
CA VAL B 12 9.80 -29.93 2.29
C VAL B 12 10.99 -30.46 1.51
N LYS B 13 11.79 -31.31 2.14
CA LYS B 13 13.00 -31.83 1.51
C LYS B 13 12.77 -33.23 0.94
N PRO B 14 13.51 -33.61 -0.11
CA PRO B 14 13.42 -34.96 -0.68
C PRO B 14 13.58 -36.06 0.36
N SER B 15 12.76 -37.10 0.23
CA SER B 15 12.75 -38.28 1.12
C SER B 15 11.85 -38.07 2.34
N GLN B 16 11.46 -36.83 2.62
CA GLN B 16 10.60 -36.54 3.77
C GLN B 16 9.15 -36.93 3.48
N THR B 17 8.31 -36.85 4.52
CA THR B 17 6.87 -37.10 4.38
C THR B 17 6.09 -35.79 4.38
N LEU B 18 5.33 -35.57 3.30
CA LEU B 18 4.46 -34.42 3.20
C LEU B 18 3.14 -34.68 3.92
N SER B 19 2.67 -33.70 4.68
CA SER B 19 1.38 -33.78 5.36
C SER B 19 0.56 -32.53 5.08
N LEU B 20 -0.61 -32.71 4.47
CA LEU B 20 -1.50 -31.60 4.16
C LEU B 20 -2.82 -31.76 4.91
N THR B 21 -3.46 -30.63 5.20
CA THR B 21 -4.76 -30.63 5.88
C THR B 21 -5.77 -29.89 5.03
N CYS B 22 -7.00 -30.41 5.02
CA CYS B 22 -8.12 -29.72 4.38
C CYS B 22 -9.21 -29.50 5.42
N ALA B 23 -9.47 -28.23 5.72
CA ALA B 23 -10.52 -27.86 6.66
C ALA B 23 -11.80 -27.56 5.88
N VAL B 24 -12.87 -28.26 6.25
CA VAL B 24 -14.14 -28.13 5.53
C VAL B 24 -15.16 -27.33 6.32
N SER B 25 -15.82 -26.40 5.66
CA SER B 25 -16.90 -25.61 6.26
C SER B 25 -18.19 -25.74 5.47
N GLY B 26 -19.32 -25.49 6.12
CA GLY B 26 -20.61 -25.46 5.45
C GLY B 26 -21.21 -26.83 5.19
N SER B 27 -20.45 -27.87 5.48
CA SER B 27 -20.90 -29.24 5.26
C SER B 27 -20.07 -30.20 6.11
N SER B 28 -20.67 -31.33 6.49
CA SER B 28 -19.96 -32.34 7.30
C SER B 28 -19.33 -33.41 6.42
N ILE B 29 -18.11 -33.83 6.77
CA ILE B 29 -17.42 -34.82 5.96
C ILE B 29 -18.00 -36.23 6.15
N THR B 30 -18.89 -36.39 7.12
CA THR B 30 -19.56 -37.67 7.33
C THR B 30 -20.78 -37.83 6.44
N TYR B 31 -21.07 -36.82 5.61
CA TYR B 31 -22.16 -36.91 4.65
C TYR B 31 -21.63 -37.38 3.30
N GLY B 32 -22.54 -37.60 2.37
CA GLY B 32 -22.23 -38.29 1.12
C GLY B 32 -21.37 -37.51 0.14
N TYR B 33 -20.08 -37.39 0.47
CA TYR B 33 -19.13 -36.78 -0.44
C TYR B 33 -17.92 -37.69 -0.64
N HIS B 34 -17.26 -37.53 -1.78
CA HIS B 34 -15.94 -38.06 -2.02
C HIS B 34 -14.94 -36.92 -1.81
N TRP B 35 -14.18 -37.00 -0.73
CA TRP B 35 -13.28 -35.93 -0.37
C TRP B 35 -11.96 -36.17 -1.06
N ASN B 36 -11.74 -35.44 -2.15
CA ASN B 36 -10.62 -35.67 -3.07
C ASN B 36 -9.39 -34.81 -2.80
N TRP B 37 -8.23 -35.36 -3.11
CA TRP B 37 -7.00 -34.60 -3.24
C TRP B 37 -6.59 -34.64 -4.70
N ILE B 38 -6.26 -33.48 -5.24
CA ILE B 38 -5.86 -33.33 -6.62
C ILE B 38 -4.64 -32.42 -6.61
N ARG B 39 -3.68 -32.63 -7.50
CA ARG B 39 -2.54 -31.71 -7.58
C ARG B 39 -2.31 -31.22 -9.01
N GLN B 40 -1.72 -30.03 -9.11
CA GLN B 40 -1.45 -29.39 -10.39
C GLN B 40 0.02 -29.05 -10.47
N PHE B 41 0.70 -29.64 -11.45
CA PHE B 41 2.14 -29.48 -11.57
C PHE B 41 2.48 -28.15 -12.22
N PRO B 42 3.72 -27.70 -12.03
CA PRO B 42 4.20 -26.59 -12.86
C PRO B 42 4.11 -27.03 -14.32
N GLY B 43 3.48 -26.24 -15.16
CA GLY B 43 3.16 -26.65 -16.51
C GLY B 43 1.66 -26.90 -16.65
N ASN B 44 1.00 -27.03 -15.50
CA ASN B 44 -0.46 -26.96 -15.34
C ASN B 44 -1.22 -28.27 -15.53
N LYS B 45 -0.49 -29.38 -15.70
CA LYS B 45 -1.16 -30.68 -15.77
C LYS B 45 -1.73 -31.08 -14.42
N LEU B 46 -2.94 -31.63 -14.46
CA LEU B 46 -3.68 -32.02 -13.27
C LEU B 46 -3.63 -33.52 -13.07
N GLU B 47 -3.54 -33.92 -11.81
CA GLU B 47 -3.48 -35.32 -11.44
C GLU B 47 -4.32 -35.59 -10.20
N TRP B 48 -5.24 -36.54 -10.32
CA TRP B 48 -6.04 -37.00 -9.19
C TRP B 48 -5.18 -37.88 -8.29
N ILE B 49 -5.24 -37.64 -6.98
CA ILE B 49 -4.42 -38.38 -6.03
C ILE B 49 -5.21 -39.50 -5.36
N GLY B 50 -6.39 -39.17 -4.84
CA GLY B 50 -7.21 -40.14 -4.15
C GLY B 50 -8.35 -39.48 -3.42
N TYR B 51 -9.25 -40.28 -2.84
CA TYR B 51 -10.28 -39.71 -1.97
C TYR B 51 -10.48 -40.55 -0.73
N ILE B 52 -11.17 -39.94 0.23
CA ILE B 52 -11.69 -40.67 1.38
C ILE B 52 -13.20 -40.43 1.39
N SER B 53 -13.96 -41.45 1.76
CA SER B 53 -15.41 -41.39 1.72
C SER B 53 -16.00 -41.11 3.10
N TYR B 54 -17.31 -40.94 3.16
CA TYR B 54 -18.00 -40.63 4.41
C TYR B 54 -17.75 -41.67 5.50
N ASP B 55 -17.43 -42.90 5.10
CA ASP B 55 -17.27 -44.00 6.05
C ASP B 55 -15.81 -44.42 6.22
N GLY B 56 -14.90 -43.55 5.77
CA GLY B 56 -13.48 -43.79 5.95
C GLY B 56 -12.86 -44.62 4.84
N SER B 57 -13.69 -45.09 3.91
CA SER B 57 -13.21 -45.83 2.74
C SER B 57 -12.32 -44.92 1.91
N VAL B 58 -11.22 -45.48 1.39
CA VAL B 58 -10.30 -44.69 0.58
C VAL B 58 -10.08 -45.34 -0.79
N LEU B 59 -9.74 -44.50 -1.76
CA LEU B 59 -9.34 -44.95 -3.09
C LEU B 59 -8.17 -44.08 -3.59
N TYR B 60 -7.12 -44.71 -4.09
CA TYR B 60 -5.91 -43.99 -4.50
C TYR B 60 -5.58 -44.21 -5.97
N ASN B 61 -4.90 -43.23 -6.56
CA ASN B 61 -4.29 -43.39 -7.86
C ASN B 61 -3.22 -44.47 -7.78
N PRO B 62 -3.36 -45.57 -8.57
CA PRO B 62 -2.41 -46.68 -8.49
C PRO B 62 -0.93 -46.28 -8.61
N SER B 63 -0.67 -45.17 -9.31
CA SER B 63 0.70 -44.71 -9.49
C SER B 63 1.30 -44.14 -8.20
N LEU B 64 0.44 -43.84 -7.24
CA LEU B 64 0.85 -43.23 -5.98
C LEU B 64 0.49 -44.07 -4.76
N GLU B 65 -0.20 -45.18 -5.00
CA GLU B 65 -0.83 -45.94 -3.92
C GLU B 65 0.17 -46.36 -2.85
N ASN B 66 1.41 -46.59 -3.25
CA ASN B 66 2.45 -47.05 -2.32
C ASN B 66 2.95 -45.96 -1.38
N ARG B 67 2.68 -44.69 -1.71
CA ARG B 67 3.19 -43.55 -0.95
C ARG B 67 2.09 -42.69 -0.32
N VAL B 68 0.84 -42.98 -0.66
CA VAL B 68 -0.27 -42.12 -0.28
C VAL B 68 -1.12 -42.70 0.87
N THR B 69 -1.47 -41.82 1.79
CA THR B 69 -2.43 -42.17 2.85
C THR B 69 -3.36 -40.98 3.07
N ILE B 70 -4.65 -41.23 2.92
CA ILE B 70 -5.66 -40.21 3.20
C ILE B 70 -6.38 -40.63 4.47
N THR B 71 -6.48 -39.70 5.42
CA THR B 71 -7.17 -39.96 6.67
C THR B 71 -8.11 -38.81 6.98
N ARG B 72 -8.75 -38.86 8.14
CA ARG B 72 -9.69 -37.82 8.51
C ARG B 72 -9.82 -37.67 10.01
N ASP B 73 -10.43 -36.56 10.42
CA ASP B 73 -10.88 -36.35 11.80
C ASP B 73 -12.26 -35.72 11.75
N THR B 74 -13.29 -36.53 11.91
CA THR B 74 -14.66 -36.08 11.77
C THR B 74 -15.05 -35.07 12.85
N SER B 75 -14.35 -35.11 13.99
CA SER B 75 -14.71 -34.27 15.12
C SER B 75 -14.37 -32.80 14.87
N LYS B 76 -13.34 -32.55 14.07
CA LYS B 76 -13.02 -31.18 13.66
C LYS B 76 -13.20 -31.00 12.15
N ASN B 77 -13.93 -31.93 11.55
CA ASN B 77 -14.37 -31.81 10.15
C ASN B 77 -13.24 -31.53 9.18
N GLN B 78 -12.17 -32.31 9.29
CA GLN B 78 -11.00 -32.17 8.42
C GLN B 78 -10.60 -33.48 7.79
N PHE B 79 -9.85 -33.42 6.70
CA PHE B 79 -9.18 -34.62 6.22
C PHE B 79 -7.78 -34.30 5.74
N PHE B 80 -6.96 -35.34 5.62
CA PHE B 80 -5.52 -35.18 5.50
C PHE B 80 -4.96 -35.98 4.35
N LEU B 81 -3.84 -35.49 3.81
CA LEU B 81 -3.05 -36.23 2.84
C LEU B 81 -1.66 -36.43 3.40
N LYS B 82 -1.19 -37.66 3.38
CA LYS B 82 0.18 -37.98 3.76
C LYS B 82 0.87 -38.56 2.55
N LEU B 83 1.95 -37.92 2.10
CA LEU B 83 2.71 -38.39 0.96
C LEU B 83 4.15 -38.65 1.36
N SER B 84 4.56 -39.93 1.36
CA SER B 84 5.89 -40.31 1.83
C SER B 84 6.92 -40.33 0.71
N SER B 85 8.19 -40.31 1.12
CA SER B 85 9.33 -40.41 0.19
C SER B 85 9.24 -39.43 -0.97
N VAL B 86 8.97 -38.17 -0.67
CA VAL B 86 8.77 -37.19 -1.73
C VAL B 86 10.06 -36.89 -2.46
N THR B 87 9.94 -36.51 -3.73
CA THR B 87 11.07 -36.03 -4.52
C THR B 87 10.68 -34.69 -5.14
N ALA B 88 11.62 -34.06 -5.84
CA ALA B 88 11.34 -32.78 -6.47
C ALA B 88 10.13 -32.89 -7.39
N GLU B 89 9.90 -34.08 -7.93
CA GLU B 89 8.79 -34.26 -8.88
C GLU B 89 7.41 -34.17 -8.23
N ASP B 90 7.36 -34.15 -6.90
CA ASP B 90 6.11 -33.95 -6.18
C ASP B 90 5.81 -32.47 -5.94
N THR B 91 6.65 -31.59 -6.49
CA THR B 91 6.39 -30.16 -6.44
C THR B 91 5.12 -29.83 -7.23
N ALA B 92 4.15 -29.19 -6.59
CA ALA B 92 2.86 -28.93 -7.22
C ALA B 92 1.98 -28.06 -6.33
N LYS B 93 0.86 -27.62 -6.88
CA LYS B 93 -0.19 -27.01 -6.07
C LYS B 93 -1.21 -28.08 -5.75
N TYR B 94 -1.46 -28.27 -4.46
CA TYR B 94 -2.37 -29.32 -4.00
C TYR B 94 -3.73 -28.76 -3.62
N TYR B 95 -4.76 -29.34 -4.22
CA TYR B 95 -6.15 -28.97 -3.98
C TYR B 95 -6.88 -30.06 -3.21
N CYS B 96 -7.75 -29.68 -2.30
CA CYS B 96 -8.76 -30.62 -1.82
C CYS B 96 -10.09 -30.21 -2.45
N ALA B 97 -11.00 -31.17 -2.58
CA ALA B 97 -12.28 -30.91 -3.25
C ALA B 97 -13.41 -31.79 -2.76
N SER B 98 -14.63 -31.26 -2.84
CA SER B 98 -15.86 -32.04 -2.64
C SER B 98 -16.24 -32.64 -3.97
N GLY B 99 -16.09 -33.96 -4.08
CA GLY B 99 -16.10 -34.59 -5.38
C GLY B 99 -15.18 -33.78 -6.27
N PHE B 100 -15.68 -33.39 -7.44
CA PHE B 100 -15.02 -32.41 -8.27
C PHE B 100 -15.92 -31.18 -8.41
N ASP B 101 -16.93 -31.10 -7.56
CA ASP B 101 -17.89 -30.00 -7.58
C ASP B 101 -17.30 -28.68 -7.11
N HIS B 102 -16.59 -28.74 -5.98
CA HIS B 102 -16.03 -27.54 -5.36
C HIS B 102 -14.60 -27.78 -4.92
N TRP B 103 -13.71 -26.88 -5.31
CA TRP B 103 -12.30 -26.99 -5.02
C TRP B 103 -11.86 -25.89 -4.05
N GLY B 104 -10.88 -26.19 -3.21
CA GLY B 104 -10.28 -25.16 -2.37
C GLY B 104 -9.39 -24.28 -3.22
N GLN B 105 -8.77 -23.29 -2.61
CA GLN B 105 -7.91 -22.38 -3.35
C GLN B 105 -6.54 -23.01 -3.60
N GLY B 106 -6.24 -24.08 -2.87
CA GLY B 106 -5.02 -24.84 -3.10
C GLY B 106 -3.86 -24.36 -2.25
N THR B 107 -2.92 -25.25 -1.97
CA THR B 107 -1.71 -24.89 -1.24
C THR B 107 -0.49 -25.28 -2.08
N THR B 108 0.38 -24.31 -2.29
CA THR B 108 1.58 -24.51 -3.10
C THR B 108 2.64 -25.24 -2.28
N LEU B 109 3.16 -26.31 -2.86
CA LEU B 109 4.14 -27.15 -2.19
C LEU B 109 5.37 -27.32 -3.07
N THR B 110 6.53 -27.04 -2.49
CA THR B 110 7.80 -27.21 -3.18
C THR B 110 8.62 -28.29 -2.47
N VAL B 111 9.16 -29.23 -3.23
CA VAL B 111 10.08 -30.22 -2.70
C VAL B 111 11.47 -29.94 -3.26
N SER B 112 12.43 -29.67 -2.38
CA SER B 112 13.77 -29.32 -2.81
C SER B 112 14.76 -29.40 -1.66
N SER B 113 16.02 -29.69 -2.00
CA SER B 113 17.08 -29.73 -1.01
C SER B 113 17.83 -28.39 -0.99
N ALA B 114 17.36 -27.43 -1.79
CA ALA B 114 18.03 -26.13 -1.90
C ALA B 114 17.93 -25.33 -0.60
N SER B 115 18.94 -24.50 -0.35
CA SER B 115 18.94 -23.62 0.81
C SER B 115 18.46 -22.22 0.44
N THR B 116 17.88 -21.51 1.41
CA THR B 116 17.43 -20.14 1.18
C THR B 116 18.58 -19.29 0.67
N LYS B 117 18.34 -18.55 -0.41
CA LYS B 117 19.37 -17.74 -1.03
C LYS B 117 18.78 -16.56 -1.79
N GLY B 118 19.30 -15.37 -1.50
CA GLY B 118 18.82 -14.16 -2.14
C GLY B 118 19.36 -14.05 -3.56
N PRO B 119 18.64 -13.33 -4.43
CA PRO B 119 19.05 -13.21 -5.83
C PRO B 119 20.25 -12.30 -6.05
N SER B 120 21.00 -12.59 -7.11
CA SER B 120 21.93 -11.64 -7.70
C SER B 120 21.13 -10.93 -8.78
N VAL B 121 21.33 -9.62 -8.89
CA VAL B 121 20.58 -8.81 -9.84
C VAL B 121 21.55 -8.17 -10.83
N PHE B 122 21.40 -8.53 -12.10
CA PHE B 122 22.31 -8.06 -13.14
C PHE B 122 21.55 -7.21 -14.16
N PRO B 123 22.23 -6.21 -14.73
CA PRO B 123 21.55 -5.34 -15.71
C PRO B 123 21.42 -5.99 -17.08
N LEU B 124 20.30 -5.76 -17.72
CA LEU B 124 20.12 -6.04 -19.13
C LEU B 124 20.22 -4.68 -19.80
N ALA B 125 21.43 -4.33 -20.24
CA ALA B 125 21.74 -2.96 -20.58
C ALA B 125 21.10 -2.55 -21.91
N PRO B 126 20.65 -1.29 -22.01
CA PRO B 126 20.13 -0.83 -23.30
C PRO B 126 21.24 -0.79 -24.35
N SER B 127 20.93 -1.26 -25.55
CA SER B 127 21.91 -1.31 -26.63
C SER B 127 22.29 0.10 -27.08
N SER B 128 23.57 0.31 -27.35
CA SER B 128 24.04 1.60 -27.84
C SER B 128 23.84 1.73 -29.35
N LYS B 129 22.98 0.85 -29.87
CA LYS B 129 22.53 0.93 -31.25
C LYS B 129 21.01 1.07 -31.29
N SER B 130 20.43 1.46 -30.16
CA SER B 130 18.99 1.70 -30.08
C SER B 130 18.59 2.71 -31.14
N THR B 131 17.49 2.43 -31.83
CA THR B 131 17.05 3.26 -32.95
C THR B 131 16.74 4.68 -32.50
N SER B 132 17.51 5.63 -33.02
CA SER B 132 17.36 7.03 -32.68
C SER B 132 15.93 7.51 -32.94
N GLY B 133 15.31 8.10 -31.92
CA GLY B 133 13.93 8.54 -32.01
C GLY B 133 12.95 7.38 -31.99
N GLY B 134 13.44 6.20 -31.63
CA GLY B 134 12.64 5.00 -31.59
C GLY B 134 12.48 4.47 -30.17
N THR B 135 12.48 3.15 -30.06
CA THR B 135 12.21 2.48 -28.79
C THR B 135 13.40 1.62 -28.40
N ALA B 136 13.76 1.70 -27.11
CA ALA B 136 14.84 0.90 -26.55
C ALA B 136 14.29 -0.06 -25.51
N ALA B 137 15.03 -1.12 -25.22
CA ALA B 137 14.65 -2.06 -24.18
C ALA B 137 15.77 -2.20 -23.17
N LEU B 138 15.42 -2.34 -21.90
CA LEU B 138 16.39 -2.62 -20.85
C LEU B 138 15.73 -3.47 -19.79
N GLY B 139 16.51 -3.97 -18.85
CA GLY B 139 15.92 -4.84 -17.85
C GLY B 139 16.85 -5.24 -16.75
N CYS B 140 16.38 -6.18 -15.93
CA CYS B 140 17.17 -6.77 -14.85
C CYS B 140 17.01 -8.27 -14.89
N LEU B 141 18.14 -8.96 -14.79
CA LEU B 141 18.16 -10.40 -14.63
C LEU B 141 18.29 -10.74 -13.15
N VAL B 142 17.29 -11.46 -12.65
CA VAL B 142 17.20 -11.80 -11.23
C VAL B 142 17.52 -13.28 -11.12
N LYS B 143 18.75 -13.58 -10.71
CA LYS B 143 19.30 -14.92 -10.89
C LYS B 143 19.69 -15.60 -9.58
N ASP B 144 19.41 -16.90 -9.53
CA ASP B 144 19.91 -17.80 -8.50
C ASP B 144 19.36 -17.49 -7.11
N TYR B 145 18.04 -17.54 -6.97
CA TYR B 145 17.42 -17.37 -5.67
C TYR B 145 16.57 -18.58 -5.31
N PHE B 146 16.27 -18.72 -4.04
CA PHE B 146 15.42 -19.79 -3.56
C PHE B 146 14.90 -19.44 -2.17
N PRO B 147 13.63 -19.75 -1.88
CA PRO B 147 12.58 -20.25 -2.76
C PRO B 147 11.91 -19.10 -3.49
N GLU B 148 10.88 -19.40 -4.26
CA GLU B 148 10.03 -18.36 -4.80
C GLU B 148 9.26 -17.74 -3.64
N PRO B 149 8.75 -16.51 -3.82
CA PRO B 149 8.83 -15.67 -5.01
C PRO B 149 9.74 -14.47 -4.81
N VAL B 150 10.05 -13.77 -5.89
CA VAL B 150 10.59 -12.42 -5.80
C VAL B 150 9.54 -11.46 -6.33
N THR B 151 9.66 -10.20 -5.95
CA THR B 151 8.86 -9.14 -6.56
C THR B 151 9.81 -8.18 -7.24
N VAL B 152 9.37 -7.63 -8.36
CA VAL B 152 10.15 -6.66 -9.10
C VAL B 152 9.27 -5.48 -9.44
N SER B 153 9.75 -4.28 -9.14
CA SER B 153 9.10 -3.06 -9.61
C SER B 153 10.15 -2.23 -10.31
N TRP B 154 9.70 -1.19 -11.00
CA TRP B 154 10.61 -0.24 -11.63
C TRP B 154 10.36 1.16 -11.08
N ASN B 155 11.45 1.85 -10.78
CA ASN B 155 11.41 3.22 -10.28
C ASN B 155 10.45 3.34 -9.10
N SER B 156 10.56 2.37 -8.19
CA SER B 156 9.78 2.36 -6.95
C SER B 156 8.28 2.37 -7.22
N GLY B 157 7.89 1.77 -8.34
CA GLY B 157 6.49 1.62 -8.68
C GLY B 157 5.97 2.69 -9.63
N ALA B 158 6.79 3.70 -9.89
CA ALA B 158 6.37 4.83 -10.72
C ALA B 158 6.33 4.46 -12.21
N LEU B 159 7.14 3.47 -12.59
CA LEU B 159 7.21 3.01 -13.99
C LEU B 159 6.51 1.65 -14.13
N THR B 160 5.38 1.64 -14.84
CA THR B 160 4.60 0.43 -15.04
C THR B 160 4.30 0.18 -16.52
N SER B 161 4.19 1.25 -17.30
CA SER B 161 3.96 1.12 -18.72
C SER B 161 5.15 0.46 -19.42
N GLY B 162 4.85 -0.57 -20.21
CA GLY B 162 5.85 -1.22 -21.02
C GLY B 162 6.67 -2.25 -20.27
N VAL B 163 6.36 -2.45 -18.99
CA VAL B 163 7.06 -3.46 -18.20
C VAL B 163 6.53 -4.87 -18.47
N HIS B 164 7.46 -5.81 -18.65
CA HIS B 164 7.15 -7.24 -18.68
C HIS B 164 8.04 -7.97 -17.69
N THR B 165 7.43 -8.55 -16.66
CA THR B 165 8.17 -9.39 -15.73
C THR B 165 7.78 -10.83 -15.99
N PHE B 166 8.77 -11.62 -16.39
CA PHE B 166 8.53 -12.98 -16.81
C PHE B 166 8.43 -13.94 -15.64
N PRO B 167 7.73 -15.05 -15.84
CA PRO B 167 7.69 -16.07 -14.80
C PRO B 167 9.06 -16.67 -14.56
N ALA B 168 9.30 -17.10 -13.33
CA ALA B 168 10.58 -17.69 -12.95
C ALA B 168 10.74 -19.05 -13.58
N VAL B 169 11.98 -19.39 -13.91
CA VAL B 169 12.30 -20.75 -14.32
C VAL B 169 13.15 -21.40 -13.24
N LEU B 170 12.96 -22.70 -13.07
CA LEU B 170 13.79 -23.47 -12.17
C LEU B 170 14.97 -24.00 -12.96
N GLN B 171 16.17 -23.61 -12.55
CA GLN B 171 17.39 -24.04 -13.21
C GLN B 171 17.82 -25.43 -12.74
N SER B 172 18.71 -26.08 -13.48
CA SER B 172 19.18 -27.40 -13.12
C SER B 172 19.94 -27.37 -11.79
N SER B 173 20.37 -26.18 -11.39
CA SER B 173 21.05 -25.98 -10.12
C SER B 173 20.10 -26.10 -8.92
N GLY B 174 18.80 -26.06 -9.19
CA GLY B 174 17.81 -26.04 -8.13
C GLY B 174 17.46 -24.63 -7.66
N LEU B 175 18.06 -23.62 -8.30
CA LEU B 175 17.78 -22.22 -8.01
C LEU B 175 16.95 -21.60 -9.13
N TYR B 176 16.20 -20.55 -8.80
CA TYR B 176 15.32 -19.90 -9.76
C TYR B 176 16.00 -18.71 -10.45
N SER B 177 15.48 -18.37 -11.62
CA SER B 177 15.92 -17.19 -12.36
C SER B 177 14.74 -16.56 -13.09
N LEU B 178 14.72 -15.23 -13.16
CA LEU B 178 13.73 -14.54 -14.01
C LEU B 178 14.30 -13.23 -14.50
N SER B 179 13.68 -12.70 -15.55
CA SER B 179 14.02 -11.39 -16.06
C SER B 179 12.82 -10.49 -16.02
N SER B 180 13.09 -9.20 -15.85
CA SER B 180 12.08 -8.18 -15.97
C SER B 180 12.63 -7.14 -16.94
N VAL B 181 11.83 -6.78 -17.94
CA VAL B 181 12.26 -5.84 -18.97
C VAL B 181 11.26 -4.69 -19.08
N VAL B 182 11.68 -3.62 -19.72
CA VAL B 182 10.79 -2.52 -20.02
C VAL B 182 11.24 -1.87 -21.32
N THR B 183 10.28 -1.45 -22.14
CA THR B 183 10.61 -0.66 -23.32
C THR B 183 10.32 0.80 -23.04
N VAL B 184 11.24 1.66 -23.48
CA VAL B 184 11.16 3.10 -23.26
C VAL B 184 11.61 3.84 -24.50
N PRO B 185 11.33 5.16 -24.57
CA PRO B 185 11.83 5.90 -25.72
C PRO B 185 13.35 5.92 -25.72
N SER B 186 13.96 5.74 -26.89
CA SER B 186 15.41 5.81 -27.02
C SER B 186 15.92 7.17 -26.57
N SER B 187 15.14 8.21 -26.83
CA SER B 187 15.50 9.57 -26.49
C SER B 187 15.49 9.81 -24.97
N SER B 188 14.98 8.85 -24.20
CA SER B 188 14.90 9.01 -22.75
C SER B 188 16.16 8.49 -22.05
N LEU B 189 16.93 7.66 -22.75
CA LEU B 189 18.15 7.11 -22.17
C LEU B 189 19.11 8.25 -21.85
N GLY B 190 19.72 8.22 -20.66
CA GLY B 190 20.67 9.25 -20.31
C GLY B 190 20.05 10.55 -19.82
N THR B 191 18.71 10.63 -19.87
CA THR B 191 18.01 11.78 -19.29
C THR B 191 17.06 11.28 -18.20
N GLN B 192 16.53 10.10 -18.39
CA GLN B 192 15.72 9.43 -17.39
C GLN B 192 16.54 8.37 -16.69
N THR B 193 16.22 8.10 -15.43
CA THR B 193 16.91 7.05 -14.69
C THR B 193 16.01 5.83 -14.54
N TYR B 194 16.59 4.64 -14.75
CA TYR B 194 15.84 3.39 -14.67
C TYR B 194 16.44 2.45 -13.64
N ILE B 195 15.65 2.14 -12.62
CA ILE B 195 16.10 1.32 -11.50
C ILE B 195 15.10 0.19 -11.27
N CYS B 196 15.59 -1.05 -11.22
CA CYS B 196 14.71 -2.16 -10.85
C CYS B 196 14.86 -2.47 -9.36
N ASN B 197 13.71 -2.61 -8.71
CA ASN B 197 13.63 -2.84 -7.27
C ASN B 197 13.25 -4.28 -7.06
N VAL B 198 14.17 -5.08 -6.52
CA VAL B 198 13.96 -6.51 -6.35
C VAL B 198 13.91 -6.86 -4.88
N ASN B 199 12.84 -7.54 -4.49
CA ASN B 199 12.61 -7.96 -3.11
C ASN B 199 12.47 -9.47 -3.06
N HIS B 200 13.20 -10.08 -2.13
CA HIS B 200 13.11 -11.51 -1.89
C HIS B 200 12.92 -11.72 -0.40
N LYS B 201 11.66 -11.76 0.02
CA LYS B 201 11.32 -11.77 1.43
C LYS B 201 11.87 -12.99 2.19
N PRO B 202 11.91 -14.18 1.56
CA PRO B 202 12.42 -15.35 2.29
C PRO B 202 13.84 -15.17 2.82
N SER B 203 14.66 -14.35 2.14
CA SER B 203 16.03 -14.10 2.57
C SER B 203 16.21 -12.68 3.10
N ASN B 204 15.12 -11.92 3.16
CA ASN B 204 15.16 -10.53 3.60
C ASN B 204 16.14 -9.71 2.76
N THR B 205 16.15 -9.99 1.45
CA THR B 205 17.00 -9.30 0.52
C THR B 205 16.19 -8.23 -0.22
N LYS B 206 16.76 -7.03 -0.30
CA LYS B 206 16.24 -5.96 -1.14
C LYS B 206 17.39 -5.40 -1.94
N VAL B 207 17.19 -5.31 -3.25
CA VAL B 207 18.21 -4.82 -4.16
C VAL B 207 17.60 -3.80 -5.11
N ASP B 208 18.22 -2.63 -5.19
CA ASP B 208 17.89 -1.65 -6.21
C ASP B 208 19.04 -1.61 -7.19
N LYS B 209 18.76 -1.84 -8.46
CA LYS B 209 19.81 -1.84 -9.48
C LYS B 209 19.53 -0.81 -10.55
N LYS B 210 20.41 0.19 -10.67
CA LYS B 210 20.29 1.15 -11.75
C LYS B 210 20.81 0.53 -13.03
N VAL B 211 20.01 0.61 -14.08
CA VAL B 211 20.37 0.01 -15.37
C VAL B 211 20.86 1.09 -16.33
N GLU B 212 22.10 0.93 -16.77
CA GLU B 212 22.76 1.94 -17.58
C GLU B 212 23.29 1.33 -18.87
N PRO B 213 23.45 2.15 -19.92
CA PRO B 213 24.15 1.65 -21.10
C PRO B 213 25.56 1.19 -20.73
N LYS B 214 26.08 0.17 -21.41
CA LYS B 214 27.45 -0.24 -21.16
C LYS B 214 28.41 0.68 -21.92
N SER B 215 29.57 0.94 -21.32
CA SER B 215 30.59 1.76 -21.96
C SER B 215 31.01 1.12 -23.28
N CYS B 216 30.98 1.91 -24.35
CA CYS B 216 31.29 1.38 -25.67
C CYS B 216 32.65 1.82 -26.18
N ASP B 217 33.29 2.80 -25.53
CA ASP B 217 34.62 3.20 -25.96
C ASP B 217 35.62 2.10 -25.66
N LYS B 218 36.53 1.87 -26.60
CA LYS B 218 37.57 0.87 -26.41
C LYS B 218 38.54 1.28 -25.31
N THR B 219 38.67 2.58 -25.09
CA THR B 219 39.68 3.09 -24.17
C THR B 219 39.17 3.31 -22.74
N HIS B 220 37.87 3.11 -22.53
CA HIS B 220 37.27 3.25 -21.20
C HIS B 220 36.67 1.93 -20.73
N ASP C 1 16.74 0.22 24.10
CA ASP C 1 17.32 1.56 24.39
C ASP C 1 16.32 2.42 25.16
N VAL C 2 16.84 3.37 25.93
CA VAL C 2 15.97 4.33 26.61
C VAL C 2 15.37 5.27 25.57
N VAL C 3 14.05 5.35 25.57
CA VAL C 3 13.33 6.24 24.68
C VAL C 3 13.15 7.58 25.37
N MET C 4 13.59 8.63 24.69
CA MET C 4 13.41 9.99 25.16
C MET C 4 12.32 10.66 24.35
N THR C 5 11.23 11.04 25.02
CA THR C 5 10.09 11.67 24.36
C THR C 5 9.96 13.14 24.72
N GLN C 6 9.96 14.00 23.71
CA GLN C 6 9.81 15.44 23.95
C GLN C 6 8.40 15.91 23.60
N SER C 7 7.91 16.90 24.35
CA SER C 7 6.60 17.49 24.09
C SER C 7 6.64 19.00 24.33
N PRO C 8 5.94 19.76 23.49
CA PRO C 8 5.27 19.31 22.26
C PRO C 8 6.27 19.11 21.12
N LEU C 9 5.83 18.66 19.94
CA LEU C 9 6.72 18.58 18.78
C LEU C 9 7.10 19.99 18.30
N SER C 10 6.16 20.90 18.42
CA SER C 10 6.35 22.28 18.02
C SER C 10 5.57 23.16 18.99
N LEU C 11 6.22 24.19 19.52
CA LEU C 11 5.59 25.08 20.50
C LEU C 11 5.50 26.51 19.97
N PRO C 12 4.28 26.99 19.70
CA PRO C 12 4.13 28.40 19.37
C PRO C 12 4.44 29.26 20.58
N VAL C 13 5.39 30.19 20.45
CA VAL C 13 5.74 31.08 21.57
C VAL C 13 5.55 32.53 21.18
N THR C 14 5.52 33.39 22.21
CA THR C 14 5.37 34.83 22.02
C THR C 14 6.58 35.52 22.62
N LEU C 15 7.21 36.41 21.85
CA LEU C 15 8.37 37.13 22.35
C LEU C 15 7.98 37.93 23.60
N GLY C 16 8.82 37.84 24.62
CA GLY C 16 8.59 38.57 25.86
C GLY C 16 7.83 37.77 26.91
N GLU C 17 7.34 36.59 26.52
CA GLU C 17 6.57 35.74 27.41
C GLU C 17 7.31 34.43 27.68
N PRO C 18 6.96 33.75 28.78
CA PRO C 18 7.70 32.52 29.11
C PRO C 18 7.35 31.35 28.19
N ALA C 19 8.20 30.33 28.20
CA ALA C 19 7.91 29.08 27.52
C ALA C 19 8.43 27.91 28.33
N SER C 20 7.76 26.77 28.21
CA SER C 20 8.15 25.55 28.91
C SER C 20 8.05 24.36 27.98
N ILE C 21 9.06 23.50 27.98
CA ILE C 21 9.01 22.26 27.22
C ILE C 21 9.43 21.07 28.08
N SER C 22 9.02 19.87 27.68
CA SER C 22 9.25 18.70 28.52
C SER C 22 9.96 17.56 27.81
N CYS C 23 10.53 16.68 28.61
CA CYS C 23 11.29 15.52 28.16
C CYS C 23 10.95 14.38 29.09
N ARG C 24 10.48 13.27 28.53
CA ARG C 24 10.17 12.07 29.30
C ARG C 24 11.13 10.94 28.90
N SER C 25 11.64 10.22 29.89
CA SER C 25 12.43 9.03 29.59
C SER C 25 11.62 7.80 29.94
N SER C 26 11.87 6.72 29.21
CA SER C 26 11.10 5.50 29.39
C SER C 26 11.46 4.75 30.68
N GLN C 27 12.62 5.08 31.26
CA GLN C 27 12.97 4.57 32.58
C GLN C 27 13.79 5.61 33.33
N SER C 28 13.90 5.47 34.64
CA SER C 28 14.61 6.45 35.43
C SER C 28 16.03 6.72 34.92
N LEU C 29 16.42 7.98 34.92
CA LEU C 29 17.76 8.37 34.51
C LEU C 29 18.68 8.59 35.72
N VAL C 30 18.23 8.20 36.91
CA VAL C 30 19.10 8.25 38.08
C VAL C 30 20.13 7.14 37.98
N HIS C 31 21.39 7.51 37.88
CA HIS C 31 22.50 6.57 37.78
C HIS C 31 22.76 5.92 39.15
N SER C 32 23.32 4.71 39.13
CA SER C 32 23.56 3.97 40.36
C SER C 32 24.52 4.70 41.30
N TYR C 33 25.36 5.56 40.74
CA TYR C 33 26.33 6.30 41.54
C TYR C 33 25.79 7.66 41.98
N GLY C 34 24.58 8.01 41.55
CA GLY C 34 23.85 9.11 42.15
C GLY C 34 23.41 10.23 41.23
N ASP C 35 24.17 10.51 40.17
CA ASP C 35 23.86 11.64 39.29
C ASP C 35 22.75 11.28 38.29
N THR C 36 22.10 12.29 37.75
CA THR C 36 21.14 12.12 36.68
C THR C 36 21.66 12.79 35.43
N TYR C 37 22.07 11.98 34.46
CA TYR C 37 22.75 12.50 33.27
C TYR C 37 21.74 12.87 32.18
N LEU C 38 20.99 13.93 32.45
CA LEU C 38 19.96 14.45 31.57
C LEU C 38 20.32 15.89 31.21
N HIS C 39 20.43 16.19 29.92
CA HIS C 39 20.91 17.49 29.47
C HIS C 39 20.00 18.07 28.40
N TRP C 40 20.08 19.38 28.22
CA TRP C 40 19.29 20.09 27.23
C TRP C 40 20.18 20.90 26.29
N TYR C 41 19.77 20.95 25.02
CA TYR C 41 20.52 21.64 23.97
C TYR C 41 19.59 22.48 23.11
N LEU C 42 20.15 23.52 22.49
CA LEU C 42 19.48 24.29 21.46
C LEU C 42 20.27 24.20 20.17
N GLN C 43 19.59 23.88 19.08
CA GLN C 43 20.21 23.85 17.76
C GLN C 43 19.49 24.78 16.79
N LYS C 44 20.26 25.63 16.13
CA LYS C 44 19.74 26.47 15.06
C LYS C 44 20.11 25.87 13.70
N PRO C 45 19.38 26.25 12.64
CA PRO C 45 19.54 25.58 11.35
C PRO C 45 20.98 25.61 10.81
N GLY C 46 21.50 24.44 10.45
CA GLY C 46 22.83 24.32 9.89
C GLY C 46 23.96 24.36 10.90
N GLN C 47 23.62 24.69 12.15
CA GLN C 47 24.60 24.83 13.20
C GLN C 47 24.58 23.62 14.12
N SER C 48 25.58 23.51 14.99
CA SER C 48 25.63 22.36 15.88
C SER C 48 24.80 22.63 17.12
N PRO C 49 24.30 21.57 17.77
CA PRO C 49 23.63 21.74 19.05
C PRO C 49 24.57 22.40 20.06
N LYS C 50 24.02 23.27 20.88
CA LYS C 50 24.76 23.91 21.96
C LYS C 50 24.16 23.52 23.29
N LEU C 51 25.01 23.14 24.23
CA LEU C 51 24.57 22.74 25.56
C LEU C 51 24.00 23.95 26.33
N LEU C 52 22.82 23.77 26.91
CA LEU C 52 22.17 24.80 27.72
C LEU C 52 22.22 24.47 29.20
N ILE C 53 21.77 23.27 29.50
CA ILE C 53 21.59 22.80 30.87
C ILE C 53 22.17 21.40 30.98
N TYR C 54 23.03 21.17 31.97
CA TYR C 54 23.54 19.83 32.20
C TYR C 54 23.08 19.27 33.53
N LYS C 55 22.93 17.95 33.56
CA LYS C 55 22.52 17.21 34.75
C LYS C 55 21.30 17.88 35.39
N VAL C 56 20.25 17.97 34.59
CA VAL C 56 18.90 18.40 34.95
C VAL C 56 18.75 19.91 35.13
N SER C 57 19.61 20.53 35.93
CA SER C 57 19.35 21.89 36.44
C SER C 57 20.54 22.84 36.45
N ASN C 58 21.70 22.40 35.96
CA ASN C 58 22.90 23.23 36.01
C ASN C 58 23.06 24.02 34.71
N ARG C 59 23.00 25.34 34.82
CA ARG C 59 23.16 26.18 33.64
C ARG C 59 24.63 26.20 33.17
N PHE C 60 24.84 25.87 31.91
CA PHE C 60 26.18 25.80 31.33
C PHE C 60 26.75 27.21 31.22
N SER C 61 28.07 27.33 31.39
CA SER C 61 28.74 28.62 31.34
C SER C 61 28.42 29.31 30.02
N GLY C 62 28.04 30.59 30.11
CA GLY C 62 27.75 31.39 28.93
C GLY C 62 26.29 31.40 28.50
N VAL C 63 25.50 30.49 29.07
CA VAL C 63 24.09 30.38 28.70
C VAL C 63 23.32 31.52 29.36
N PRO C 64 22.40 32.15 28.63
CA PRO C 64 21.63 33.24 29.25
C PRO C 64 20.90 32.83 30.53
N ASP C 65 20.76 33.76 31.47
CA ASP C 65 20.15 33.45 32.76
C ASP C 65 18.63 33.23 32.64
N ARG C 66 18.10 33.33 31.43
CA ARG C 66 16.69 33.09 31.19
C ARG C 66 16.34 31.60 31.10
N PHE C 67 17.35 30.74 31.01
CA PHE C 67 17.15 29.29 30.91
C PHE C 67 17.33 28.64 32.26
N SER C 68 16.43 27.71 32.57
CA SER C 68 16.55 26.90 33.79
C SER C 68 15.94 25.53 33.51
N GLY C 69 16.36 24.54 34.28
CA GLY C 69 15.87 23.20 34.10
C GLY C 69 15.50 22.57 35.43
N SER C 70 14.53 21.66 35.39
CA SER C 70 14.10 20.97 36.60
C SER C 70 13.53 19.59 36.28
N GLY C 71 13.12 18.88 37.32
CA GLY C 71 12.51 17.58 37.17
C GLY C 71 13.33 16.51 37.86
N SER C 72 12.87 15.26 37.76
CA SER C 72 13.61 14.14 38.35
C SER C 72 13.11 12.81 37.81
N GLY C 73 13.97 11.81 37.88
CA GLY C 73 13.59 10.45 37.54
C GLY C 73 13.34 10.25 36.07
N THR C 74 12.08 10.39 35.67
CA THR C 74 11.67 10.20 34.28
C THR C 74 11.07 11.43 33.61
N ASP C 75 10.90 12.53 34.35
CA ASP C 75 10.23 13.69 33.76
C ASP C 75 10.96 14.99 34.05
N PHE C 76 11.21 15.73 32.98
CA PHE C 76 12.08 16.90 33.02
C PHE C 76 11.49 18.04 32.23
N THR C 77 11.82 19.26 32.65
CA THR C 77 11.26 20.46 32.06
C THR C 77 12.34 21.51 31.92
N LEU C 78 12.38 22.13 30.75
CA LEU C 78 13.23 23.26 30.48
C LEU C 78 12.33 24.47 30.42
N LYS C 79 12.68 25.52 31.16
CA LYS C 79 11.89 26.74 31.19
C LYS C 79 12.70 27.93 30.68
N ILE C 80 12.04 28.75 29.87
CA ILE C 80 12.59 30.02 29.40
C ILE C 80 11.73 31.11 30.04
N SER C 81 12.36 31.97 30.83
CA SER C 81 11.63 32.99 31.60
C SER C 81 10.94 33.99 30.69
N ARG C 82 11.59 34.26 29.56
CA ARG C 82 11.18 35.29 28.63
C ARG C 82 11.80 34.95 27.30
N VAL C 83 10.98 34.62 26.32
CA VAL C 83 11.51 34.23 25.02
C VAL C 83 12.02 35.43 24.24
N GLU C 84 13.22 35.27 23.68
CA GLU C 84 13.82 36.27 22.80
C GLU C 84 14.06 35.63 21.43
N THR C 85 14.25 36.45 20.40
CA THR C 85 14.41 35.93 19.04
C THR C 85 15.55 34.94 18.93
N GLU C 86 16.61 35.17 19.69
CA GLU C 86 17.78 34.29 19.64
C GLU C 86 17.50 32.90 20.21
N ASP C 87 16.34 32.72 20.85
CA ASP C 87 15.95 31.44 21.44
C ASP C 87 15.27 30.51 20.45
N LEU C 88 14.91 31.04 19.28
CA LEU C 88 14.16 30.25 18.31
C LEU C 88 15.05 29.19 17.65
N GLY C 89 14.54 27.97 17.61
CA GLY C 89 15.27 26.85 17.05
C GLY C 89 14.72 25.56 17.62
N VAL C 90 15.50 24.49 17.55
CA VAL C 90 15.07 23.18 18.03
C VAL C 90 15.82 22.80 19.31
N TYR C 91 15.04 22.44 20.32
CA TYR C 91 15.54 22.04 21.63
C TYR C 91 15.55 20.52 21.74
N TYR C 92 16.68 19.96 22.14
CA TYR C 92 16.84 18.52 22.34
C TYR C 92 17.14 18.22 23.81
N CYS C 93 16.66 17.06 24.28
CA CYS C 93 17.20 16.49 25.50
C CYS C 93 18.05 15.27 25.17
N SER C 94 18.96 14.90 26.06
CA SER C 94 19.69 13.63 25.91
C SER C 94 19.94 13.02 27.26
N GLN C 95 20.15 11.70 27.24
CA GLN C 95 20.59 11.00 28.43
C GLN C 95 21.83 10.17 28.16
N ASN C 96 22.75 10.17 29.12
CA ASN C 96 23.87 9.23 29.08
C ASN C 96 24.05 8.52 30.42
N THR C 97 22.94 8.29 31.10
CA THR C 97 22.93 7.38 32.25
C THR C 97 23.05 5.92 31.78
N HIS C 98 22.32 5.60 30.71
CA HIS C 98 22.22 4.23 30.19
C HIS C 98 22.83 4.12 28.80
N VAL C 99 23.48 2.99 28.52
CA VAL C 99 24.08 2.72 27.20
C VAL C 99 23.11 1.91 26.34
N PRO C 100 22.85 2.36 25.10
CA PRO C 100 23.42 3.52 24.41
C PRO C 100 22.83 4.84 24.87
N TYR C 101 23.65 5.88 24.85
CA TYR C 101 23.20 7.23 25.10
C TYR C 101 22.17 7.58 24.02
N THR C 102 21.10 8.26 24.39
CA THR C 102 20.04 8.56 23.44
C THR C 102 19.51 9.98 23.55
N PHE C 103 18.92 10.43 22.45
CA PHE C 103 18.39 11.78 22.32
C PHE C 103 16.88 11.78 22.14
N GLY C 104 16.23 12.82 22.65
CA GLY C 104 14.85 13.09 22.29
C GLY C 104 14.77 13.53 20.84
N GLY C 105 13.54 13.58 20.31
CA GLY C 105 13.32 13.88 18.90
C GLY C 105 13.24 15.36 18.57
N GLY C 106 13.32 16.21 19.59
CA GLY C 106 13.35 17.65 19.42
C GLY C 106 12.00 18.33 19.54
N THR C 107 12.03 19.54 20.11
CA THR C 107 10.87 20.44 20.15
C THR C 107 11.26 21.75 19.49
N LYS C 108 10.53 22.15 18.46
CA LYS C 108 10.83 23.38 17.74
C LYS C 108 10.03 24.54 18.32
N LEU C 109 10.72 25.63 18.65
CA LEU C 109 10.04 26.88 19.05
C LEU C 109 9.80 27.74 17.83
N GLU C 110 8.57 28.21 17.67
CA GLU C 110 8.20 29.03 16.52
C GLU C 110 7.36 30.18 17.02
N ILE C 111 7.33 31.27 16.25
CA ILE C 111 6.54 32.42 16.66
C ILE C 111 5.05 32.17 16.41
N LYS C 112 4.25 32.43 17.43
CA LYS C 112 2.80 32.37 17.28
C LYS C 112 2.29 33.58 16.51
N ARG C 113 1.41 33.35 15.56
CA ARG C 113 0.74 34.45 14.87
C ARG C 113 -0.68 34.03 14.50
N THR C 114 -1.41 34.92 13.85
CA THR C 114 -2.78 34.63 13.45
C THR C 114 -2.79 33.64 12.29
N VAL C 115 -3.89 32.94 12.12
CA VAL C 115 -4.05 32.03 10.99
C VAL C 115 -3.98 32.81 9.68
N ALA C 116 -3.26 32.23 8.73
CA ALA C 116 -3.16 32.79 7.38
C ALA C 116 -3.29 31.66 6.38
N ALA C 117 -4.29 31.80 5.49
CA ALA C 117 -4.52 30.80 4.46
C ALA C 117 -3.41 30.91 3.41
N PRO C 118 -3.05 29.77 2.80
CA PRO C 118 -2.04 29.87 1.74
C PRO C 118 -2.60 30.49 0.47
N SER C 119 -1.75 31.25 -0.23
CA SER C 119 -2.01 31.60 -1.62
C SER C 119 -1.49 30.42 -2.44
N VAL C 120 -2.33 29.86 -3.29
CA VAL C 120 -2.00 28.64 -4.00
C VAL C 120 -1.77 28.92 -5.48
N PHE C 121 -0.65 28.42 -6.01
CA PHE C 121 -0.31 28.63 -7.41
C PHE C 121 0.09 27.29 -8.02
N ILE C 122 -0.33 27.04 -9.26
CA ILE C 122 0.08 25.82 -9.95
C ILE C 122 0.86 26.19 -11.20
N PHE C 123 1.95 25.45 -11.43
CA PHE C 123 2.84 25.69 -12.57
C PHE C 123 2.92 24.44 -13.43
N PRO C 124 2.45 24.52 -14.69
CA PRO C 124 2.64 23.37 -15.57
C PRO C 124 4.12 23.17 -15.90
N PRO C 125 4.47 22.01 -16.48
CA PRO C 125 5.85 21.79 -16.88
C PRO C 125 6.25 22.76 -17.96
N SER C 126 7.49 23.20 -17.93
CA SER C 126 8.02 24.04 -19.00
C SER C 126 8.10 23.27 -20.31
N ASP C 127 8.00 23.97 -21.44
CA ASP C 127 8.17 23.32 -22.71
C ASP C 127 9.58 22.72 -22.81
N GLU C 128 10.55 23.40 -22.20
CA GLU C 128 11.93 22.93 -22.23
C GLU C 128 12.05 21.56 -21.59
N GLN C 129 11.43 21.37 -20.42
CA GLN C 129 11.49 20.09 -19.76
C GLN C 129 10.75 19.03 -20.57
N LEU C 130 9.59 19.38 -21.11
CA LEU C 130 8.79 18.42 -21.86
C LEU C 130 9.59 17.81 -23.01
N LYS C 131 10.42 18.64 -23.66
CA LYS C 131 11.34 18.13 -24.68
C LYS C 131 12.09 16.89 -24.23
N SER C 132 12.49 16.87 -22.96
CA SER C 132 13.45 15.88 -22.47
C SER C 132 12.80 14.56 -22.01
N GLY C 133 11.47 14.50 -22.02
CA GLY C 133 10.77 13.26 -21.72
C GLY C 133 10.14 13.17 -20.34
N THR C 134 10.21 14.25 -19.57
CA THR C 134 9.62 14.26 -18.23
C THR C 134 8.79 15.51 -18.04
N ALA C 135 7.76 15.39 -17.20
CA ALA C 135 6.90 16.50 -16.85
C ALA C 135 6.88 16.67 -15.33
N SER C 136 7.31 17.83 -14.85
CA SER C 136 7.19 18.17 -13.44
C SER C 136 6.13 19.25 -13.31
N VAL C 137 5.10 18.99 -12.51
CA VAL C 137 4.06 19.95 -12.23
C VAL C 137 4.25 20.42 -10.80
N VAL C 138 4.26 21.74 -10.59
CA VAL C 138 4.55 22.27 -9.24
C VAL C 138 3.38 23.06 -8.68
N CYS C 139 3.09 22.76 -7.42
CA CYS C 139 2.07 23.46 -6.65
C CYS C 139 2.77 24.21 -5.52
N LEU C 140 2.53 25.52 -5.44
CA LEU C 140 3.11 26.38 -4.42
C LEU C 140 2.03 26.85 -3.47
N LEU C 141 2.24 26.61 -2.17
CA LEU C 141 1.40 27.14 -1.11
C LEU C 141 2.21 28.21 -0.42
N ASN C 142 1.82 29.47 -0.58
CA ASN C 142 2.66 30.56 -0.12
C ASN C 142 2.14 31.28 1.11
N ASN C 143 3.04 31.43 2.07
CA ASN C 143 2.87 32.29 3.23
C ASN C 143 1.64 31.97 4.06
N PHE C 144 1.64 30.79 4.66
CA PHE C 144 0.51 30.36 5.47
C PHE C 144 0.92 30.06 6.92
N TYR C 145 -0.08 30.01 7.79
CA TYR C 145 0.14 29.68 9.19
C TYR C 145 -1.16 29.11 9.74
N PRO C 146 -1.09 28.00 10.51
CA PRO C 146 0.08 27.23 10.94
C PRO C 146 0.66 26.32 9.86
N ARG C 147 1.73 25.61 10.20
CA ARG C 147 2.52 24.86 9.24
C ARG C 147 1.75 23.68 8.61
N GLU C 148 0.78 23.14 9.34
CA GLU C 148 0.07 21.95 8.88
C GLU C 148 -0.74 22.26 7.64
N ALA C 149 -0.55 21.45 6.61
CA ALA C 149 -1.25 21.64 5.35
C ALA C 149 -1.23 20.32 4.58
N LYS C 150 -2.22 20.12 3.72
CA LYS C 150 -2.28 18.91 2.91
C LYS C 150 -2.41 19.27 1.44
N VAL C 151 -1.61 18.63 0.60
CA VAL C 151 -1.72 18.79 -0.85
C VAL C 151 -2.04 17.44 -1.45
N GLN C 152 -3.11 17.39 -2.24
CA GLN C 152 -3.42 16.19 -3.02
C GLN C 152 -3.45 16.54 -4.51
N TRP C 153 -2.78 15.71 -5.31
CA TRP C 153 -2.78 15.87 -6.75
C TRP C 153 -3.90 15.06 -7.40
N LYS C 154 -4.57 15.65 -8.39
CA LYS C 154 -5.53 14.93 -9.21
C LYS C 154 -5.22 15.19 -10.68
N VAL C 155 -5.25 14.13 -11.49
CA VAL C 155 -5.15 14.28 -12.94
C VAL C 155 -6.40 13.66 -13.56
N ASP C 156 -7.10 14.45 -14.36
CA ASP C 156 -8.45 14.11 -14.84
C ASP C 156 -9.30 13.55 -13.70
N ASN C 157 -9.26 14.24 -12.56
CA ASN C 157 -10.04 13.91 -11.37
C ASN C 157 -9.63 12.62 -10.66
N ALA C 158 -8.56 11.99 -11.12
CA ALA C 158 -8.05 10.78 -10.47
C ALA C 158 -7.00 11.14 -9.41
N LEU C 159 -7.25 10.75 -8.17
CA LEU C 159 -6.33 11.04 -7.08
C LEU C 159 -4.99 10.33 -7.29
N GLN C 160 -3.92 11.09 -7.20
CA GLN C 160 -2.58 10.57 -7.42
C GLN C 160 -1.97 10.04 -6.14
N SER C 161 -1.04 9.12 -6.26
CA SER C 161 -0.34 8.59 -5.10
C SER C 161 1.04 8.06 -5.48
N GLY C 162 2.04 8.44 -4.69
CA GLY C 162 3.39 7.92 -4.85
C GLY C 162 4.26 8.62 -5.87
N ASN C 163 3.70 9.61 -6.57
CA ASN C 163 4.45 10.32 -7.63
C ASN C 163 4.60 11.81 -7.34
N SER C 164 4.55 12.17 -6.05
CA SER C 164 4.82 13.54 -5.64
C SER C 164 5.76 13.58 -4.44
N GLN C 165 6.48 14.69 -4.33
CA GLN C 165 7.30 14.98 -3.15
C GLN C 165 7.10 16.43 -2.79
N GLU C 166 7.24 16.75 -1.51
CA GLU C 166 7.11 18.13 -1.06
C GLU C 166 8.17 18.51 -0.04
N SER C 167 8.36 19.82 0.12
CA SER C 167 9.16 20.31 1.22
C SER C 167 8.64 21.68 1.65
N VAL C 168 9.07 22.08 2.84
CA VAL C 168 8.53 23.24 3.50
C VAL C 168 9.70 24.11 3.97
N THR C 169 9.53 25.43 3.89
CA THR C 169 10.52 26.37 4.40
C THR C 169 10.46 26.47 5.91
N GLU C 170 11.52 26.99 6.51
CA GLU C 170 11.50 27.38 7.91
C GLU C 170 10.63 28.60 8.05
N GLN C 171 10.21 28.87 9.29
CA GLN C 171 9.31 29.98 9.53
C GLN C 171 9.97 31.29 9.09
N ASP C 172 9.23 32.12 8.35
CA ASP C 172 9.77 33.40 7.88
C ASP C 172 10.06 34.35 9.02
N SER C 173 11.22 34.98 8.97
CA SER C 173 11.67 35.87 10.03
C SER C 173 10.87 37.17 10.10
N LYS C 174 10.26 37.56 8.98
CA LYS C 174 9.51 38.81 8.92
C LYS C 174 8.02 38.65 9.25
N ASP C 175 7.33 37.69 8.62
CA ASP C 175 5.89 37.55 8.82
C ASP C 175 5.48 36.24 9.52
N SER C 176 6.45 35.43 9.91
CA SER C 176 6.21 34.23 10.71
C SER C 176 5.34 33.18 10.02
N THR C 177 5.31 33.20 8.69
CA THR C 177 4.59 32.20 7.90
C THR C 177 5.51 31.10 7.37
N TYR C 178 4.87 30.08 6.78
CA TYR C 178 5.53 28.97 6.11
C TYR C 178 5.12 28.96 4.65
N SER C 179 5.92 28.31 3.81
CA SER C 179 5.55 28.06 2.42
C SER C 179 5.92 26.63 2.09
N LEU C 180 5.21 26.06 1.12
CA LEU C 180 5.34 24.65 0.80
C LEU C 180 5.33 24.50 -0.70
N SER C 181 6.17 23.60 -1.21
CA SER C 181 6.25 23.32 -2.62
C SER C 181 6.04 21.83 -2.81
N SER C 182 5.13 21.45 -3.71
CA SER C 182 4.92 20.05 -4.03
C SER C 182 5.12 19.82 -5.51
N THR C 183 5.85 18.76 -5.87
CA THR C 183 6.13 18.47 -7.27
C THR C 183 5.54 17.12 -7.65
N LEU C 184 4.74 17.13 -8.71
CA LEU C 184 4.20 15.91 -9.31
C LEU C 184 5.05 15.59 -10.52
N THR C 185 5.56 14.36 -10.58
CA THR C 185 6.41 13.94 -11.68
C THR C 185 5.76 12.85 -12.50
N LEU C 186 5.70 13.07 -13.81
CA LEU C 186 5.17 12.10 -14.76
C LEU C 186 6.07 12.00 -15.98
N SER C 187 6.00 10.87 -16.68
CA SER C 187 6.67 10.77 -17.97
C SER C 187 5.95 11.70 -18.95
N LYS C 188 6.64 12.17 -19.96
CA LYS C 188 6.00 12.97 -20.99
C LYS C 188 4.81 12.23 -21.61
N ALA C 189 4.98 10.95 -21.90
CA ALA C 189 3.90 10.17 -22.51
C ALA C 189 2.65 10.21 -21.65
N ASP C 190 2.82 9.95 -20.36
CA ASP C 190 1.70 10.01 -19.40
C ASP C 190 1.06 11.39 -19.35
N TYR C 191 1.91 12.41 -19.28
CA TYR C 191 1.42 13.77 -19.16
C TYR C 191 0.49 14.11 -20.32
N GLU C 192 0.80 13.57 -21.50
CA GLU C 192 0.02 13.85 -22.70
C GLU C 192 -1.23 12.99 -22.81
N LYS C 193 -1.36 12.01 -21.93
CA LYS C 193 -2.55 11.16 -21.93
C LYS C 193 -3.70 11.76 -21.14
N HIS C 194 -3.48 12.91 -20.52
CA HIS C 194 -4.52 13.53 -19.68
C HIS C 194 -4.63 15.04 -19.89
N LYS C 195 -5.76 15.61 -19.45
CA LYS C 195 -6.11 16.99 -19.72
C LYS C 195 -5.99 17.90 -18.49
N VAL C 196 -6.69 17.53 -17.42
CA VAL C 196 -6.80 18.39 -16.25
C VAL C 196 -5.81 18.03 -15.15
N TYR C 197 -5.00 19.01 -14.77
CA TYR C 197 -4.03 18.85 -13.70
C TYR C 197 -4.35 19.78 -12.55
N ALA C 198 -4.54 19.19 -11.37
CA ALA C 198 -5.04 19.95 -10.24
C ALA C 198 -4.33 19.58 -8.95
N CYS C 199 -4.06 20.57 -8.13
CA CYS C 199 -3.62 20.31 -6.77
C CYS C 199 -4.68 20.87 -5.84
N GLU C 200 -5.05 20.05 -4.86
CA GLU C 200 -6.12 20.34 -3.94
C GLU C 200 -5.48 20.57 -2.59
N VAL C 201 -5.78 21.73 -1.99
CA VAL C 201 -5.11 22.15 -0.78
C VAL C 201 -6.08 22.24 0.39
N THR C 202 -5.69 21.61 1.51
CA THR C 202 -6.41 21.68 2.76
C THR C 202 -5.58 22.45 3.78
N HIS C 203 -6.21 23.40 4.46
CA HIS C 203 -5.53 24.19 5.47
C HIS C 203 -6.55 24.85 6.38
N GLN C 204 -6.16 25.07 7.64
CA GLN C 204 -7.06 25.64 8.64
C GLN C 204 -7.68 26.98 8.22
N GLY C 205 -6.98 27.74 7.39
CA GLY C 205 -7.45 29.07 7.02
C GLY C 205 -8.44 29.04 5.87
N LEU C 206 -8.66 27.86 5.34
CA LEU C 206 -9.65 27.61 4.29
C LEU C 206 -10.86 26.91 4.86
N SER C 207 -12.06 27.27 4.40
CA SER C 207 -13.29 26.66 4.91
C SER C 207 -13.55 25.34 4.20
N SER C 208 -12.92 25.18 3.05
CA SER C 208 -13.07 23.98 2.24
C SER C 208 -11.81 23.85 1.40
N PRO C 209 -11.44 22.63 1.01
CA PRO C 209 -10.23 22.51 0.18
C PRO C 209 -10.33 23.34 -1.09
N VAL C 210 -9.23 24.03 -1.40
CA VAL C 210 -9.15 24.85 -2.60
C VAL C 210 -8.43 24.08 -3.68
N THR C 211 -8.96 24.12 -4.89
CA THR C 211 -8.30 23.48 -6.03
C THR C 211 -7.78 24.53 -7.01
N LYS C 212 -6.52 24.38 -7.40
CA LYS C 212 -5.95 25.17 -8.48
C LYS C 212 -5.60 24.20 -9.59
N SER C 213 -5.96 24.54 -10.82
CA SER C 213 -5.78 23.61 -11.92
C SER C 213 -5.52 24.32 -13.23
N PHE C 214 -5.02 23.56 -14.19
CA PHE C 214 -4.88 24.03 -15.55
C PHE C 214 -5.27 22.91 -16.50
N ASN C 215 -5.60 23.29 -17.72
CA ASN C 215 -5.82 22.35 -18.80
C ASN C 215 -4.58 22.29 -19.65
N ARG C 216 -4.09 21.07 -19.88
CA ARG C 216 -2.86 20.86 -20.60
C ARG C 216 -2.85 21.56 -21.96
N GLY C 217 -1.95 22.52 -22.13
CA GLY C 217 -1.71 23.15 -23.42
C GLY C 217 -2.38 24.49 -23.63
N GLU C 218 -3.37 24.81 -22.80
CA GLU C 218 -4.10 26.05 -22.94
C GLU C 218 -3.93 26.94 -21.71
N CYS C 219 -3.99 28.25 -21.92
CA CYS C 219 -3.80 29.22 -20.85
C CYS C 219 -5.13 29.75 -20.34
N GLU D 1 39.50 27.63 25.46
CA GLU D 1 38.35 26.70 25.33
C GLU D 1 38.60 25.70 24.22
N VAL D 2 38.10 24.48 24.41
CA VAL D 2 38.30 23.42 23.44
C VAL D 2 37.59 23.75 22.13
N GLN D 3 38.24 23.38 21.03
CA GLN D 3 37.70 23.52 19.69
C GLN D 3 37.81 22.16 19.03
N LEU D 4 36.77 21.76 18.30
CA LEU D 4 36.78 20.49 17.57
C LEU D 4 36.45 20.75 16.12
N GLN D 5 37.12 20.05 15.21
CA GLN D 5 36.82 20.17 13.78
C GLN D 5 36.84 18.80 13.08
N GLU D 6 35.69 18.44 12.53
CA GLU D 6 35.53 17.23 11.73
C GLU D 6 36.05 17.42 10.32
N SER D 7 36.61 16.36 9.74
CA SER D 7 36.91 16.34 8.32
C SER D 7 36.55 14.97 7.79
N GLY D 8 36.05 14.93 6.56
CA GLY D 8 35.59 13.69 5.97
C GLY D 8 35.61 13.80 4.46
N PRO D 9 35.29 12.70 3.75
CA PRO D 9 35.35 12.63 2.29
C PRO D 9 34.16 13.28 1.58
N GLY D 10 33.10 13.57 2.32
CA GLY D 10 31.90 14.16 1.76
C GLY D 10 30.97 13.14 1.10
N LEU D 11 31.56 12.28 0.29
CA LEU D 11 30.82 11.25 -0.44
C LEU D 11 31.55 9.91 -0.34
N VAL D 12 30.79 8.85 -0.09
CA VAL D 12 31.29 7.48 -0.17
C VAL D 12 30.23 6.60 -0.80
N LYS D 13 30.64 5.47 -1.38
CA LYS D 13 29.72 4.58 -2.05
C LYS D 13 29.26 3.46 -1.13
N PRO D 14 28.05 2.95 -1.35
CA PRO D 14 27.59 1.79 -0.57
C PRO D 14 28.60 0.63 -0.57
N SER D 15 28.75 0.04 0.61
CA SER D 15 29.62 -1.12 0.88
C SER D 15 31.05 -0.70 1.26
N GLN D 16 31.37 0.58 1.05
CA GLN D 16 32.70 1.09 1.36
C GLN D 16 32.80 1.40 2.85
N THR D 17 34.01 1.75 3.28
CA THR D 17 34.25 2.12 4.67
C THR D 17 34.44 3.63 4.80
N LEU D 18 33.68 4.24 5.70
CA LEU D 18 33.78 5.66 5.99
C LEU D 18 34.86 5.92 7.02
N SER D 19 35.74 6.88 6.75
CA SER D 19 36.75 7.31 7.71
C SER D 19 36.65 8.82 7.95
N LEU D 20 36.49 9.21 9.21
CA LEU D 20 36.40 10.61 9.59
C LEU D 20 37.49 10.95 10.59
N THR D 21 37.88 12.22 10.61
CA THR D 21 38.87 12.73 11.55
C THR D 21 38.28 13.88 12.36
N CYS D 22 38.60 13.89 13.65
CA CYS D 22 38.30 15.03 14.50
C CYS D 22 39.60 15.60 15.02
N ALA D 23 39.90 16.84 14.64
CA ALA D 23 41.08 17.55 15.14
C ALA D 23 40.66 18.41 16.33
N VAL D 24 41.37 18.23 17.44
CA VAL D 24 41.05 18.94 18.67
C VAL D 24 42.13 19.96 18.99
N SER D 25 41.71 21.14 19.42
CA SER D 25 42.63 22.18 19.86
C SER D 25 42.12 22.81 21.15
N GLY D 26 43.02 23.39 21.94
CA GLY D 26 42.66 24.07 23.17
C GLY D 26 42.47 23.10 24.33
N SER D 27 42.66 21.82 24.05
CA SER D 27 42.57 20.79 25.07
C SER D 27 43.32 19.56 24.59
N SER D 28 43.76 18.72 25.53
CA SER D 28 44.48 17.50 25.18
C SER D 28 43.55 16.29 25.25
N ILE D 29 43.61 15.42 24.24
CA ILE D 29 42.71 14.28 24.22
C ILE D 29 43.08 13.22 25.26
N THR D 30 44.24 13.40 25.90
CA THR D 30 44.69 12.49 26.95
C THR D 30 44.31 12.98 28.36
N TYR D 31 43.66 14.13 28.43
CA TYR D 31 43.10 14.60 29.69
C TYR D 31 41.64 14.13 29.81
N GLY D 32 41.07 14.27 30.99
CA GLY D 32 39.86 13.55 31.34
C GLY D 32 38.58 13.97 30.63
N TYR D 33 38.55 13.83 29.31
CA TYR D 33 37.35 14.10 28.54
C TYR D 33 36.92 12.83 27.79
N HIS D 34 35.63 12.70 27.52
CA HIS D 34 35.10 11.63 26.68
C HIS D 34 34.93 12.16 25.28
N TRP D 35 35.58 11.54 24.31
CA TRP D 35 35.56 12.06 22.94
C TRP D 35 34.55 11.29 22.11
N ASN D 36 33.40 11.93 21.89
CA ASN D 36 32.24 11.30 21.27
C ASN D 36 32.12 11.57 19.80
N TRP D 37 31.55 10.59 19.09
CA TRP D 37 30.99 10.77 17.77
C TRP D 37 29.47 10.66 17.86
N ILE D 38 28.78 11.56 17.17
CA ILE D 38 27.33 11.65 17.15
C ILE D 38 26.96 11.93 15.71
N ARG D 39 25.86 11.39 15.21
CA ARG D 39 25.39 11.79 13.89
C ARG D 39 23.93 12.26 13.88
N GLN D 40 23.63 13.12 12.91
CA GLN D 40 22.30 13.67 12.76
C GLN D 40 21.81 13.35 11.36
N PHE D 41 20.74 12.58 11.28
CA PHE D 41 20.22 12.14 10.01
C PHE D 41 19.46 13.23 9.30
N PRO D 42 19.25 13.07 7.98
CA PRO D 42 18.30 13.97 7.33
C PRO D 42 16.95 13.82 8.04
N GLY D 43 16.28 14.92 8.32
CA GLY D 43 15.06 14.84 9.10
C GLY D 43 15.32 15.11 10.57
N ASN D 44 16.61 15.11 10.93
CA ASN D 44 17.18 15.72 12.14
C ASN D 44 17.28 14.86 13.42
N LYS D 45 16.95 13.57 13.34
CA LYS D 45 17.16 12.73 14.51
C LYS D 45 18.65 12.56 14.83
N LEU D 46 18.97 12.55 16.12
CA LEU D 46 20.34 12.43 16.59
C LEU D 46 20.61 11.04 17.13
N GLU D 47 21.78 10.51 16.81
CA GLU D 47 22.22 9.20 17.28
C GLU D 47 23.65 9.24 17.81
N TRP D 48 23.83 8.76 19.03
CA TRP D 48 25.16 8.62 19.61
C TRP D 48 25.83 7.40 19.02
N ILE D 49 27.08 7.57 18.58
CA ILE D 49 27.81 6.50 17.92
C ILE D 49 28.75 5.77 18.89
N GLY D 50 29.54 6.54 19.62
CA GLY D 50 30.48 5.96 20.57
C GLY D 50 31.45 7.01 21.09
N TYR D 51 32.28 6.62 22.07
CA TYR D 51 33.40 7.48 22.43
C TYR D 51 34.71 6.72 22.56
N ILE D 52 35.79 7.51 22.58
CA ILE D 52 37.08 7.03 23.04
C ILE D 52 37.49 7.93 24.21
N SER D 53 38.07 7.30 25.22
CA SER D 53 38.40 7.98 26.46
C SER D 53 39.85 8.47 26.49
N TYR D 54 40.21 9.10 27.59
CA TYR D 54 41.54 9.69 27.77
C TYR D 54 42.66 8.66 27.60
N ASP D 55 42.37 7.40 27.92
CA ASP D 55 43.38 6.33 27.86
C ASP D 55 43.21 5.39 26.66
N GLY D 56 42.37 5.78 25.71
CA GLY D 56 42.18 4.99 24.49
C GLY D 56 41.11 3.93 24.61
N SER D 57 40.47 3.82 25.77
CA SER D 57 39.33 2.91 25.97
C SER D 57 38.14 3.35 25.15
N VAL D 58 37.30 2.40 24.71
CA VAL D 58 36.18 2.74 23.84
C VAL D 58 34.88 2.16 24.35
N LEU D 59 33.80 2.79 23.91
CA LEU D 59 32.43 2.34 24.17
C LEU D 59 31.61 2.71 22.96
N TYR D 60 30.88 1.74 22.42
CA TYR D 60 30.09 1.97 21.21
C TYR D 60 28.61 1.75 21.43
N ASN D 61 27.80 2.37 20.59
CA ASN D 61 26.39 2.05 20.48
C ASN D 61 26.24 0.60 20.00
N PRO D 62 25.60 -0.25 20.81
CA PRO D 62 25.47 -1.66 20.42
C PRO D 62 24.85 -1.89 19.04
N SER D 63 24.01 -0.99 18.55
CA SER D 63 23.39 -1.19 17.24
C SER D 63 24.37 -0.97 16.09
N LEU D 64 25.53 -0.38 16.41
CA LEU D 64 26.59 -0.14 15.43
C LEU D 64 27.90 -0.86 15.74
N GLU D 65 27.94 -1.57 16.87
CA GLU D 65 29.21 -2.02 17.43
C GLU D 65 29.99 -2.95 16.49
N ASN D 66 29.31 -3.56 15.52
CA ASN D 66 29.98 -4.47 14.59
C ASN D 66 30.62 -3.76 13.40
N ARG D 67 30.24 -2.50 13.20
CA ARG D 67 30.70 -1.72 12.05
C ARG D 67 31.55 -0.53 12.43
N VAL D 68 31.62 -0.21 13.73
CA VAL D 68 32.25 1.02 14.19
C VAL D 68 33.59 0.75 14.83
N THR D 69 34.54 1.64 14.57
CA THR D 69 35.82 1.62 15.29
C THR D 69 36.16 3.06 15.61
N ILE D 70 36.55 3.35 16.84
CA ILE D 70 37.03 4.68 17.19
C ILE D 70 38.47 4.51 17.63
N THR D 71 39.36 5.33 17.07
CA THR D 71 40.78 5.27 17.38
C THR D 71 41.29 6.69 17.61
N ARG D 72 42.57 6.82 17.94
CA ARG D 72 43.13 8.16 18.19
C ARG D 72 44.61 8.26 17.79
N ASP D 73 45.09 9.49 17.66
CA ASP D 73 46.50 9.78 17.45
C ASP D 73 46.88 10.89 18.41
N THR D 74 47.57 10.53 19.49
CA THR D 74 47.85 11.49 20.54
C THR D 74 48.88 12.51 20.10
N SER D 75 49.76 12.15 19.17
CA SER D 75 50.79 13.07 18.71
C SER D 75 50.19 14.20 17.87
N LYS D 76 49.04 13.91 17.25
CA LYS D 76 48.32 14.89 16.45
C LYS D 76 47.14 15.50 17.21
N ASN D 77 46.83 14.95 18.38
CA ASN D 77 45.65 15.35 19.14
C ASN D 77 44.37 15.22 18.31
N GLN D 78 44.24 14.08 17.65
CA GLN D 78 43.10 13.74 16.82
C GLN D 78 42.46 12.44 17.25
N PHE D 79 41.17 12.27 16.97
CA PHE D 79 40.58 10.96 17.05
C PHE D 79 39.73 10.73 15.81
N PHE D 80 39.37 9.46 15.60
CA PHE D 80 38.91 8.99 14.30
C PHE D 80 37.70 8.10 14.44
N LEU D 81 36.87 8.12 13.40
CA LEU D 81 35.76 7.20 13.27
C LEU D 81 35.94 6.38 12.00
N LYS D 82 35.78 5.07 12.14
CA LYS D 82 35.68 4.18 10.99
C LYS D 82 34.32 3.50 11.06
N LEU D 83 33.59 3.55 9.95
CA LEU D 83 32.29 2.89 9.85
C LEU D 83 32.27 2.04 8.60
N SER D 84 32.22 0.72 8.77
CA SER D 84 32.30 -0.18 7.61
C SER D 84 30.94 -0.50 7.00
N SER D 85 30.98 -1.09 5.81
CA SER D 85 29.81 -1.54 5.07
C SER D 85 28.67 -0.52 5.08
N VAL D 86 28.96 0.69 4.67
CA VAL D 86 27.95 1.74 4.75
C VAL D 86 26.85 1.51 3.73
N THR D 87 25.67 2.03 4.04
CA THR D 87 24.58 2.07 3.09
C THR D 87 24.03 3.48 3.07
N ALA D 88 23.05 3.72 2.20
CA ALA D 88 22.44 5.04 2.12
C ALA D 88 21.92 5.52 3.47
N GLU D 89 21.53 4.58 4.32
CA GLU D 89 21.02 4.91 5.65
C GLU D 89 22.06 5.54 6.57
N ASP D 90 23.33 5.48 6.18
CA ASP D 90 24.39 6.11 6.95
C ASP D 90 24.65 7.56 6.52
N THR D 91 23.90 8.02 5.53
CA THR D 91 23.91 9.43 5.16
C THR D 91 23.49 10.28 6.37
N ALA D 92 24.35 11.19 6.79
CA ALA D 92 24.12 12.02 7.95
C ALA D 92 25.17 13.11 8.07
N LYS D 93 24.92 14.05 8.99
CA LYS D 93 25.96 14.98 9.40
C LYS D 93 26.61 14.39 10.64
N TYR D 94 27.93 14.23 10.58
CA TYR D 94 28.69 13.59 11.64
C TYR D 94 29.40 14.66 12.49
N TYR D 95 29.17 14.59 13.80
CA TYR D 95 29.74 15.50 14.77
C TYR D 95 30.68 14.79 15.71
N CYS D 96 31.76 15.47 16.07
CA CYS D 96 32.56 15.03 17.19
C CYS D 96 32.36 16.02 18.32
N ALA D 97 32.57 15.56 19.55
CA ALA D 97 32.30 16.39 20.71
C ALA D 97 33.18 16.01 21.88
N SER D 98 33.48 17.00 22.72
CA SER D 98 34.08 16.79 24.01
C SER D 98 32.95 16.57 24.98
N GLY D 99 32.79 15.34 25.48
CA GLY D 99 31.58 14.97 26.18
C GLY D 99 30.39 15.33 25.29
N PHE D 100 29.34 15.90 25.87
CA PHE D 100 28.29 16.52 25.10
C PHE D 100 28.35 18.04 25.31
N ASP D 101 29.49 18.50 25.81
CA ASP D 101 29.72 19.90 26.22
C ASP D 101 29.98 20.84 25.06
N HIS D 102 30.82 20.39 24.15
CA HIS D 102 31.28 21.20 23.03
C HIS D 102 31.30 20.34 21.78
N TRP D 103 30.53 20.75 20.77
CA TRP D 103 30.44 20.00 19.52
C TRP D 103 31.16 20.73 18.39
N GLY D 104 31.73 19.98 17.47
CA GLY D 104 32.24 20.58 16.24
C GLY D 104 31.12 21.06 15.33
N GLN D 105 31.50 21.70 14.23
CA GLN D 105 30.54 22.22 13.26
C GLN D 105 29.93 21.09 12.42
N GLY D 106 30.60 19.95 12.39
CA GLY D 106 30.07 18.75 11.77
C GLY D 106 30.53 18.64 10.33
N THR D 107 30.54 17.41 9.83
CA THR D 107 30.89 17.16 8.42
C THR D 107 29.75 16.39 7.79
N THR D 108 29.22 16.91 6.70
CA THR D 108 28.14 16.26 5.99
C THR D 108 28.66 15.11 5.14
N LEU D 109 28.00 13.98 5.27
CA LEU D 109 28.38 12.76 4.59
C LEU D 109 27.18 12.17 3.85
N THR D 110 27.36 11.94 2.56
CA THR D 110 26.34 11.30 1.74
C THR D 110 26.85 9.94 1.28
N VAL D 111 26.06 8.89 1.49
CA VAL D 111 26.37 7.57 0.98
C VAL D 111 25.47 7.31 -0.22
N SER D 112 26.08 7.18 -1.39
CA SER D 112 25.30 7.05 -2.61
C SER D 112 26.13 6.49 -3.72
N SER D 113 25.46 5.79 -4.65
CA SER D 113 26.10 5.30 -5.86
C SER D 113 26.09 6.33 -6.99
N ALA D 114 25.39 7.45 -6.79
CA ALA D 114 25.22 8.45 -7.85
C ALA D 114 26.53 9.15 -8.19
N SER D 115 26.61 9.67 -9.42
CA SER D 115 27.77 10.42 -9.90
C SER D 115 27.52 11.91 -9.87
N THR D 116 28.58 12.68 -9.71
CA THR D 116 28.47 14.14 -9.69
C THR D 116 27.86 14.68 -10.98
N LYS D 117 26.80 15.49 -10.83
CA LYS D 117 26.03 15.98 -11.95
C LYS D 117 25.37 17.32 -11.65
N GLY D 118 25.49 18.26 -12.57
CA GLY D 118 24.86 19.56 -12.40
C GLY D 118 23.38 19.56 -12.77
N PRO D 119 22.65 20.57 -12.31
CA PRO D 119 21.19 20.59 -12.46
C PRO D 119 20.72 21.07 -13.81
N SER D 120 19.55 20.58 -14.21
CA SER D 120 18.75 21.27 -15.21
C SER D 120 17.94 22.32 -14.47
N VAL D 121 17.78 23.48 -15.10
CA VAL D 121 17.05 24.58 -14.48
C VAL D 121 15.91 24.95 -15.41
N PHE D 122 14.70 24.74 -14.93
CA PHE D 122 13.49 25.04 -15.69
C PHE D 122 12.72 26.19 -15.06
N PRO D 123 12.12 27.02 -15.91
CA PRO D 123 11.34 28.12 -15.35
C PRO D 123 10.04 27.63 -14.73
N LEU D 124 9.65 28.28 -13.64
CA LEU D 124 8.28 28.23 -13.16
C LEU D 124 7.66 29.55 -13.57
N ALA D 125 7.00 29.56 -14.74
CA ALA D 125 6.61 30.81 -15.36
C ALA D 125 5.36 31.42 -14.75
N PRO D 126 5.35 32.74 -14.59
CA PRO D 126 4.15 33.42 -14.10
C PRO D 126 3.07 33.49 -15.15
N SER D 127 1.82 33.49 -14.72
CA SER D 127 0.69 33.67 -15.62
C SER D 127 -0.45 34.19 -14.78
N SER D 128 -1.61 34.41 -15.39
CA SER D 128 -2.80 34.78 -14.61
C SER D 128 -3.12 33.69 -13.58
N LYS D 129 -2.64 32.47 -13.83
CA LYS D 129 -2.85 31.34 -12.93
C LYS D 129 -1.86 31.33 -11.78
N SER D 130 -1.00 32.34 -11.72
CA SER D 130 -0.10 32.51 -10.57
C SER D 130 -0.12 33.96 -10.10
N THR D 131 -1.30 34.59 -10.14
CA THR D 131 -1.46 35.97 -9.72
C THR D 131 -2.74 36.20 -8.90
N SER D 132 -2.56 36.70 -7.67
CA SER D 132 -3.69 37.09 -6.84
C SER D 132 -3.44 38.49 -6.29
N GLY D 133 -4.47 39.33 -6.35
CA GLY D 133 -4.30 40.74 -6.04
C GLY D 133 -3.32 41.34 -7.03
N GLY D 134 -2.40 42.16 -6.52
CA GLY D 134 -1.36 42.73 -7.33
C GLY D 134 -0.04 42.01 -7.11
N THR D 135 -0.11 40.69 -6.90
CA THR D 135 1.10 39.88 -6.68
C THR D 135 1.14 38.72 -7.67
N ALA D 136 2.33 38.45 -8.21
CA ALA D 136 2.56 37.32 -9.11
C ALA D 136 3.67 36.44 -8.54
N ALA D 137 3.54 35.14 -8.73
CA ALA D 137 4.56 34.19 -8.30
C ALA D 137 5.28 33.62 -9.51
N LEU D 138 6.60 33.46 -9.39
CA LEU D 138 7.41 32.85 -10.42
C LEU D 138 8.58 32.15 -9.75
N GLY D 139 9.30 31.32 -10.51
CA GLY D 139 10.41 30.62 -9.91
C GLY D 139 11.24 29.80 -10.86
N CYS D 140 12.10 28.99 -10.28
CA CYS D 140 12.95 28.07 -11.02
C CYS D 140 12.89 26.70 -10.39
N LEU D 141 12.85 25.66 -11.23
CA LEU D 141 12.92 24.29 -10.79
C LEU D 141 14.32 23.81 -11.10
N VAL D 142 15.04 23.41 -10.07
CA VAL D 142 16.44 23.03 -10.17
C VAL D 142 16.50 21.52 -9.99
N LYS D 143 16.58 20.79 -11.10
CA LYS D 143 16.27 19.37 -11.08
C LYS D 143 17.46 18.50 -11.48
N ASP D 144 17.55 17.34 -10.82
CA ASP D 144 18.47 16.26 -11.20
C ASP D 144 19.96 16.60 -11.05
N TYR D 145 20.35 16.99 -9.85
CA TYR D 145 21.74 17.24 -9.55
C TYR D 145 22.20 16.33 -8.42
N PHE D 146 23.51 16.18 -8.35
CA PHE D 146 24.12 15.41 -7.28
C PHE D 146 25.59 15.79 -7.12
N PRO D 147 26.08 15.88 -5.88
CA PRO D 147 25.41 15.83 -4.59
C PRO D 147 24.87 17.19 -4.19
N GLU D 148 24.29 17.28 -3.00
CA GLU D 148 24.03 18.58 -2.38
C GLU D 148 25.34 19.31 -2.15
N PRO D 149 25.31 20.64 -2.06
CA PRO D 149 24.18 21.56 -2.18
C PRO D 149 24.17 22.35 -3.48
N VAL D 150 23.06 23.06 -3.74
CA VAL D 150 23.03 24.12 -4.72
C VAL D 150 22.71 25.41 -3.98
N THR D 151 23.17 26.53 -4.52
CA THR D 151 22.72 27.82 -4.03
C THR D 151 21.89 28.47 -5.12
N VAL D 152 20.92 29.28 -4.71
CA VAL D 152 20.09 30.00 -5.64
C VAL D 152 19.98 31.44 -5.18
N SER D 153 20.22 32.37 -6.11
CA SER D 153 19.93 33.78 -5.89
C SER D 153 19.05 34.26 -7.02
N TRP D 154 18.48 35.46 -6.84
CA TRP D 154 17.68 36.09 -7.87
C TRP D 154 18.28 37.44 -8.22
N ASN D 155 18.37 37.70 -9.52
CA ASN D 155 18.94 38.94 -10.05
C ASN D 155 20.29 39.27 -9.40
N SER D 156 21.15 38.26 -9.36
CA SER D 156 22.51 38.37 -8.82
C SER D 156 22.55 38.86 -7.38
N GLY D 157 21.49 38.57 -6.63
CA GLY D 157 21.42 38.94 -5.23
C GLY D 157 20.68 40.25 -4.97
N ALA D 158 20.25 40.94 -6.02
CA ALA D 158 19.56 42.21 -5.85
C ALA D 158 18.12 42.02 -5.39
N LEU D 159 17.58 40.82 -5.61
CA LEU D 159 16.21 40.50 -5.25
C LEU D 159 16.21 39.46 -4.13
N THR D 160 15.76 39.87 -2.94
CA THR D 160 15.74 38.98 -1.78
C THR D 160 14.37 38.93 -1.12
N SER D 161 13.64 40.03 -1.18
CA SER D 161 12.30 40.08 -0.61
C SER D 161 11.33 39.17 -1.34
N GLY D 162 10.58 38.38 -0.59
CA GLY D 162 9.59 37.49 -1.16
C GLY D 162 10.13 36.20 -1.75
N VAL D 163 11.43 35.96 -1.59
CA VAL D 163 12.04 34.74 -2.10
C VAL D 163 11.88 33.59 -1.09
N HIS D 164 11.45 32.44 -1.59
CA HIS D 164 11.48 31.20 -0.85
C HIS D 164 12.24 30.14 -1.64
N THR D 165 13.40 29.73 -1.12
CA THR D 165 14.15 28.64 -1.72
C THR D 165 13.97 27.43 -0.82
N PHE D 166 13.35 26.40 -1.38
CA PHE D 166 12.90 25.26 -0.59
C PHE D 166 14.02 24.25 -0.36
N PRO D 167 13.87 23.45 0.71
CA PRO D 167 14.82 22.36 0.91
C PRO D 167 14.76 21.39 -0.25
N ALA D 168 15.90 20.85 -0.65
CA ALA D 168 15.91 19.85 -1.72
C ALA D 168 15.25 18.57 -1.26
N VAL D 169 14.73 17.81 -2.21
CA VAL D 169 14.26 16.46 -1.92
C VAL D 169 15.14 15.49 -2.70
N LEU D 170 15.37 14.33 -2.13
CA LEU D 170 16.09 13.27 -2.82
C LEU D 170 15.08 12.41 -3.57
N GLN D 171 15.18 12.42 -4.90
CA GLN D 171 14.28 11.65 -5.73
C GLN D 171 14.69 10.18 -5.72
N SER D 172 13.80 9.32 -6.19
CA SER D 172 14.07 7.88 -6.19
C SER D 172 15.22 7.53 -7.12
N SER D 173 15.46 8.41 -8.10
CA SER D 173 16.58 8.26 -9.02
C SER D 173 17.95 8.40 -8.37
N GLY D 174 17.96 8.92 -7.14
CA GLY D 174 19.20 9.22 -6.45
C GLY D 174 19.72 10.63 -6.71
N LEU D 175 18.98 11.41 -7.50
CA LEU D 175 19.33 12.81 -7.74
C LEU D 175 18.41 13.74 -6.96
N TYR D 176 18.91 14.93 -6.63
CA TYR D 176 18.15 15.90 -5.87
C TYR D 176 17.37 16.85 -6.77
N SER D 177 16.34 17.47 -6.20
CA SER D 177 15.55 18.46 -6.89
C SER D 177 15.07 19.49 -5.89
N LEU D 178 15.07 20.76 -6.28
CA LEU D 178 14.51 21.79 -5.44
C LEU D 178 13.92 22.90 -6.28
N SER D 179 13.06 23.70 -5.65
CA SER D 179 12.51 24.87 -6.31
C SER D 179 12.83 26.11 -5.51
N SER D 180 12.94 27.22 -6.23
CA SER D 180 13.06 28.53 -5.63
C SER D 180 11.99 29.40 -6.27
N VAL D 181 11.22 30.09 -5.45
CA VAL D 181 10.15 30.94 -5.97
C VAL D 181 10.27 32.33 -5.38
N VAL D 182 9.60 33.27 -6.02
CA VAL D 182 9.53 34.62 -5.50
C VAL D 182 8.20 35.22 -5.88
N THR D 183 7.63 36.02 -4.97
CA THR D 183 6.43 36.77 -5.29
C THR D 183 6.82 38.21 -5.51
N VAL D 184 6.31 38.78 -6.60
CA VAL D 184 6.64 40.15 -7.00
C VAL D 184 5.37 40.90 -7.37
N PRO D 185 5.47 42.24 -7.47
CA PRO D 185 4.29 42.97 -7.91
C PRO D 185 3.91 42.57 -9.34
N SER D 186 2.61 42.41 -9.59
CA SER D 186 2.15 41.95 -10.90
C SER D 186 2.60 42.88 -12.02
N SER D 187 2.60 44.18 -11.73
CA SER D 187 2.98 45.17 -12.72
C SER D 187 4.45 45.09 -13.14
N SER D 188 5.25 44.37 -12.38
CA SER D 188 6.68 44.31 -12.64
C SER D 188 7.00 43.31 -13.73
N LEU D 189 6.07 42.41 -14.05
CA LEU D 189 6.37 41.38 -15.05
C LEU D 189 6.69 42.05 -16.39
N GLY D 190 6.10 43.21 -16.64
CA GLY D 190 6.38 43.91 -17.88
C GLY D 190 7.66 44.74 -17.96
N THR D 191 8.34 44.94 -16.83
CA THR D 191 9.37 45.98 -16.74
C THR D 191 10.65 45.55 -16.02
N GLN D 192 10.55 44.50 -15.22
CA GLN D 192 11.69 43.94 -14.51
C GLN D 192 12.00 42.53 -14.97
N THR D 193 13.24 42.29 -15.38
CA THR D 193 13.65 40.93 -15.70
C THR D 193 13.93 40.16 -14.42
N TYR D 194 13.65 38.86 -14.46
CA TYR D 194 13.85 37.95 -13.33
C TYR D 194 14.72 36.79 -13.79
N ILE D 195 15.89 36.72 -13.18
CA ILE D 195 16.90 35.72 -13.49
C ILE D 195 17.23 34.95 -12.22
N CYS D 196 17.14 33.62 -12.26
CA CYS D 196 17.57 32.85 -11.10
C CYS D 196 18.98 32.35 -11.39
N ASN D 197 19.86 32.60 -10.42
CA ASN D 197 21.28 32.25 -10.52
C ASN D 197 21.53 31.03 -9.67
N VAL D 198 21.80 29.92 -10.33
CA VAL D 198 21.97 28.65 -9.67
C VAL D 198 23.43 28.27 -9.73
N ASN D 199 24.00 27.91 -8.59
CA ASN D 199 25.39 27.45 -8.53
C ASN D 199 25.43 26.07 -7.91
N HIS D 200 26.03 25.13 -8.63
CA HIS D 200 26.27 23.79 -8.10
C HIS D 200 27.78 23.57 -8.06
N LYS D 201 28.35 23.84 -6.89
CA LYS D 201 29.79 23.81 -6.69
C LYS D 201 30.43 22.46 -7.03
N PRO D 202 29.80 21.35 -6.63
CA PRO D 202 30.47 20.07 -6.92
C PRO D 202 30.76 19.82 -8.40
N SER D 203 29.92 20.33 -9.30
CA SER D 203 30.15 20.17 -10.74
C SER D 203 30.65 21.47 -11.36
N ASN D 204 30.91 22.45 -10.50
CA ASN D 204 31.26 23.80 -10.92
C ASN D 204 30.32 24.34 -12.00
N THR D 205 29.03 24.08 -11.85
CA THR D 205 28.06 24.43 -12.86
C THR D 205 27.25 25.63 -12.40
N LYS D 206 27.32 26.70 -13.19
CA LYS D 206 26.51 27.89 -12.96
C LYS D 206 25.49 28.04 -14.07
N VAL D 207 24.25 28.32 -13.69
CA VAL D 207 23.18 28.55 -14.66
C VAL D 207 22.45 29.82 -14.28
N ASP D 208 22.28 30.72 -15.25
CA ASP D 208 21.45 31.91 -15.11
C ASP D 208 20.22 31.78 -15.99
N LYS D 209 19.08 31.46 -15.39
CA LYS D 209 17.85 31.20 -16.15
C LYS D 209 16.88 32.37 -16.05
N LYS D 210 16.61 32.99 -17.20
CA LYS D 210 15.63 34.06 -17.29
C LYS D 210 14.25 33.46 -17.26
N VAL D 211 13.41 33.95 -16.37
CA VAL D 211 12.06 33.42 -16.23
C VAL D 211 11.08 34.43 -16.80
N GLU D 212 10.35 34.01 -17.83
CA GLU D 212 9.42 34.90 -18.54
C GLU D 212 7.99 34.40 -18.41
N PRO D 213 7.01 35.31 -18.51
CA PRO D 213 5.61 34.90 -18.51
C PRO D 213 5.36 33.82 -19.57
N LYS D 214 4.40 32.94 -19.31
CA LYS D 214 4.09 31.87 -20.25
C LYS D 214 3.70 32.41 -21.62
N SER D 215 4.59 32.21 -22.59
CA SER D 215 4.30 32.59 -23.97
C SER D 215 3.03 31.87 -24.42
N CYS D 216 1.91 32.57 -24.35
CA CYS D 216 0.62 31.96 -24.65
C CYS D 216 0.29 32.06 -26.15
N ASP D 217 1.20 32.65 -26.92
CA ASP D 217 1.10 32.61 -28.37
C ASP D 217 1.24 31.18 -28.86
N LYS D 218 0.39 30.81 -29.81
CA LYS D 218 0.58 29.55 -30.51
C LYS D 218 1.47 29.77 -31.73
N THR D 219 1.53 31.02 -32.19
CA THR D 219 2.25 31.35 -33.42
C THR D 219 3.68 31.84 -33.20
N HIS D 220 4.02 32.21 -31.96
CA HIS D 220 5.38 32.66 -31.63
C HIS D 220 6.09 31.65 -30.76
N ASP E 1 6.76 -4.64 12.94
CA ASP E 1 5.68 -5.23 13.77
C ASP E 1 5.35 -6.64 13.29
N VAL E 2 4.92 -7.48 14.22
CA VAL E 2 4.43 -8.81 13.86
C VAL E 2 3.13 -8.66 13.08
N VAL E 3 3.13 -9.17 11.85
CA VAL E 3 1.94 -9.12 11.00
C VAL E 3 1.06 -10.34 11.23
N MET E 4 -0.23 -10.09 11.48
CA MET E 4 -1.23 -11.15 11.64
C MET E 4 -2.15 -11.17 10.41
N THR E 5 -2.18 -12.30 9.71
CA THR E 5 -2.94 -12.43 8.47
C THR E 5 -4.03 -13.49 8.63
N GLN E 6 -5.27 -13.08 8.44
CA GLN E 6 -6.41 -13.99 8.57
C GLN E 6 -6.94 -14.40 7.19
N SER E 7 -7.45 -15.62 7.12
CA SER E 7 -8.07 -16.10 5.89
C SER E 7 -9.22 -17.06 6.23
N PRO E 8 -10.27 -17.08 5.39
CA PRO E 8 -10.47 -16.18 4.24
C PRO E 8 -10.88 -14.79 4.70
N LEU E 9 -11.04 -13.85 3.78
CA LEU E 9 -11.52 -12.52 4.14
C LEU E 9 -12.97 -12.61 4.60
N SER E 10 -13.75 -13.45 3.93
CA SER E 10 -15.11 -13.74 4.39
C SER E 10 -15.43 -15.20 4.11
N LEU E 11 -16.18 -15.81 5.02
CA LEU E 11 -16.56 -17.21 4.93
C LEU E 11 -18.08 -17.32 4.89
N PRO E 12 -18.64 -17.76 3.75
CA PRO E 12 -20.09 -17.98 3.70
C PRO E 12 -20.48 -19.25 4.45
N VAL E 13 -21.23 -19.13 5.54
CA VAL E 13 -21.52 -20.29 6.37
C VAL E 13 -22.99 -20.70 6.29
N THR E 14 -23.28 -21.85 6.88
CA THR E 14 -24.61 -22.43 6.88
C THR E 14 -24.94 -22.85 8.29
N LEU E 15 -26.13 -22.46 8.76
CA LEU E 15 -26.55 -22.75 10.12
C LEU E 15 -26.54 -24.26 10.35
N GLY E 16 -25.96 -24.68 11.47
CA GLY E 16 -25.95 -26.08 11.85
C GLY E 16 -24.81 -26.87 11.20
N GLU E 17 -23.98 -26.20 10.42
CA GLU E 17 -22.82 -26.85 9.79
C GLU E 17 -21.52 -26.27 10.31
N PRO E 18 -20.40 -26.99 10.12
CA PRO E 18 -19.12 -26.52 10.67
C PRO E 18 -18.56 -25.29 9.98
N ALA E 19 -17.65 -24.60 10.66
CA ALA E 19 -16.92 -23.47 10.09
C ALA E 19 -15.48 -23.54 10.60
N SER E 20 -14.55 -23.12 9.76
CA SER E 20 -13.14 -23.07 10.14
C SER E 20 -12.48 -21.83 9.52
N ILE E 21 -11.71 -21.12 10.34
CA ILE E 21 -10.98 -19.95 9.89
C ILE E 21 -9.55 -19.99 10.43
N SER E 22 -8.62 -19.31 9.77
CA SER E 22 -7.22 -19.42 10.15
C SER E 22 -6.55 -18.07 10.35
N CYS E 23 -5.47 -18.10 11.12
CA CYS E 23 -4.69 -16.92 11.45
C CYS E 23 -3.22 -17.32 11.32
N ARG E 24 -2.45 -16.48 10.63
CA ARG E 24 -1.01 -16.69 10.48
C ARG E 24 -0.23 -15.47 10.99
N SER E 25 0.87 -15.74 11.70
CA SER E 25 1.75 -14.69 12.18
C SER E 25 3.06 -14.70 11.41
N SER E 26 3.66 -13.54 11.26
CA SER E 26 4.91 -13.39 10.49
C SER E 26 6.10 -14.00 11.23
N GLN E 27 5.91 -14.32 12.50
CA GLN E 27 6.93 -15.03 13.28
C GLN E 27 6.28 -15.73 14.46
N SER E 28 7.01 -16.68 15.04
CA SER E 28 6.46 -17.51 16.11
C SER E 28 5.94 -16.68 17.27
N LEU E 29 4.77 -17.06 17.76
CA LEU E 29 4.14 -16.39 18.89
C LEU E 29 4.45 -17.10 20.22
N VAL E 30 5.32 -18.10 20.18
CA VAL E 30 5.77 -18.74 21.40
C VAL E 30 6.65 -17.77 22.19
N HIS E 31 6.16 -17.36 23.35
CA HIS E 31 6.91 -16.46 24.21
C HIS E 31 8.12 -17.17 24.81
N SER E 32 9.14 -16.40 25.17
CA SER E 32 10.38 -16.97 25.68
C SER E 32 10.15 -17.75 26.97
N TYR E 33 9.04 -17.49 27.65
CA TYR E 33 8.75 -18.11 28.94
C TYR E 33 7.61 -19.14 28.89
N GLY E 34 7.31 -19.63 27.69
CA GLY E 34 6.44 -20.78 27.54
C GLY E 34 5.15 -20.54 26.77
N ASP E 35 4.32 -19.63 27.27
CA ASP E 35 2.99 -19.45 26.71
C ASP E 35 2.99 -18.87 25.29
N THR E 36 1.90 -19.14 24.57
CA THR E 36 1.66 -18.55 23.26
C THR E 36 0.47 -17.60 23.35
N TYR E 37 0.75 -16.30 23.32
CA TYR E 37 -0.29 -15.30 23.55
C TYR E 37 -1.03 -14.98 22.26
N LEU E 38 -1.79 -15.95 21.78
CA LEU E 38 -2.64 -15.83 20.60
C LEU E 38 -4.10 -16.01 21.00
N HIS E 39 -4.94 -15.01 20.71
CA HIS E 39 -6.35 -15.02 21.12
C HIS E 39 -7.30 -14.77 19.96
N TRP E 40 -8.56 -15.17 20.13
CA TRP E 40 -9.61 -14.98 19.13
C TRP E 40 -10.80 -14.21 19.70
N TYR E 41 -11.37 -13.33 18.87
CA TYR E 41 -12.51 -12.50 19.27
C TYR E 41 -13.60 -12.52 18.22
N LEU E 42 -14.83 -12.23 18.67
CA LEU E 42 -15.96 -12.02 17.77
C LEU E 42 -16.50 -10.62 17.99
N GLN E 43 -16.69 -9.88 16.90
CA GLN E 43 -17.28 -8.56 16.98
C GLN E 43 -18.50 -8.46 16.09
N LYS E 44 -19.58 -7.95 16.67
CA LYS E 44 -20.82 -7.70 15.92
C LYS E 44 -20.90 -6.21 15.61
N PRO E 45 -21.66 -5.83 14.56
CA PRO E 45 -21.68 -4.43 14.11
C PRO E 45 -22.02 -3.42 15.21
N GLY E 46 -21.16 -2.43 15.38
CA GLY E 46 -21.38 -1.38 16.37
C GLY E 46 -21.04 -1.79 17.79
N GLN E 47 -20.75 -3.07 17.97
CA GLN E 47 -20.46 -3.61 19.31
C GLN E 47 -18.96 -3.77 19.49
N SER E 48 -18.55 -4.02 20.72
CA SER E 48 -17.14 -4.23 21.00
C SER E 48 -16.76 -5.69 20.74
N PRO E 49 -15.47 -5.93 20.46
CA PRO E 49 -15.00 -7.31 20.37
C PRO E 49 -15.23 -8.07 21.68
N LYS E 50 -15.60 -9.34 21.56
CA LYS E 50 -15.74 -10.24 22.71
C LYS E 50 -14.73 -11.37 22.60
N LEU E 51 -14.01 -11.65 23.69
CA LEU E 51 -13.02 -12.71 23.70
C LEU E 51 -13.70 -14.09 23.66
N LEU E 52 -13.25 -14.94 22.74
CA LEU E 52 -13.77 -16.30 22.62
C LEU E 52 -12.76 -17.35 23.11
N ILE E 53 -11.53 -17.24 22.60
CA ILE E 53 -10.46 -18.20 22.87
C ILE E 53 -9.17 -17.47 23.25
N TYR E 54 -8.61 -17.81 24.42
CA TYR E 54 -7.32 -17.23 24.81
C TYR E 54 -6.23 -18.28 24.81
N LYS E 55 -5.03 -17.82 24.49
CA LYS E 55 -3.83 -18.67 24.42
C LYS E 55 -4.10 -19.92 23.60
N VAL E 56 -4.43 -19.70 22.34
CA VAL E 56 -4.59 -20.75 21.32
C VAL E 56 -5.86 -21.60 21.47
N SER E 57 -6.09 -22.18 22.64
CA SER E 57 -7.05 -23.28 22.77
C SER E 57 -7.98 -23.23 23.98
N ASN E 58 -7.87 -22.20 24.80
CA ASN E 58 -8.68 -22.11 26.02
C ASN E 58 -9.96 -21.30 25.79
N ARG E 59 -11.11 -21.96 25.98
CA ARG E 59 -12.39 -21.26 25.89
C ARG E 59 -12.59 -20.29 27.05
N PHE E 60 -12.87 -19.04 26.72
CA PHE E 60 -13.14 -18.02 27.72
C PHE E 60 -14.47 -18.32 28.40
N SER E 61 -14.63 -17.85 29.63
CA SER E 61 -15.84 -18.11 30.41
C SER E 61 -17.11 -17.69 29.66
N GLY E 62 -18.09 -18.60 29.62
CA GLY E 62 -19.37 -18.33 28.98
C GLY E 62 -19.41 -18.64 27.49
N VAL E 63 -18.28 -19.01 26.92
CA VAL E 63 -18.21 -19.30 25.49
C VAL E 63 -18.72 -20.72 25.24
N PRO E 64 -19.67 -20.88 24.29
CA PRO E 64 -20.25 -22.20 24.03
C PRO E 64 -19.22 -23.27 23.64
N ASP E 65 -19.55 -24.52 23.97
CA ASP E 65 -18.70 -25.67 23.73
C ASP E 65 -18.37 -25.89 22.26
N ARG E 66 -19.17 -25.30 21.37
CA ARG E 66 -18.98 -25.51 19.94
C ARG E 66 -17.77 -24.75 19.38
N PHE E 67 -17.19 -23.85 20.18
CA PHE E 67 -15.98 -23.14 19.76
C PHE E 67 -14.73 -23.86 20.22
N SER E 68 -13.71 -23.88 19.37
CA SER E 68 -12.43 -24.46 19.73
C SER E 68 -11.31 -23.80 18.95
N GLY E 69 -10.11 -23.77 19.53
CA GLY E 69 -8.95 -23.21 18.87
C GLY E 69 -7.78 -24.19 18.91
N SER E 70 -6.95 -24.14 17.87
CA SER E 70 -5.76 -25.00 17.81
C SER E 70 -4.62 -24.29 17.09
N GLY E 71 -3.48 -24.97 17.03
CA GLY E 71 -2.34 -24.48 16.28
C GLY E 71 -1.12 -24.27 17.15
N SER E 72 -0.05 -23.80 16.53
CA SER E 72 1.20 -23.55 17.24
C SER E 72 2.13 -22.68 16.41
N GLY E 73 3.09 -22.06 17.07
CA GLY E 73 4.11 -21.29 16.39
C GLY E 73 3.57 -20.12 15.61
N THR E 74 3.31 -20.35 14.32
CA THR E 74 2.89 -19.30 13.41
C THR E 74 1.53 -19.53 12.74
N ASP E 75 0.92 -20.68 12.98
CA ASP E 75 -0.34 -21.05 12.31
C ASP E 75 -1.40 -21.50 13.31
N PHE E 76 -2.58 -20.88 13.22
CA PHE E 76 -3.65 -21.10 14.18
C PHE E 76 -5.00 -21.20 13.47
N THR E 77 -5.91 -21.93 14.10
CA THR E 77 -7.24 -22.15 13.54
C THR E 77 -8.32 -22.06 14.60
N LEU E 78 -9.41 -21.35 14.28
CA LEU E 78 -10.62 -21.34 15.10
C LEU E 78 -11.69 -22.16 14.37
N LYS E 79 -12.38 -23.04 15.11
CA LYS E 79 -13.43 -23.87 14.52
C LYS E 79 -14.73 -23.74 15.28
N ILE E 80 -15.83 -23.75 14.55
CA ILE E 80 -17.16 -23.85 15.12
C ILE E 80 -17.76 -25.18 14.65
N SER E 81 -18.13 -26.05 15.59
CA SER E 81 -18.66 -27.35 15.23
C SER E 81 -19.99 -27.23 14.48
N ARG E 82 -20.84 -26.31 14.95
CA ARG E 82 -22.15 -26.09 14.33
C ARG E 82 -22.57 -24.63 14.46
N VAL E 83 -22.52 -23.90 13.35
CA VAL E 83 -22.79 -22.47 13.33
C VAL E 83 -24.23 -22.13 13.74
N GLU E 84 -24.35 -21.14 14.63
CA GLU E 84 -25.64 -20.57 15.01
C GLU E 84 -25.69 -19.10 14.58
N THR E 85 -26.88 -18.53 14.51
CA THR E 85 -27.04 -17.14 14.09
C THR E 85 -26.21 -16.20 14.98
N GLU E 86 -26.13 -16.53 16.26
CA GLU E 86 -25.39 -15.72 17.21
C GLU E 86 -23.89 -15.68 16.91
N ASP E 87 -23.40 -16.62 16.11
CA ASP E 87 -21.97 -16.72 15.82
C ASP E 87 -21.56 -15.82 14.65
N LEU E 88 -22.53 -15.17 14.03
CA LEU E 88 -22.26 -14.34 12.85
C LEU E 88 -21.66 -13.00 13.23
N GLY E 89 -20.66 -12.57 12.48
CA GLY E 89 -19.97 -11.33 12.74
C GLY E 89 -18.56 -11.39 12.20
N VAL E 90 -17.68 -10.54 12.74
CA VAL E 90 -16.29 -10.52 12.31
C VAL E 90 -15.39 -11.13 13.38
N TYR E 91 -14.59 -12.11 12.97
CA TYR E 91 -13.65 -12.77 13.86
C TYR E 91 -12.25 -12.19 13.72
N TYR E 92 -11.64 -11.83 14.86
CA TYR E 92 -10.28 -11.30 14.88
C TYR E 92 -9.37 -12.22 15.67
N CYS E 93 -8.11 -12.26 15.27
CA CYS E 93 -7.07 -12.85 16.09
C CYS E 93 -6.18 -11.72 16.57
N SER E 94 -5.50 -11.92 17.70
CA SER E 94 -4.53 -10.95 18.16
C SER E 94 -3.36 -11.66 18.81
N GLN E 95 -2.22 -10.97 18.89
CA GLN E 95 -1.06 -11.50 19.59
C GLN E 95 -0.50 -10.45 20.54
N ASN E 96 -0.19 -10.87 21.78
CA ASN E 96 0.59 -10.01 22.67
C ASN E 96 1.83 -10.73 23.24
N THR E 97 2.46 -11.54 22.40
CA THR E 97 3.78 -12.10 22.72
C THR E 97 4.87 -11.08 22.43
N HIS E 98 4.68 -10.34 21.35
CA HIS E 98 5.65 -9.36 20.88
C HIS E 98 5.09 -7.94 20.92
N VAL E 99 5.94 -6.98 21.26
CA VAL E 99 5.56 -5.57 21.28
C VAL E 99 5.92 -4.91 19.95
N PRO E 100 4.98 -4.17 19.33
CA PRO E 100 3.61 -3.89 19.76
C PRO E 100 2.66 -5.05 19.56
N TYR E 101 1.66 -5.15 20.42
CA TYR E 101 0.61 -6.13 20.25
C TYR E 101 -0.13 -5.80 18.96
N THR E 102 -0.53 -6.81 18.20
CA THR E 102 -1.15 -6.57 16.90
C THR E 102 -2.33 -7.49 16.62
N PHE E 103 -3.19 -7.04 15.72
CA PHE E 103 -4.43 -7.73 15.38
C PHE E 103 -4.41 -8.15 13.93
N GLY E 104 -5.12 -9.24 13.63
CA GLY E 104 -5.41 -9.61 12.26
C GLY E 104 -6.46 -8.68 11.67
N GLY E 105 -6.60 -8.73 10.34
CA GLY E 105 -7.53 -7.87 9.62
C GLY E 105 -8.98 -8.29 9.68
N GLY E 106 -9.24 -9.46 10.24
CA GLY E 106 -10.60 -9.93 10.47
C GLY E 106 -11.11 -10.86 9.39
N THR E 107 -11.90 -11.84 9.80
CA THR E 107 -12.63 -12.71 8.89
C THR E 107 -14.11 -12.57 9.18
N LYS E 108 -14.88 -12.25 8.16
CA LYS E 108 -16.32 -12.12 8.32
C LYS E 108 -17.02 -13.46 8.06
N LEU E 109 -17.90 -13.84 8.98
CA LEU E 109 -18.78 -14.98 8.77
C LEU E 109 -20.15 -14.46 8.36
N GLU E 110 -20.57 -14.76 7.13
CA GLU E 110 -21.87 -14.34 6.64
C GLU E 110 -22.72 -15.53 6.25
N ILE E 111 -24.03 -15.36 6.29
CA ILE E 111 -24.93 -16.42 5.86
C ILE E 111 -24.86 -16.59 4.36
N LYS E 112 -24.65 -17.83 3.91
CA LYS E 112 -24.70 -18.11 2.49
C LYS E 112 -26.15 -18.30 2.07
N ARG E 113 -26.47 -17.78 0.90
CA ARG E 113 -27.79 -17.98 0.30
C ARG E 113 -27.66 -18.06 -1.22
N THR E 114 -28.78 -18.32 -1.87
CA THR E 114 -28.79 -18.40 -3.33
C THR E 114 -28.43 -17.06 -3.95
N VAL E 115 -27.99 -17.09 -5.19
CA VAL E 115 -27.60 -15.87 -5.90
C VAL E 115 -28.84 -15.04 -6.22
N ALA E 116 -28.76 -13.74 -5.91
CA ALA E 116 -29.87 -12.81 -6.15
C ALA E 116 -29.37 -11.55 -6.83
N ALA E 117 -29.89 -11.29 -8.03
CA ALA E 117 -29.48 -10.11 -8.79
C ALA E 117 -30.04 -8.84 -8.15
N PRO E 118 -29.30 -7.73 -8.27
CA PRO E 118 -29.80 -6.47 -7.71
C PRO E 118 -30.94 -5.85 -8.52
N SER E 119 -31.93 -5.31 -7.84
CA SER E 119 -32.91 -4.43 -8.47
C SER E 119 -32.27 -3.05 -8.57
N VAL E 120 -32.12 -2.54 -9.79
CA VAL E 120 -31.41 -1.28 -9.99
C VAL E 120 -32.37 -0.11 -10.22
N PHE E 121 -32.08 1.00 -9.55
CA PHE E 121 -32.89 2.21 -9.65
C PHE E 121 -31.99 3.42 -9.75
N ILE E 122 -32.35 4.38 -10.60
CA ILE E 122 -31.61 5.62 -10.72
C ILE E 122 -32.50 6.83 -10.41
N PHE E 123 -31.92 7.82 -9.71
CA PHE E 123 -32.65 9.01 -9.29
C PHE E 123 -31.98 10.28 -9.80
N PRO E 124 -32.65 11.04 -10.67
CA PRO E 124 -32.08 12.34 -11.02
C PRO E 124 -32.02 13.27 -9.80
N PRO E 125 -31.23 14.35 -9.90
CA PRO E 125 -31.23 15.32 -8.80
C PRO E 125 -32.58 16.01 -8.70
N SER E 126 -33.02 16.30 -7.48
CA SER E 126 -34.27 17.03 -7.30
C SER E 126 -34.15 18.44 -7.86
N ASP E 127 -35.26 18.99 -8.31
CA ASP E 127 -35.28 20.38 -8.77
C ASP E 127 -34.86 21.30 -7.64
N GLU E 128 -35.19 20.91 -6.40
CA GLU E 128 -34.80 21.68 -5.22
C GLU E 128 -33.28 21.80 -5.12
N GLN E 129 -32.58 20.66 -5.18
CA GLN E 129 -31.12 20.68 -5.11
C GLN E 129 -30.56 21.40 -6.31
N LEU E 130 -31.14 21.14 -7.48
CA LEU E 130 -30.61 21.68 -8.72
C LEU E 130 -30.68 23.21 -8.73
N LYS E 131 -31.54 23.78 -7.87
CA LYS E 131 -31.60 25.22 -7.72
C LYS E 131 -30.44 25.73 -6.88
N SER E 132 -29.55 24.81 -6.48
CA SER E 132 -28.25 25.16 -5.94
C SER E 132 -27.20 24.92 -7.02
N GLY E 133 -25.94 24.82 -6.62
CA GLY E 133 -24.85 24.63 -7.56
C GLY E 133 -24.27 23.24 -7.52
N THR E 134 -25.12 22.24 -7.28
CA THR E 134 -24.68 20.85 -7.19
C THR E 134 -25.74 19.89 -7.67
N ALA E 135 -25.28 18.84 -8.35
CA ALA E 135 -26.15 17.80 -8.88
C ALA E 135 -25.74 16.46 -8.28
N SER E 136 -26.63 15.90 -7.47
CA SER E 136 -26.43 14.55 -6.94
C SER E 136 -27.30 13.56 -7.69
N VAL E 137 -26.66 12.66 -8.42
CA VAL E 137 -27.34 11.56 -9.10
C VAL E 137 -27.09 10.29 -8.30
N VAL E 138 -28.16 9.56 -7.97
CA VAL E 138 -28.04 8.39 -7.12
C VAL E 138 -28.44 7.12 -7.86
N CYS E 139 -27.69 6.06 -7.60
CA CYS E 139 -27.94 4.74 -8.16
C CYS E 139 -28.09 3.74 -7.03
N LEU E 140 -29.26 3.10 -6.96
CA LEU E 140 -29.58 2.14 -5.91
C LEU E 140 -29.50 0.71 -6.43
N LEU E 141 -28.69 -0.12 -5.75
CA LEU E 141 -28.68 -1.57 -6.01
C LEU E 141 -29.35 -2.25 -4.80
N ASN E 142 -30.52 -2.81 -5.02
CA ASN E 142 -31.36 -3.27 -3.92
C ASN E 142 -31.42 -4.80 -3.79
N ASN E 143 -31.14 -5.29 -2.58
CA ASN E 143 -31.36 -6.68 -2.22
C ASN E 143 -30.68 -7.69 -3.13
N PHE E 144 -29.35 -7.77 -3.05
CA PHE E 144 -28.58 -8.68 -3.88
C PHE E 144 -27.65 -9.57 -3.05
N TYR E 145 -27.28 -10.71 -3.64
CA TYR E 145 -26.29 -11.60 -3.05
C TYR E 145 -25.65 -12.38 -4.18
N PRO E 146 -24.31 -12.57 -4.15
CA PRO E 146 -23.33 -12.20 -3.13
C PRO E 146 -23.03 -10.70 -3.05
N ARG E 147 -22.14 -10.35 -2.12
CA ARG E 147 -21.77 -8.97 -1.85
C ARG E 147 -21.09 -8.30 -3.05
N GLU E 148 -20.30 -9.07 -3.77
CA GLU E 148 -19.47 -8.52 -4.84
C GLU E 148 -20.34 -7.93 -5.94
N ALA E 149 -20.24 -6.62 -6.11
CA ALA E 149 -20.99 -5.91 -7.15
C ALA E 149 -20.18 -4.72 -7.67
N LYS E 150 -20.18 -4.55 -8.99
CA LYS E 150 -19.43 -3.50 -9.63
C LYS E 150 -20.38 -2.44 -10.20
N VAL E 151 -20.14 -1.18 -9.85
CA VAL E 151 -20.98 -0.07 -10.30
C VAL E 151 -20.16 0.97 -11.07
N GLN E 152 -20.27 0.97 -12.39
CA GLN E 152 -19.58 1.92 -13.23
C GLN E 152 -20.51 3.03 -13.71
N TRP E 153 -20.08 4.28 -13.54
CA TRP E 153 -20.84 5.44 -13.99
C TRP E 153 -20.44 5.82 -15.41
N LYS E 154 -21.40 6.30 -16.19
CA LYS E 154 -21.13 6.78 -17.55
C LYS E 154 -22.02 7.97 -17.90
N VAL E 155 -21.40 9.11 -18.14
CA VAL E 155 -22.11 10.28 -18.66
C VAL E 155 -21.72 10.43 -20.12
N ASP E 156 -22.63 10.03 -21.01
CA ASP E 156 -22.38 9.93 -22.45
C ASP E 156 -21.22 8.97 -22.72
N ASN E 157 -21.35 7.75 -22.21
CA ASN E 157 -20.45 6.64 -22.51
C ASN E 157 -18.98 6.88 -22.17
N ALA E 158 -18.71 7.89 -21.36
CA ALA E 158 -17.37 8.11 -20.81
C ALA E 158 -17.33 7.62 -19.37
N LEU E 159 -16.44 6.68 -19.09
CA LEU E 159 -16.28 6.16 -17.74
C LEU E 159 -15.96 7.31 -16.79
N GLN E 160 -16.93 7.67 -15.97
CA GLN E 160 -16.71 8.67 -14.92
C GLN E 160 -15.78 8.08 -13.88
N SER E 161 -14.98 8.92 -13.25
CA SER E 161 -14.02 8.47 -12.24
C SER E 161 -13.69 9.59 -11.25
N GLY E 162 -13.54 9.21 -9.99
CA GLY E 162 -13.11 10.14 -8.96
C GLY E 162 -14.18 11.15 -8.56
N ASN E 163 -15.42 10.92 -8.99
CA ASN E 163 -16.52 11.81 -8.64
C ASN E 163 -17.74 11.03 -8.17
N SER E 164 -17.51 9.84 -7.61
CA SER E 164 -18.57 9.05 -7.01
C SER E 164 -18.09 8.43 -5.70
N GLN E 165 -19.05 8.14 -4.82
CA GLN E 165 -18.79 7.46 -3.57
C GLN E 165 -19.85 6.39 -3.36
N GLU E 166 -19.48 5.32 -2.68
CA GLU E 166 -20.38 4.18 -2.45
C GLU E 166 -20.60 3.93 -0.97
N SER E 167 -21.67 3.22 -0.68
CA SER E 167 -22.03 2.87 0.69
C SER E 167 -22.88 1.61 0.65
N VAL E 168 -22.58 0.65 1.54
CA VAL E 168 -23.26 -0.64 1.52
C VAL E 168 -23.82 -0.95 2.91
N THR E 169 -24.98 -1.61 2.93
CA THR E 169 -25.61 -2.01 4.18
C THR E 169 -25.06 -3.33 4.71
N GLU E 170 -25.33 -3.62 5.98
CA GLU E 170 -25.00 -4.92 6.56
C GLU E 170 -25.94 -5.96 5.96
N GLN E 171 -25.50 -7.21 5.94
CA GLN E 171 -26.33 -8.29 5.43
C GLN E 171 -27.68 -8.27 6.16
N ASP E 172 -28.75 -8.30 5.40
CA ASP E 172 -30.10 -8.21 5.96
C ASP E 172 -30.45 -9.46 6.77
N SER E 173 -31.08 -9.25 7.92
CA SER E 173 -31.37 -10.35 8.84
C SER E 173 -32.48 -11.26 8.33
N LYS E 174 -33.36 -10.71 7.50
CA LYS E 174 -34.50 -11.47 6.98
C LYS E 174 -34.13 -12.30 5.75
N ASP E 175 -33.55 -11.66 4.73
CA ASP E 175 -33.33 -12.33 3.44
C ASP E 175 -31.85 -12.53 3.09
N SER E 176 -30.96 -12.12 3.97
CA SER E 176 -29.52 -12.35 3.83
C SER E 176 -28.90 -11.67 2.61
N THR E 177 -29.48 -10.54 2.19
CA THR E 177 -28.95 -9.81 1.04
C THR E 177 -28.26 -8.51 1.44
N TYR E 178 -27.61 -7.89 0.47
CA TYR E 178 -26.99 -6.60 0.64
C TYR E 178 -27.65 -5.56 -0.26
N SER E 179 -27.48 -4.29 0.09
CA SER E 179 -27.95 -3.19 -0.74
C SER E 179 -26.85 -2.13 -0.80
N LEU E 180 -26.77 -1.42 -1.93
CA LEU E 180 -25.67 -0.50 -2.19
C LEU E 180 -26.19 0.77 -2.83
N SER E 181 -25.63 1.90 -2.41
CA SER E 181 -26.00 3.20 -2.96
C SER E 181 -24.75 3.91 -3.51
N SER E 182 -24.82 4.31 -4.77
CA SER E 182 -23.73 5.04 -5.40
C SER E 182 -24.18 6.45 -5.78
N THR E 183 -23.41 7.45 -5.37
CA THR E 183 -23.76 8.85 -5.61
C THR E 183 -22.75 9.58 -6.48
N LEU E 184 -23.22 10.03 -7.64
CA LEU E 184 -22.41 10.83 -8.55
C LEU E 184 -22.68 12.31 -8.30
N THR E 185 -21.61 13.06 -8.04
CA THR E 185 -21.73 14.47 -7.70
C THR E 185 -21.05 15.36 -8.74
N LEU E 186 -21.84 16.26 -9.32
CA LEU E 186 -21.34 17.27 -10.24
C LEU E 186 -21.92 18.63 -9.91
N SER E 187 -21.40 19.67 -10.54
CA SER E 187 -21.95 21.01 -10.42
C SER E 187 -23.18 21.15 -11.32
N LYS E 188 -24.01 22.15 -11.05
CA LYS E 188 -25.21 22.37 -11.85
C LYS E 188 -24.84 22.66 -13.30
N ALA E 189 -24.06 23.73 -13.50
CA ALA E 189 -23.70 24.15 -14.85
C ALA E 189 -22.96 23.03 -15.60
N ASP E 190 -22.33 22.15 -14.84
CA ASP E 190 -21.65 20.99 -15.42
C ASP E 190 -22.66 19.88 -15.74
N TYR E 191 -23.63 19.71 -14.87
CA TYR E 191 -24.68 18.70 -15.07
C TYR E 191 -25.52 19.01 -16.30
N GLU E 192 -25.54 20.27 -16.71
CA GLU E 192 -26.35 20.71 -17.83
C GLU E 192 -25.61 20.69 -19.16
N LYS E 193 -24.31 20.39 -19.13
CA LYS E 193 -23.54 20.26 -20.36
C LYS E 193 -23.77 18.91 -21.01
N HIS E 194 -24.36 17.97 -20.28
CA HIS E 194 -24.57 16.62 -20.77
C HIS E 194 -26.04 16.19 -20.67
N LYS E 195 -26.35 15.08 -21.34
CA LYS E 195 -27.74 14.66 -21.54
C LYS E 195 -28.05 13.29 -20.93
N VAL E 196 -27.21 12.30 -21.23
CA VAL E 196 -27.48 10.92 -20.80
C VAL E 196 -26.72 10.57 -19.53
N TYR E 197 -27.47 10.17 -18.51
CA TYR E 197 -26.89 9.75 -17.23
C TYR E 197 -27.24 8.30 -16.97
N ALA E 198 -26.21 7.49 -16.76
CA ALA E 198 -26.37 6.04 -16.65
C ALA E 198 -25.41 5.44 -15.63
N CYS E 199 -25.86 4.36 -14.98
CA CYS E 199 -24.99 3.56 -14.12
C CYS E 199 -25.06 2.10 -14.57
N GLU E 200 -23.89 1.54 -14.86
CA GLU E 200 -23.77 0.14 -15.26
C GLU E 200 -23.50 -0.73 -14.05
N VAL E 201 -24.28 -1.80 -13.91
CA VAL E 201 -24.14 -2.73 -12.79
C VAL E 201 -23.70 -4.11 -13.27
N THR E 202 -22.60 -4.61 -12.70
CA THR E 202 -22.14 -5.97 -12.94
C THR E 202 -22.31 -6.79 -11.67
N HIS E 203 -23.02 -7.90 -11.78
CA HIS E 203 -23.22 -8.79 -10.65
C HIS E 203 -23.38 -10.22 -11.14
N GLN E 204 -23.04 -11.18 -10.28
CA GLN E 204 -23.07 -12.59 -10.66
C GLN E 204 -24.44 -13.03 -11.14
N GLY E 205 -25.48 -12.53 -10.48
CA GLY E 205 -26.85 -12.91 -10.79
C GLY E 205 -27.33 -12.40 -12.14
N LEU E 206 -26.62 -11.42 -12.69
CA LEU E 206 -26.94 -10.87 -14.00
C LEU E 206 -26.07 -11.54 -15.06
N SER E 207 -26.71 -12.19 -16.03
CA SER E 207 -25.99 -12.82 -17.13
C SER E 207 -25.30 -11.77 -18.00
N SER E 208 -25.82 -10.55 -17.96
CA SER E 208 -25.25 -9.44 -18.72
C SER E 208 -25.33 -8.14 -17.91
N PRO E 209 -24.31 -7.27 -18.05
CA PRO E 209 -24.34 -6.00 -17.31
C PRO E 209 -25.58 -5.16 -17.61
N VAL E 210 -26.28 -4.75 -16.55
CA VAL E 210 -27.51 -3.98 -16.69
C VAL E 210 -27.23 -2.48 -16.60
N THR E 211 -28.04 -1.70 -17.31
CA THR E 211 -27.92 -0.25 -17.29
C THR E 211 -29.26 0.41 -16.98
N LYS E 212 -29.22 1.36 -16.05
CA LYS E 212 -30.36 2.22 -15.77
C LYS E 212 -29.96 3.66 -16.06
N SER E 213 -30.77 4.36 -16.87
CA SER E 213 -30.40 5.70 -17.30
C SER E 213 -31.60 6.60 -17.52
N PHE E 214 -31.32 7.90 -17.63
CA PHE E 214 -32.35 8.89 -17.93
C PHE E 214 -31.76 10.05 -18.73
N ASN E 215 -32.63 10.89 -19.28
CA ASN E 215 -32.21 12.11 -19.96
C ASN E 215 -32.65 13.35 -19.20
N ARG E 216 -31.75 14.33 -19.12
CA ARG E 216 -32.04 15.59 -18.44
C ARG E 216 -33.32 16.23 -18.97
N GLY E 217 -34.32 16.34 -18.11
CA GLY E 217 -35.59 16.94 -18.49
C GLY E 217 -36.68 15.90 -18.71
N GLU E 218 -36.29 14.75 -19.24
CA GLU E 218 -37.24 13.67 -19.52
C GLU E 218 -37.69 12.95 -18.26
N CYS E 219 -39.00 12.86 -18.07
CA CYS E 219 -39.57 12.15 -16.94
C CYS E 219 -39.72 10.67 -17.26
N GLU F 1 -17.30 -9.16 38.51
CA GLU F 1 -16.78 -9.06 37.11
C GLU F 1 -16.64 -7.60 36.66
N VAL F 2 -15.56 -7.33 35.95
CA VAL F 2 -15.19 -5.97 35.60
C VAL F 2 -16.08 -5.36 34.51
N GLN F 3 -16.30 -4.06 34.62
CA GLN F 3 -16.98 -3.27 33.59
C GLN F 3 -16.13 -2.05 33.31
N LEU F 4 -16.09 -1.63 32.06
CA LEU F 4 -15.32 -0.47 31.65
C LEU F 4 -16.18 0.46 30.79
N GLN F 5 -15.98 1.76 30.95
CA GLN F 5 -16.73 2.74 30.17
C GLN F 5 -15.83 3.90 29.76
N GLU F 6 -15.66 4.04 28.46
CA GLU F 6 -14.90 5.14 27.90
C GLU F 6 -15.72 6.42 27.88
N SER F 7 -15.04 7.54 28.00
CA SER F 7 -15.66 8.83 27.75
C SER F 7 -14.65 9.73 27.08
N GLY F 8 -15.15 10.58 26.18
CA GLY F 8 -14.30 11.47 25.42
C GLY F 8 -15.10 12.65 24.90
N PRO F 9 -14.42 13.58 24.23
CA PRO F 9 -15.03 14.83 23.75
C PRO F 9 -15.88 14.67 22.48
N GLY F 10 -15.72 13.54 21.80
CA GLY F 10 -16.49 13.26 20.59
C GLY F 10 -15.89 13.90 19.35
N LEU F 11 -15.51 15.18 19.48
CA LEU F 11 -14.92 15.94 18.39
C LEU F 11 -13.74 16.77 18.89
N VAL F 12 -12.63 16.72 18.18
CA VAL F 12 -11.48 17.59 18.47
C VAL F 12 -10.91 18.12 17.16
N LYS F 13 -10.26 19.27 17.21
CA LYS F 13 -9.68 19.88 16.02
C LYS F 13 -8.24 19.41 15.85
N PRO F 14 -7.76 19.37 14.60
CA PRO F 14 -6.37 18.95 14.38
C PRO F 14 -5.35 19.78 15.18
N SER F 15 -4.32 19.11 15.68
CA SER F 15 -3.22 19.71 16.45
C SER F 15 -3.53 19.80 17.94
N GLN F 16 -4.78 19.53 18.31
CA GLN F 16 -5.16 19.57 19.71
C GLN F 16 -4.76 18.25 20.38
N THR F 17 -4.85 18.22 21.70
CA THR F 17 -4.57 17.01 22.46
C THR F 17 -5.88 16.31 22.80
N LEU F 18 -5.97 15.04 22.44
CA LEU F 18 -7.12 14.22 22.79
C LEU F 18 -6.96 13.68 24.20
N SER F 19 -7.99 13.84 25.03
CA SER F 19 -8.01 13.29 26.39
C SER F 19 -9.22 12.39 26.58
N LEU F 20 -8.98 11.09 26.79
CA LEU F 20 -10.02 10.13 27.08
C LEU F 20 -9.92 9.58 28.49
N THR F 21 -11.06 9.17 29.03
CA THR F 21 -11.14 8.56 30.35
C THR F 21 -11.76 7.18 30.24
N CYS F 22 -11.22 6.23 31.00
CA CYS F 22 -11.86 4.94 31.18
C CYS F 22 -12.21 4.78 32.65
N ALA F 23 -13.50 4.64 32.91
CA ALA F 23 -14.00 4.38 34.26
C ALA F 23 -14.25 2.89 34.46
N VAL F 24 -13.62 2.34 35.49
CA VAL F 24 -13.69 0.92 35.78
C VAL F 24 -14.52 0.65 37.03
N SER F 25 -15.35 -0.40 36.97
CA SER F 25 -16.13 -0.84 38.10
C SER F 25 -16.08 -2.36 38.24
N GLY F 26 -16.35 -2.87 39.44
CA GLY F 26 -16.37 -4.31 39.67
C GLY F 26 -14.98 -4.88 39.96
N SER F 27 -13.95 -4.07 39.77
CA SER F 27 -12.59 -4.48 40.05
C SER F 27 -11.70 -3.25 40.20
N SER F 28 -10.71 -3.34 41.09
CA SER F 28 -9.78 -2.23 41.29
C SER F 28 -8.67 -2.26 40.25
N ILE F 29 -8.31 -1.09 39.72
CA ILE F 29 -7.27 -1.04 38.70
C ILE F 29 -5.88 -1.32 39.27
N THR F 30 -5.78 -1.45 40.59
CA THR F 30 -4.50 -1.74 41.22
C THR F 30 -4.37 -3.23 41.55
N TYR F 31 -5.36 -4.02 41.14
CA TYR F 31 -5.38 -5.45 41.40
C TYR F 31 -5.17 -6.29 40.12
N GLY F 32 -3.91 -6.51 39.75
CA GLY F 32 -3.54 -7.57 38.81
C GLY F 32 -3.66 -7.33 37.32
N TYR F 33 -4.54 -6.43 36.90
CA TYR F 33 -4.89 -6.33 35.48
C TYR F 33 -3.91 -5.44 34.69
N HIS F 34 -3.80 -5.70 33.38
CA HIS F 34 -3.22 -4.77 32.43
C HIS F 34 -4.35 -3.95 31.81
N TRP F 35 -4.21 -2.64 31.78
CA TRP F 35 -5.31 -1.78 31.36
C TRP F 35 -4.98 -1.12 30.04
N ASN F 36 -5.60 -1.64 28.99
CA ASN F 36 -5.25 -1.30 27.62
C ASN F 36 -6.12 -0.24 26.99
N TRP F 37 -5.52 0.52 26.08
CA TRP F 37 -6.24 1.32 25.11
C TRP F 37 -6.01 0.72 23.73
N ILE F 38 -7.09 0.59 22.97
CA ILE F 38 -7.10 0.06 21.62
C ILE F 38 -7.99 0.97 20.78
N ARG F 39 -7.67 1.17 19.50
CA ARG F 39 -8.58 1.92 18.66
C ARG F 39 -8.91 1.14 17.39
N GLN F 40 -10.07 1.45 16.83
CA GLN F 40 -10.56 0.82 15.62
C GLN F 40 -10.90 1.89 14.59
N PHE F 41 -10.23 1.84 13.45
CA PHE F 41 -10.40 2.84 12.42
C PHE F 41 -11.66 2.60 11.61
N PRO F 42 -12.17 3.65 10.94
CA PRO F 42 -13.38 3.54 10.11
C PRO F 42 -13.43 2.29 9.23
N GLY F 43 -12.28 1.86 8.71
CA GLY F 43 -12.21 0.65 7.90
C GLY F 43 -12.24 -0.64 8.71
N ASN F 44 -12.24 -0.49 10.03
CA ASN F 44 -12.37 -1.56 11.04
C ASN F 44 -11.04 -2.19 11.48
N LYS F 45 -9.91 -1.67 11.00
CA LYS F 45 -8.61 -2.14 11.47
C LYS F 45 -8.44 -1.79 12.94
N LEU F 46 -7.93 -2.76 13.71
CA LEU F 46 -7.67 -2.58 15.13
C LEU F 46 -6.19 -2.27 15.38
N GLU F 47 -5.94 -1.37 16.32
CA GLU F 47 -4.58 -0.98 16.67
C GLU F 47 -4.44 -0.86 18.18
N TRP F 48 -3.45 -1.55 18.74
CA TRP F 48 -3.14 -1.44 20.15
C TRP F 48 -2.35 -0.16 20.38
N ILE F 49 -2.75 0.61 21.39
CA ILE F 49 -2.10 1.89 21.68
C ILE F 49 -1.12 1.74 22.83
N GLY F 50 -1.52 1.08 23.90
CA GLY F 50 -0.65 0.90 25.05
C GLY F 50 -1.42 0.46 26.28
N TYR F 51 -0.71 0.21 27.37
CA TYR F 51 -1.39 -0.10 28.63
C TYR F 51 -0.75 0.61 29.81
N ILE F 52 -1.49 0.64 30.90
CA ILE F 52 -0.92 0.93 32.21
C ILE F 52 -1.21 -0.28 33.07
N SER F 53 -0.21 -0.69 33.82
CA SER F 53 -0.30 -1.87 34.67
C SER F 53 -0.86 -1.53 36.04
N TYR F 54 -1.13 -2.57 36.81
CA TYR F 54 -1.62 -2.41 38.16
C TYR F 54 -0.63 -1.62 38.99
N ASP F 55 0.65 -1.68 38.63
CA ASP F 55 1.69 -1.02 39.43
C ASP F 55 2.06 0.38 38.90
N GLY F 56 1.32 0.86 37.91
CA GLY F 56 1.52 2.19 37.37
C GLY F 56 2.52 2.27 36.23
N SER F 57 3.19 1.16 35.92
CA SER F 57 4.13 1.13 34.81
C SER F 57 3.35 1.11 33.50
N VAL F 58 3.98 1.56 32.41
CA VAL F 58 3.29 1.65 31.12
C VAL F 58 4.08 0.97 30.01
N LEU F 59 3.38 0.67 28.92
CA LEU F 59 4.00 0.13 27.73
C LEU F 59 3.22 0.66 26.55
N TYR F 60 3.93 1.24 25.59
CA TYR F 60 3.29 1.89 24.45
C TYR F 60 3.67 1.22 23.13
N ASN F 61 2.75 1.26 22.18
CA ASN F 61 3.07 0.98 20.80
C ASN F 61 4.16 1.95 20.33
N PRO F 62 5.33 1.43 19.92
CA PRO F 62 6.45 2.32 19.56
C PRO F 62 6.10 3.37 18.51
N SER F 63 5.17 3.06 17.61
CA SER F 63 4.81 3.99 16.54
C SER F 63 3.98 5.16 17.05
N LEU F 64 3.44 5.03 18.26
CA LEU F 64 2.59 6.07 18.85
C LEU F 64 3.21 6.69 20.10
N GLU F 65 4.29 6.09 20.60
CA GLU F 65 4.87 6.43 21.89
C GLU F 65 5.22 7.92 22.00
N ASN F 66 5.62 8.52 20.89
CA ASN F 66 6.02 9.92 20.88
C ASN F 66 4.86 10.87 21.15
N ARG F 67 3.63 10.39 20.95
CA ARG F 67 2.45 11.23 21.12
C ARG F 67 1.51 10.78 22.24
N VAL F 68 1.85 9.69 22.93
CA VAL F 68 0.93 9.05 23.86
C VAL F 68 1.43 9.12 25.30
N THR F 69 0.48 9.32 26.21
CA THR F 69 0.70 9.15 27.64
C THR F 69 -0.51 8.45 28.22
N ILE F 70 -0.28 7.43 29.03
CA ILE F 70 -1.36 6.77 29.76
C ILE F 70 -1.09 6.98 31.25
N THR F 71 -2.11 7.44 31.96
CA THR F 71 -2.03 7.71 33.40
C THR F 71 -3.26 7.12 34.08
N ARG F 72 -3.31 7.27 35.41
CA ARG F 72 -4.43 6.74 36.15
C ARG F 72 -4.76 7.60 37.38
N ASP F 73 -5.94 7.36 37.93
CA ASP F 73 -6.36 7.95 39.20
C ASP F 73 -6.97 6.84 40.02
N THR F 74 -6.19 6.32 40.95
CA THR F 74 -6.61 5.16 41.72
C THR F 74 -7.77 5.51 42.65
N SER F 75 -7.84 6.78 43.07
CA SER F 75 -8.85 7.17 44.04
C SER F 75 -10.25 7.06 43.45
N LYS F 76 -10.37 7.16 42.13
CA LYS F 76 -11.67 6.97 41.50
C LYS F 76 -11.65 5.88 40.44
N ASN F 77 -10.61 5.05 40.47
CA ASN F 77 -10.57 3.82 39.66
C ASN F 77 -10.74 4.12 38.17
N GLN F 78 -9.97 5.10 37.70
CA GLN F 78 -10.01 5.52 36.31
C GLN F 78 -8.61 5.46 35.72
N PHE F 79 -8.51 5.26 34.41
CA PHE F 79 -7.26 5.53 33.74
C PHE F 79 -7.52 6.32 32.46
N PHE F 80 -6.47 6.92 31.93
CA PHE F 80 -6.60 7.99 30.97
C PHE F 80 -5.68 7.80 29.77
N LEU F 81 -6.12 8.29 28.62
CA LEU F 81 -5.28 8.37 27.45
C LEU F 81 -5.14 9.81 27.02
N LYS F 82 -3.90 10.25 26.82
CA LYS F 82 -3.62 11.55 26.23
C LYS F 82 -2.91 11.28 24.91
N LEU F 83 -3.48 11.82 23.83
CA LEU F 83 -2.88 11.69 22.51
C LEU F 83 -2.66 13.08 21.96
N SER F 84 -1.41 13.46 21.80
CA SER F 84 -1.08 14.82 21.38
C SER F 84 -1.06 14.99 19.87
N SER F 85 -1.19 16.25 19.45
CA SER F 85 -1.03 16.65 18.05
C SER F 85 -1.85 15.80 17.09
N VAL F 86 -3.14 15.68 17.36
CA VAL F 86 -3.98 14.78 16.58
C VAL F 86 -4.15 15.30 15.17
N THR F 87 -4.42 14.38 14.25
CA THR F 87 -4.79 14.73 12.87
C THR F 87 -6.05 13.96 12.49
N ALA F 88 -6.57 14.22 11.29
CA ALA F 88 -7.75 13.53 10.80
C ALA F 88 -7.58 12.01 10.89
N GLU F 89 -6.35 11.54 10.71
CA GLU F 89 -6.08 10.12 10.70
C GLU F 89 -6.18 9.47 12.08
N ASP F 90 -6.38 10.27 13.13
CA ASP F 90 -6.64 9.74 14.46
C ASP F 90 -8.14 9.52 14.72
N THR F 91 -8.95 9.79 13.70
CA THR F 91 -10.37 9.52 13.77
C THR F 91 -10.56 8.01 13.91
N ALA F 92 -11.27 7.60 14.95
CA ALA F 92 -11.45 6.18 15.27
C ALA F 92 -12.39 6.02 16.46
N LYS F 93 -12.78 4.77 16.70
CA LYS F 93 -13.46 4.42 17.94
C LYS F 93 -12.41 3.91 18.91
N TYR F 94 -12.42 4.48 20.11
CA TYR F 94 -11.41 4.18 21.12
C TYR F 94 -12.01 3.29 22.20
N TYR F 95 -11.37 2.14 22.43
CA TYR F 95 -11.77 1.17 23.44
C TYR F 95 -10.78 1.13 24.59
N CYS F 96 -11.27 0.94 25.81
CA CYS F 96 -10.39 0.54 26.89
C CYS F 96 -10.76 -0.88 27.27
N ALA F 97 -9.81 -1.61 27.84
CA ALA F 97 -10.01 -3.01 28.14
C ALA F 97 -9.18 -3.47 29.32
N SER F 98 -9.71 -4.44 30.05
CA SER F 98 -8.96 -5.16 31.05
C SER F 98 -8.28 -6.34 30.37
N GLY F 99 -6.96 -6.27 30.24
CA GLY F 99 -6.22 -7.13 29.34
C GLY F 99 -6.89 -7.00 28.00
N PHE F 100 -7.11 -8.11 27.31
CA PHE F 100 -8.02 -8.13 26.16
C PHE F 100 -9.25 -8.97 26.49
N ASP F 101 -9.48 -9.19 27.79
CA ASP F 101 -10.57 -10.03 28.30
C ASP F 101 -11.95 -9.37 28.24
N HIS F 102 -11.98 -8.10 28.60
CA HIS F 102 -13.23 -7.34 28.64
C HIS F 102 -13.03 -5.95 28.08
N TRP F 103 -13.81 -5.62 27.07
CA TRP F 103 -13.71 -4.33 26.40
C TRP F 103 -14.89 -3.44 26.75
N GLY F 104 -14.65 -2.13 26.82
CA GLY F 104 -15.73 -1.17 26.95
C GLY F 104 -16.52 -1.08 25.68
N GLN F 105 -17.62 -0.32 25.71
CA GLN F 105 -18.48 -0.14 24.55
C GLN F 105 -17.80 0.78 23.52
N GLY F 106 -16.80 1.52 23.98
CA GLY F 106 -16.00 2.37 23.11
C GLY F 106 -16.55 3.79 22.99
N THR F 107 -15.68 4.74 22.67
CA THR F 107 -16.10 6.11 22.39
C THR F 107 -15.64 6.53 21.00
N THR F 108 -16.59 7.04 20.22
CA THR F 108 -16.29 7.47 18.87
C THR F 108 -15.67 8.86 18.92
N LEU F 109 -14.58 9.04 18.19
CA LEU F 109 -13.83 10.27 18.20
C LEU F 109 -13.55 10.71 16.77
N THR F 110 -13.98 11.93 16.45
CA THR F 110 -13.73 12.52 15.15
C THR F 110 -12.73 13.66 15.28
N VAL F 111 -11.70 13.64 14.43
CA VAL F 111 -10.75 14.75 14.32
C VAL F 111 -11.01 15.48 13.01
N SER F 112 -11.42 16.75 13.11
CA SER F 112 -11.80 17.51 11.94
C SER F 112 -11.79 19.01 12.21
N SER F 113 -11.54 19.79 11.17
CA SER F 113 -11.57 21.25 11.26
C SER F 113 -12.95 21.81 10.90
N ALA F 114 -13.88 20.93 10.54
CA ALA F 114 -15.18 21.37 10.04
C ALA F 114 -16.02 21.98 11.17
N SER F 115 -16.87 22.94 10.79
CA SER F 115 -17.81 23.55 11.70
C SER F 115 -19.16 22.86 11.61
N THR F 116 -19.92 22.91 12.70
CA THR F 116 -21.24 22.30 12.73
C THR F 116 -22.09 22.83 11.59
N LYS F 117 -22.83 21.93 10.95
CA LYS F 117 -23.71 22.29 9.84
C LYS F 117 -24.91 21.35 9.78
N GLY F 118 -26.11 21.93 9.74
CA GLY F 118 -27.32 21.15 9.64
C GLY F 118 -27.48 20.59 8.23
N PRO F 119 -28.16 19.45 8.10
CA PRO F 119 -28.28 18.80 6.78
C PRO F 119 -29.23 19.49 5.82
N SER F 120 -28.95 19.32 4.53
CA SER F 120 -29.92 19.61 3.47
C SER F 120 -30.56 18.30 3.05
N VAL F 121 -31.89 18.24 3.07
CA VAL F 121 -32.60 17.01 2.75
C VAL F 121 -33.33 17.14 1.43
N PHE F 122 -32.94 16.30 0.48
CA PHE F 122 -33.53 16.31 -0.86
C PHE F 122 -34.26 15.01 -1.14
N PRO F 123 -35.40 15.08 -1.86
CA PRO F 123 -36.08 13.84 -2.19
C PRO F 123 -35.34 13.01 -3.22
N LEU F 124 -35.40 11.69 -3.05
CA LEU F 124 -35.09 10.74 -4.12
C LEU F 124 -36.44 10.34 -4.68
N ALA F 125 -36.91 11.10 -5.66
CA ALA F 125 -38.29 10.97 -6.14
C ALA F 125 -38.51 9.71 -6.97
N PRO F 126 -39.61 8.99 -6.70
CA PRO F 126 -39.89 7.84 -7.55
C PRO F 126 -40.37 8.29 -8.92
N SER F 127 -40.12 7.47 -9.92
CA SER F 127 -40.56 7.76 -11.28
C SER F 127 -40.57 6.48 -12.07
N SER F 128 -40.88 6.57 -13.35
CA SER F 128 -40.81 5.43 -14.24
C SER F 128 -39.41 4.81 -14.21
N LYS F 129 -38.41 5.64 -13.93
CA LYS F 129 -37.02 5.22 -13.94
C LYS F 129 -36.56 4.65 -12.60
N SER F 130 -37.45 4.65 -11.61
CA SER F 130 -37.16 3.98 -10.34
C SER F 130 -38.28 2.98 -10.00
N THR F 131 -38.80 2.32 -11.04
CA THR F 131 -39.86 1.34 -10.88
C THR F 131 -39.49 0.04 -11.61
N SER F 132 -39.78 -1.11 -10.99
CA SER F 132 -39.42 -2.41 -11.54
C SER F 132 -40.40 -3.52 -11.16
N GLY F 133 -41.33 -3.81 -12.05
CA GLY F 133 -42.29 -4.89 -11.87
C GLY F 133 -43.13 -4.79 -10.62
N GLY F 134 -43.96 -3.76 -10.55
CA GLY F 134 -44.86 -3.57 -9.44
C GLY F 134 -44.22 -2.97 -8.20
N THR F 135 -42.92 -2.72 -8.26
CA THR F 135 -42.18 -2.16 -7.13
C THR F 135 -41.52 -0.84 -7.50
N ALA F 136 -41.68 0.15 -6.62
CA ALA F 136 -41.06 1.45 -6.80
C ALA F 136 -40.11 1.73 -5.65
N ALA F 137 -39.01 2.42 -5.96
CA ALA F 137 -38.05 2.83 -4.96
C ALA F 137 -38.12 4.34 -4.79
N LEU F 138 -37.92 4.79 -3.57
CA LEU F 138 -37.94 6.21 -3.28
C LEU F 138 -37.09 6.45 -2.04
N GLY F 139 -36.77 7.70 -1.75
CA GLY F 139 -35.92 7.98 -0.61
C GLY F 139 -35.67 9.44 -0.30
N CYS F 140 -34.71 9.65 0.60
CA CYS F 140 -34.21 10.99 0.92
C CYS F 140 -32.70 10.99 0.88
N LEU F 141 -32.16 12.05 0.29
CA LEU F 141 -30.73 12.31 0.33
C LEU F 141 -30.46 13.33 1.44
N VAL F 142 -29.64 12.94 2.41
CA VAL F 142 -29.30 13.80 3.53
C VAL F 142 -27.87 14.27 3.34
N LYS F 143 -27.70 15.50 2.87
CA LYS F 143 -26.42 15.97 2.36
C LYS F 143 -25.83 17.15 3.15
N ASP F 144 -24.50 17.13 3.25
CA ASP F 144 -23.72 18.28 3.72
C ASP F 144 -24.03 18.65 5.17
N TYR F 145 -23.82 17.69 6.06
CA TYR F 145 -23.97 17.95 7.49
C TYR F 145 -22.69 17.62 8.22
N PHE F 146 -22.57 18.17 9.42
CA PHE F 146 -21.43 17.89 10.27
C PHE F 146 -21.76 18.28 11.70
N PRO F 147 -21.33 17.47 12.68
CA PRO F 147 -20.71 16.15 12.57
C PRO F 147 -21.75 15.04 12.45
N GLU F 148 -21.30 13.80 12.48
CA GLU F 148 -22.20 12.68 12.68
C GLU F 148 -22.76 12.75 14.10
N PRO F 149 -23.91 12.10 14.35
CA PRO F 149 -24.75 11.32 13.43
C PRO F 149 -26.02 12.05 13.04
N VAL F 150 -26.72 11.51 12.05
CA VAL F 150 -28.11 11.86 11.79
C VAL F 150 -28.92 10.58 11.97
N THR F 151 -30.18 10.74 12.36
CA THR F 151 -31.10 9.62 12.40
C THR F 151 -32.12 9.85 11.30
N VAL F 152 -32.56 8.76 10.69
CA VAL F 152 -33.60 8.81 9.66
C VAL F 152 -34.65 7.75 9.95
N SER F 153 -35.90 8.17 9.93
CA SER F 153 -37.02 7.25 10.02
C SER F 153 -38.00 7.60 8.91
N TRP F 154 -38.98 6.72 8.70
CA TRP F 154 -40.00 6.95 7.67
C TRP F 154 -41.38 6.92 8.32
N ASN F 155 -42.20 7.91 7.96
CA ASN F 155 -43.55 8.03 8.51
C ASN F 155 -43.56 7.91 10.04
N SER F 156 -42.62 8.61 10.67
CA SER F 156 -42.51 8.65 12.13
C SER F 156 -42.35 7.25 12.72
N GLY F 157 -41.68 6.39 11.97
CA GLY F 157 -41.35 5.05 12.44
C GLY F 157 -42.38 3.99 12.08
N ALA F 158 -43.45 4.40 11.40
CA ALA F 158 -44.49 3.46 11.01
C ALA F 158 -44.03 2.58 9.87
N LEU F 159 -43.15 3.11 9.02
CA LEU F 159 -42.62 2.38 7.87
C LEU F 159 -41.20 1.91 8.13
N THR F 160 -41.02 0.59 8.19
CA THR F 160 -39.71 0.00 8.48
C THR F 160 -39.32 -1.09 7.49
N SER F 161 -40.29 -1.83 6.99
CA SER F 161 -39.99 -2.90 6.04
C SER F 161 -39.55 -2.32 4.69
N GLY F 162 -38.47 -2.88 4.15
CA GLY F 162 -37.97 -2.45 2.85
C GLY F 162 -37.12 -1.20 2.91
N VAL F 163 -36.91 -0.69 4.12
CA VAL F 163 -36.08 0.50 4.30
C VAL F 163 -34.59 0.14 4.33
N HIS F 164 -33.78 0.93 3.64
CA HIS F 164 -32.34 0.83 3.77
C HIS F 164 -31.75 2.21 3.99
N THR F 165 -31.28 2.45 5.20
CA THR F 165 -30.56 3.67 5.51
C THR F 165 -29.07 3.36 5.46
N PHE F 166 -28.36 3.98 4.52
CA PHE F 166 -26.98 3.65 4.26
C PHE F 166 -26.01 4.38 5.19
N PRO F 167 -24.84 3.79 5.42
CA PRO F 167 -23.85 4.52 6.22
C PRO F 167 -23.43 5.81 5.53
N ALA F 168 -23.10 6.84 6.31
CA ALA F 168 -22.73 8.11 5.71
C ALA F 168 -21.35 7.99 5.09
N VAL F 169 -21.10 8.79 4.06
CA VAL F 169 -19.77 8.93 3.50
C VAL F 169 -19.27 10.34 3.78
N LEU F 170 -17.96 10.45 3.98
CA LEU F 170 -17.33 11.74 4.20
C LEU F 170 -16.89 12.31 2.86
N GLN F 171 -17.45 13.46 2.50
CA GLN F 171 -17.11 14.13 1.25
C GLN F 171 -15.80 14.89 1.38
N SER F 172 -15.18 15.21 0.26
CA SER F 172 -13.89 15.91 0.28
C SER F 172 -14.05 17.28 0.93
N SER F 173 -15.27 17.81 0.92
CA SER F 173 -15.54 19.08 1.56
C SER F 173 -15.37 19.01 3.06
N GLY F 174 -15.36 17.79 3.59
CA GLY F 174 -15.32 17.58 5.03
C GLY F 174 -16.69 17.41 5.65
N LEU F 175 -17.73 17.44 4.81
CA LEU F 175 -19.11 17.28 5.26
C LEU F 175 -19.60 15.87 4.92
N TYR F 176 -20.52 15.35 5.73
CA TYR F 176 -21.07 14.01 5.49
C TYR F 176 -22.28 14.05 4.58
N SER F 177 -22.57 12.91 3.94
CA SER F 177 -23.78 12.73 3.16
C SER F 177 -24.28 11.30 3.28
N LEU F 178 -25.60 11.11 3.34
CA LEU F 178 -26.13 9.75 3.31
C LEU F 178 -27.48 9.72 2.65
N SER F 179 -27.90 8.53 2.27
CA SER F 179 -29.20 8.31 1.67
C SER F 179 -29.96 7.27 2.45
N SER F 180 -31.28 7.42 2.46
CA SER F 180 -32.17 6.41 2.99
C SER F 180 -33.21 6.16 1.93
N VAL F 181 -33.41 4.89 1.59
CA VAL F 181 -34.36 4.52 0.57
C VAL F 181 -35.35 3.51 1.11
N VAL F 182 -36.45 3.36 0.40
CA VAL F 182 -37.44 2.33 0.73
C VAL F 182 -38.09 1.87 -0.57
N THR F 183 -38.39 0.59 -0.65
CA THR F 183 -39.13 0.04 -1.78
C THR F 183 -40.55 -0.26 -1.33
N VAL F 184 -41.51 0.12 -2.16
CA VAL F 184 -42.93 -0.06 -1.85
C VAL F 184 -43.65 -0.51 -3.11
N PRO F 185 -44.88 -1.05 -2.96
CA PRO F 185 -45.69 -1.35 -4.14
C PRO F 185 -45.93 -0.08 -4.94
N SER F 186 -45.74 -0.14 -6.25
CA SER F 186 -45.95 1.03 -7.10
C SER F 186 -47.38 1.54 -6.97
N SER F 187 -48.32 0.65 -6.67
CA SER F 187 -49.73 0.99 -6.50
C SER F 187 -49.95 1.98 -5.36
N SER F 188 -49.12 1.89 -4.33
CA SER F 188 -49.30 2.70 -3.14
C SER F 188 -48.82 4.14 -3.30
N LEU F 189 -48.17 4.44 -4.42
CA LEU F 189 -47.68 5.79 -4.66
C LEU F 189 -48.84 6.79 -4.75
N GLY F 190 -49.98 6.33 -5.23
CA GLY F 190 -51.13 7.20 -5.39
C GLY F 190 -51.99 7.32 -4.15
N THR F 191 -51.69 6.55 -3.11
CA THR F 191 -52.58 6.44 -1.95
C THR F 191 -51.88 6.56 -0.60
N GLN F 192 -50.56 6.38 -0.59
CA GLN F 192 -49.79 6.38 0.66
C GLN F 192 -48.77 7.53 0.66
N THR F 193 -48.78 8.31 1.74
CA THR F 193 -47.81 9.38 1.91
C THR F 193 -46.51 8.84 2.46
N TYR F 194 -45.40 9.36 1.96
CA TYR F 194 -44.07 8.96 2.41
C TYR F 194 -43.28 10.18 2.85
N ILE F 195 -42.90 10.18 4.12
CA ILE F 195 -42.17 11.28 4.71
C ILE F 195 -40.96 10.71 5.42
N CYS F 196 -39.79 11.23 5.11
CA CYS F 196 -38.60 10.86 5.86
C CYS F 196 -38.39 11.90 6.95
N ASN F 197 -38.18 11.41 8.17
CA ASN F 197 -37.95 12.24 9.34
C ASN F 197 -36.47 12.22 9.66
N VAL F 198 -35.81 13.37 9.48
CA VAL F 198 -34.38 13.47 9.69
C VAL F 198 -34.09 14.36 10.89
N ASN F 199 -33.26 13.85 11.79
CA ASN F 199 -32.85 14.58 12.99
C ASN F 199 -31.34 14.68 13.07
N HIS F 200 -30.84 15.91 13.21
CA HIS F 200 -29.41 16.17 13.40
C HIS F 200 -29.21 16.94 14.70
N LYS F 201 -28.98 16.21 15.78
CA LYS F 201 -28.97 16.80 17.11
C LYS F 201 -27.91 17.89 17.30
N PRO F 202 -26.69 17.69 16.77
CA PRO F 202 -25.65 18.70 16.96
C PRO F 202 -26.04 20.11 16.47
N SER F 203 -26.89 20.20 15.46
CA SER F 203 -27.35 21.49 14.96
C SER F 203 -28.78 21.76 15.37
N ASN F 204 -29.33 20.87 16.19
CA ASN F 204 -30.72 20.99 16.64
C ASN F 204 -31.66 21.09 15.43
N THR F 205 -31.33 20.36 14.37
CA THR F 205 -32.11 20.39 13.13
C THR F 205 -33.04 19.19 13.03
N LYS F 206 -34.33 19.48 12.81
CA LYS F 206 -35.33 18.45 12.56
C LYS F 206 -36.05 18.75 11.26
N VAL F 207 -35.98 17.82 10.31
CA VAL F 207 -36.58 17.98 9.00
C VAL F 207 -37.54 16.82 8.72
N ASP F 208 -38.73 17.15 8.23
CA ASP F 208 -39.69 16.15 7.77
C ASP F 208 -40.00 16.42 6.31
N LYS F 209 -39.43 15.61 5.42
CA LYS F 209 -39.56 15.82 3.99
C LYS F 209 -40.54 14.82 3.35
N LYS F 210 -41.64 15.33 2.82
CA LYS F 210 -42.59 14.51 2.07
C LYS F 210 -42.02 14.21 0.69
N VAL F 211 -41.90 12.93 0.36
CA VAL F 211 -41.32 12.52 -0.92
C VAL F 211 -42.42 12.19 -1.91
N GLU F 212 -42.44 12.94 -3.01
CA GLU F 212 -43.47 12.80 -4.02
C GLU F 212 -42.86 12.45 -5.37
N PRO F 213 -43.69 11.92 -6.28
CA PRO F 213 -43.18 11.65 -7.63
C PRO F 213 -42.63 12.92 -8.29
N LYS F 214 -41.63 12.74 -9.14
CA LYS F 214 -41.03 13.87 -9.86
C LYS F 214 -42.06 14.53 -10.77
N SER F 215 -42.16 15.86 -10.68
CA SER F 215 -43.05 16.62 -11.55
C SER F 215 -42.59 16.53 -13.00
N CYS F 216 -43.52 16.21 -13.90
CA CYS F 216 -43.18 15.92 -15.30
C CYS F 216 -43.69 16.97 -16.27
N ASP F 217 -44.79 17.63 -15.92
CA ASP F 217 -45.42 18.60 -16.82
C ASP F 217 -44.60 19.87 -16.94
N LYS F 218 -44.23 20.22 -18.17
CA LYS F 218 -43.48 21.45 -18.41
C LYS F 218 -44.34 22.67 -18.09
N THR F 219 -45.66 22.51 -18.17
CA THR F 219 -46.58 23.63 -18.00
C THR F 219 -47.04 23.83 -16.56
N HIS F 220 -46.58 22.96 -15.66
CA HIS F 220 -46.90 23.07 -14.24
C HIS F 220 -45.63 23.13 -13.40
#